data_6IVQ
#
_entry.id   6IVQ
#
_cell.length_a   113.701
_cell.length_b   159.642
_cell.length_c   161.299
_cell.angle_alpha   90.00
_cell.angle_beta   90.00
_cell.angle_gamma   90.00
#
_symmetry.space_group_name_H-M   'P 21 21 21'
#
loop_
_entity.id
_entity.type
_entity.pdbx_description
1 polymer Ibestrophin
2 non-polymer 'ZINC ION'
3 non-polymer 'CHLORIDE ION'
4 non-polymer 1,2-ETHANEDIOL
5 non-polymer 'ACETIC ACID'
6 non-polymer 'SODIUM ION'
7 non-polymer 'TETRAETHYLENE GLYCOL'
8 water water
#
_entity_poly.entity_id   1
_entity_poly.type   'polypeptide(L)'
_entity_poly.pdbx_seq_one_letter_code
;SNAMIIRPEQHWFLRLFDWHGAVLSKIIFRLLLNVLMSIIAIISYQWYEQLGIHLTVAPFSLLGIAIAIFLGFRNSASYS
RFVEARNLWGTVLIAERTLVRQLRNILPAEHDAHRRIVSYLVAFSWSLKHQLRKTDPTADLRRLLPEERVTEILASSMPT
NRILLLAGNEIGQLREAGKLSDITYGLMDNKLDELAHVLGGCERLATTPVPFAYTLILQRTVYLFCTLLPFALVGDLHYM
TPFVSVFISYTFLSWDSLAEELEDPFGTAANDLPLNAMCNTIERNLLDMTGQHPLPE
;
_entity_poly.pdbx_strand_id   A,B,C,D,E
#
loop_
_chem_comp.id
_chem_comp.type
_chem_comp.name
_chem_comp.formula
ACY non-polymer 'ACETIC ACID' 'C2 H4 O2'
CL non-polymer 'CHLORIDE ION' 'Cl -1'
EDO non-polymer 1,2-ETHANEDIOL 'C2 H6 O2'
NA non-polymer 'SODIUM ION' 'Na 1'
PG4 non-polymer 'TETRAETHYLENE GLYCOL' 'C8 H18 O5'
ZN non-polymer 'ZINC ION' 'Zn 2'
#
# COMPACT_ATOMS: atom_id res chain seq x y z
N LEU A 24 20.59 13.31 18.11
CA LEU A 24 22.06 13.58 17.98
C LEU A 24 22.32 14.53 16.81
N SER A 25 22.70 15.77 17.14
CA SER A 25 23.01 16.84 16.20
C SER A 25 24.49 16.82 15.83
N LYS A 26 24.95 15.66 15.31
CA LYS A 26 26.26 15.49 14.68
C LYS A 26 26.24 16.18 13.32
N ILE A 27 25.05 16.68 12.95
CA ILE A 27 24.79 17.39 11.70
C ILE A 27 25.59 18.70 11.69
N ILE A 28 25.63 19.40 12.83
CA ILE A 28 26.36 20.64 12.96
C ILE A 28 27.84 20.35 13.17
N PHE A 29 28.16 19.11 13.60
CA PHE A 29 29.52 18.64 13.67
C PHE A 29 30.05 18.31 12.28
N ARG A 30 29.23 17.60 11.49
CA ARG A 30 29.68 17.09 10.19
C ARG A 30 29.71 18.22 9.16
N LEU A 31 28.73 19.13 9.25
CA LEU A 31 28.69 20.41 8.56
C LEU A 31 29.97 21.20 8.80
N LEU A 32 30.40 21.28 10.07
CA LEU A 32 31.63 21.98 10.40
C LEU A 32 32.84 21.18 9.91
N LEU A 33 32.86 19.86 10.14
CA LEU A 33 33.95 19.01 9.67
C LEU A 33 34.01 19.07 8.16
N ASN A 34 32.90 19.47 7.54
CA ASN A 34 32.85 19.58 6.08
C ASN A 34 33.62 20.83 5.64
N VAL A 35 33.29 21.99 6.22
CA VAL A 35 34.02 23.23 5.99
C VAL A 35 35.53 22.95 6.09
N LEU A 36 35.95 22.21 7.11
CA LEU A 36 37.35 21.89 7.32
C LEU A 36 37.89 21.01 6.18
N MET A 37 37.05 20.17 5.60
CA MET A 37 37.49 19.30 4.52
C MET A 37 37.64 20.09 3.22
N SER A 38 36.80 21.14 3.08
CA SER A 38 36.83 22.05 1.95
C SER A 38 38.14 22.81 1.96
N ILE A 39 38.50 23.32 3.15
CA ILE A 39 39.69 24.13 3.34
C ILE A 39 40.96 23.31 3.07
N ILE A 40 41.03 22.07 3.57
CA ILE A 40 42.21 21.27 3.26
C ILE A 40 42.22 20.91 1.78
N ALA A 41 41.05 20.96 1.13
CA ALA A 41 40.96 20.63 -0.29
C ALA A 41 41.49 21.79 -1.13
N ILE A 42 41.06 23.02 -0.80
CA ILE A 42 41.47 24.22 -1.49
C ILE A 42 42.98 24.32 -1.49
N ILE A 43 43.60 24.21 -0.30
CA ILE A 43 45.01 24.52 -0.13
C ILE A 43 45.88 23.38 -0.66
N SER A 44 45.35 22.14 -0.64
CA SER A 44 46.15 20.99 -1.03
C SER A 44 45.97 20.67 -2.51
N TYR A 45 45.32 21.59 -3.24
CA TYR A 45 44.88 21.38 -4.62
C TYR A 45 46.08 21.35 -5.57
N GLN A 46 47.18 22.01 -5.16
CA GLN A 46 48.43 22.05 -5.92
C GLN A 46 49.00 20.64 -6.07
N TRP A 47 49.32 20.01 -4.92
CA TRP A 47 50.03 18.73 -4.86
C TRP A 47 49.28 17.66 -5.64
N TYR A 48 48.32 18.10 -6.46
CA TYR A 48 47.36 17.23 -7.12
C TYR A 48 47.96 16.50 -8.31
N GLU A 49 48.50 17.24 -9.29
CA GLU A 49 48.96 16.68 -10.56
C GLU A 49 50.35 16.06 -10.40
N GLN A 50 51.15 16.64 -9.49
CA GLN A 50 52.41 16.01 -9.09
C GLN A 50 52.12 14.53 -8.84
N LEU A 51 51.15 14.28 -7.96
CA LEU A 51 50.70 12.94 -7.57
C LEU A 51 50.01 12.26 -8.75
N GLY A 52 49.10 12.98 -9.42
CA GLY A 52 48.31 12.42 -10.51
C GLY A 52 46.90 12.06 -10.07
N ILE A 53 46.48 12.64 -8.94
CA ILE A 53 45.15 12.41 -8.41
C ILE A 53 44.20 13.49 -8.96
N HIS A 54 43.23 13.05 -9.76
CA HIS A 54 42.16 13.90 -10.26
C HIS A 54 40.81 13.37 -9.77
N LEU A 55 39.93 14.32 -9.43
CA LEU A 55 38.55 14.01 -9.11
C LEU A 55 37.66 14.92 -9.95
N THR A 56 36.84 14.30 -10.81
CA THR A 56 35.80 15.05 -11.51
C THR A 56 34.47 14.85 -10.81
N VAL A 57 33.53 15.72 -11.17
CA VAL A 57 32.19 15.73 -10.63
C VAL A 57 31.39 14.51 -11.11
N ALA A 58 31.47 14.21 -12.41
CA ALA A 58 30.58 13.25 -13.04
C ALA A 58 30.41 11.95 -12.24
N PRO A 59 31.48 11.31 -11.73
CA PRO A 59 31.35 10.01 -11.05
C PRO A 59 30.78 10.16 -9.65
N PHE A 60 30.85 11.38 -9.12
CA PHE A 60 30.26 11.70 -7.84
C PHE A 60 28.78 12.05 -8.01
N SER A 61 28.39 12.44 -9.23
CA SER A 61 26.99 12.61 -9.55
C SER A 61 26.32 11.23 -9.63
N LEU A 62 27.03 10.24 -10.18
CA LEU A 62 26.51 8.88 -10.33
C LEU A 62 26.28 8.26 -8.95
N LEU A 63 27.30 8.32 -8.10
CA LEU A 63 27.26 7.77 -6.76
C LEU A 63 26.23 8.54 -5.92
N GLY A 64 26.35 9.87 -5.88
CA GLY A 64 25.39 10.76 -5.26
C GLY A 64 23.94 10.43 -5.58
N ILE A 65 23.65 10.19 -6.88
CA ILE A 65 22.31 9.86 -7.33
C ILE A 65 21.93 8.50 -6.78
N ALA A 66 22.81 7.51 -6.95
CA ALA A 66 22.52 6.17 -6.46
C ALA A 66 22.22 6.21 -4.96
N ILE A 67 22.93 7.08 -4.22
CA ILE A 67 22.80 7.10 -2.78
C ILE A 67 21.45 7.75 -2.41
N ALA A 68 21.10 8.82 -3.14
CA ALA A 68 19.81 9.47 -3.00
C ALA A 68 18.66 8.49 -3.23
N ILE A 69 18.79 7.61 -4.22
CA ILE A 69 17.70 6.69 -4.51
C ILE A 69 17.53 5.77 -3.32
N PHE A 70 18.64 5.19 -2.86
CA PHE A 70 18.66 4.25 -1.76
C PHE A 70 18.23 4.89 -0.44
N LEU A 71 18.63 6.14 -0.19
CA LEU A 71 18.18 6.90 0.96
C LEU A 71 16.65 7.04 0.91
N GLY A 72 16.10 7.33 -0.28
CA GLY A 72 14.68 7.53 -0.49
C GLY A 72 13.90 6.28 -0.07
N PHE A 73 14.28 5.13 -0.67
CA PHE A 73 13.64 3.86 -0.39
C PHE A 73 13.73 3.54 1.11
N ARG A 74 14.89 3.83 1.70
CA ARG A 74 15.10 3.50 3.09
C ARG A 74 14.22 4.37 3.99
N ASN A 75 14.36 5.70 3.88
CA ASN A 75 13.55 6.65 4.64
C ASN A 75 12.06 6.31 4.55
N SER A 76 11.66 5.77 3.40
CA SER A 76 10.33 5.27 3.16
C SER A 76 9.93 4.25 4.23
N ALA A 77 10.75 3.19 4.33
CA ALA A 77 10.56 2.15 5.33
C ALA A 77 10.54 2.75 6.73
N SER A 78 11.50 3.64 7.04
CA SER A 78 11.57 4.29 8.34
C SER A 78 10.25 4.95 8.68
N TYR A 79 9.73 5.71 7.70
CA TYR A 79 8.51 6.47 7.84
C TYR A 79 7.33 5.54 8.09
N SER A 80 7.27 4.44 7.36
CA SER A 80 6.13 3.53 7.45
C SER A 80 6.04 2.90 8.82
N ARG A 81 7.22 2.54 9.35
CA ARG A 81 7.34 1.99 10.69
C ARG A 81 6.82 3.00 11.72
N PHE A 82 7.12 4.28 11.52
CA PHE A 82 6.74 5.25 12.53
C PHE A 82 5.24 5.47 12.46
N VAL A 83 4.69 5.48 11.24
CA VAL A 83 3.27 5.65 11.00
C VAL A 83 2.50 4.51 11.67
N GLU A 84 2.99 3.27 11.50
CA GLU A 84 2.38 2.08 12.08
C GLU A 84 2.37 2.15 13.61
N ALA A 85 3.45 2.66 14.21
CA ALA A 85 3.53 2.87 15.65
C ALA A 85 2.46 3.83 16.11
N ARG A 86 2.24 4.93 15.37
CA ARG A 86 1.15 5.85 15.66
C ARG A 86 -0.21 5.21 15.47
N ASN A 87 -0.37 4.39 14.43
CA ASN A 87 -1.67 3.83 14.16
C ASN A 87 -2.06 2.89 15.28
N LEU A 88 -1.10 2.03 15.69
CA LEU A 88 -1.30 1.06 16.76
C LEU A 88 -1.81 1.78 18.00
N TRP A 89 -1.06 2.80 18.42
CA TRP A 89 -1.45 3.56 19.58
C TRP A 89 -2.82 4.21 19.38
N GLY A 90 -3.07 4.68 18.16
CA GLY A 90 -4.36 5.24 17.81
C GLY A 90 -5.51 4.26 18.04
N THR A 91 -5.31 2.98 17.69
CA THR A 91 -6.29 1.93 17.89
C THR A 91 -6.59 1.68 19.37
N VAL A 92 -5.60 1.76 20.28
CA VAL A 92 -5.89 1.73 21.72
C VAL A 92 -7.04 2.70 22.04
N LEU A 93 -6.83 3.98 21.70
CA LEU A 93 -7.83 5.01 21.97
C LEU A 93 -9.17 4.60 21.36
N ILE A 94 -9.16 4.15 20.09
CA ILE A 94 -10.41 3.87 19.38
C ILE A 94 -11.15 2.72 20.08
N ALA A 95 -10.45 1.59 20.34
CA ALA A 95 -11.03 0.34 20.84
C ALA A 95 -11.48 0.47 22.28
N GLU A 96 -10.78 1.26 23.07
CA GLU A 96 -11.13 1.40 24.46
C GLU A 96 -12.31 2.34 24.57
N ARG A 97 -12.29 3.44 23.81
CA ARG A 97 -13.46 4.29 23.63
C ARG A 97 -14.67 3.43 23.32
N THR A 98 -14.56 2.52 22.33
CA THR A 98 -15.74 1.82 21.87
C THR A 98 -16.21 0.77 22.88
N LEU A 99 -15.27 0.06 23.53
CA LEU A 99 -15.60 -0.87 24.60
C LEU A 99 -16.37 -0.16 25.72
N VAL A 100 -15.92 1.04 26.10
CA VAL A 100 -16.60 1.78 27.16
C VAL A 100 -18.01 2.17 26.71
N ARG A 101 -18.12 2.65 25.46
CA ARG A 101 -19.41 2.94 24.85
C ARG A 101 -20.35 1.75 24.94
N GLN A 102 -19.90 0.58 24.48
CA GLN A 102 -20.76 -0.59 24.44
C GLN A 102 -21.25 -0.93 25.86
N LEU A 103 -20.33 -0.88 26.83
CA LEU A 103 -20.69 -1.13 28.21
C LEU A 103 -21.76 -0.13 28.66
N ARG A 104 -21.60 1.17 28.35
CA ARG A 104 -22.61 2.13 28.75
C ARG A 104 -23.96 1.81 28.12
N ASN A 105 -23.98 1.51 26.81
CA ASN A 105 -25.20 1.41 26.04
C ASN A 105 -25.93 0.08 26.29
N ILE A 106 -25.17 -0.97 26.68
CA ILE A 106 -25.70 -2.32 26.79
C ILE A 106 -26.02 -2.63 28.25
N LEU A 107 -25.23 -2.07 29.16
CA LEU A 107 -25.38 -2.26 30.59
C LEU A 107 -25.32 -0.91 31.29
N PRO A 108 -26.29 0.00 31.03
CA PRO A 108 -26.25 1.35 31.62
C PRO A 108 -26.24 1.31 33.15
N ALA A 109 -26.87 0.30 33.74
CA ALA A 109 -27.05 0.21 35.18
C ALA A 109 -25.74 -0.10 35.92
N GLU A 110 -24.80 -0.78 35.25
CA GLU A 110 -23.75 -1.53 35.91
C GLU A 110 -22.45 -0.73 36.03
N HIS A 111 -22.46 0.32 36.87
CA HIS A 111 -21.34 1.24 37.02
C HIS A 111 -20.15 0.57 37.72
N ASP A 112 -20.41 -0.44 38.55
CA ASP A 112 -19.34 -1.16 39.21
C ASP A 112 -18.43 -1.80 38.16
N ALA A 113 -19.04 -2.59 37.26
CA ALA A 113 -18.36 -3.23 36.17
C ALA A 113 -17.71 -2.17 35.27
N HIS A 114 -18.44 -1.07 35.02
CA HIS A 114 -17.91 0.07 34.28
C HIS A 114 -16.55 0.50 34.85
N ARG A 115 -16.48 0.70 36.17
CA ARG A 115 -15.30 1.27 36.79
C ARG A 115 -14.14 0.26 36.72
N ARG A 116 -14.47 -1.02 36.95
CA ARG A 116 -13.46 -2.07 36.91
C ARG A 116 -12.89 -2.20 35.49
N ILE A 117 -13.77 -2.34 34.50
CA ILE A 117 -13.29 -2.54 33.14
C ILE A 117 -12.45 -1.33 32.72
N VAL A 118 -12.87 -0.13 33.12
CA VAL A 118 -12.14 1.08 32.74
C VAL A 118 -10.73 1.06 33.33
N SER A 119 -10.61 0.59 34.56
CA SER A 119 -9.31 0.67 35.22
C SER A 119 -8.34 -0.32 34.58
N TYR A 120 -8.84 -1.49 34.18
CA TYR A 120 -8.06 -2.40 33.36
C TYR A 120 -7.64 -1.77 32.02
N LEU A 121 -8.58 -1.12 31.31
CA LEU A 121 -8.28 -0.51 30.02
C LEU A 121 -7.23 0.58 30.20
N VAL A 122 -7.38 1.39 31.26
CA VAL A 122 -6.40 2.43 31.51
C VAL A 122 -5.06 1.78 31.87
N ALA A 123 -5.10 0.76 32.74
CA ALA A 123 -3.90 0.03 33.13
C ALA A 123 -3.20 -0.56 31.90
N PHE A 124 -3.98 -1.14 30.99
CA PHE A 124 -3.43 -1.67 29.74
C PHE A 124 -2.58 -0.63 29.02
N SER A 125 -3.10 0.59 28.83
CA SER A 125 -2.38 1.64 28.12
C SER A 125 -1.05 1.93 28.79
N TRP A 126 -1.08 2.25 30.10
CA TRP A 126 0.11 2.62 30.83
C TRP A 126 1.14 1.49 30.77
N SER A 127 0.68 0.28 31.09
CA SER A 127 1.48 -0.91 31.05
C SER A 127 2.21 -1.06 29.71
N LEU A 128 1.49 -0.82 28.61
CA LEU A 128 2.10 -0.93 27.28
C LEU A 128 3.18 0.12 27.10
N LYS A 129 2.93 1.35 27.59
CA LYS A 129 3.94 2.40 27.49
C LYS A 129 5.19 1.96 28.27
N HIS A 130 4.98 1.50 29.50
CA HIS A 130 6.08 1.08 30.36
C HIS A 130 6.89 -0.02 29.67
N GLN A 131 6.21 -1.02 29.12
CA GLN A 131 6.85 -2.14 28.46
C GLN A 131 7.71 -1.66 27.28
N LEU A 132 7.20 -0.71 26.50
CA LEU A 132 7.97 -0.24 25.35
C LEU A 132 9.13 0.66 25.75
N ARG A 133 9.00 1.37 26.88
CA ARG A 133 10.05 2.23 27.41
C ARG A 133 10.96 1.46 28.38
N LYS A 134 10.59 0.19 28.70
CA LYS A 134 11.23 -0.68 29.68
C LYS A 134 11.34 0.02 31.03
N THR A 135 10.20 0.44 31.57
CA THR A 135 10.14 1.17 32.83
C THR A 135 9.21 0.40 33.76
N ASP A 136 9.15 0.83 35.01
CA ASP A 136 8.47 0.06 36.03
C ASP A 136 7.02 0.52 36.07
N PRO A 137 6.05 -0.37 35.75
CA PRO A 137 4.63 0.01 35.75
C PRO A 137 3.92 -0.04 37.10
N THR A 138 4.65 -0.50 38.14
CA THR A 138 4.12 -0.75 39.48
C THR A 138 3.30 0.42 40.03
N ALA A 139 3.84 1.65 40.01
CA ALA A 139 3.15 2.77 40.61
C ALA A 139 1.81 3.02 39.94
N ASP A 140 1.83 3.07 38.59
CA ASP A 140 0.61 3.31 37.80
C ASP A 140 -0.41 2.21 38.06
N LEU A 141 0.02 0.95 38.03
CA LEU A 141 -0.88 -0.16 38.26
C LEU A 141 -1.54 0.01 39.63
N ARG A 142 -0.75 0.51 40.60
CA ARG A 142 -1.21 0.53 41.97
C ARG A 142 -2.20 1.66 42.19
N ARG A 143 -2.12 2.67 41.32
CA ARG A 143 -2.99 3.84 41.30
C ARG A 143 -4.34 3.46 40.70
N LEU A 144 -4.38 2.37 39.93
CA LEU A 144 -5.55 2.01 39.13
C LEU A 144 -6.19 0.73 39.64
N LEU A 145 -5.38 -0.17 40.20
CA LEU A 145 -5.92 -1.47 40.53
C LEU A 145 -5.69 -1.84 41.99
N PRO A 146 -6.51 -2.77 42.54
CA PRO A 146 -6.23 -3.36 43.85
C PRO A 146 -4.92 -4.15 43.83
N GLU A 147 -4.21 -4.15 44.96
CA GLU A 147 -2.95 -4.85 45.08
C GLU A 147 -3.00 -6.30 44.56
N GLU A 148 -4.07 -7.05 44.86
CA GLU A 148 -4.14 -8.44 44.43
C GLU A 148 -3.99 -8.55 42.91
N ARG A 149 -4.68 -7.66 42.18
CA ARG A 149 -4.66 -7.69 40.72
C ARG A 149 -3.26 -7.31 40.21
N VAL A 150 -2.62 -6.32 40.86
CA VAL A 150 -1.27 -5.90 40.50
C VAL A 150 -0.30 -7.08 40.58
N THR A 151 -0.42 -7.86 41.67
CA THR A 151 0.44 -8.99 41.94
C THR A 151 0.26 -9.99 40.81
N GLU A 152 -0.99 -10.24 40.44
CA GLU A 152 -1.35 -11.11 39.35
C GLU A 152 -0.65 -10.66 38.07
N ILE A 153 -0.74 -9.36 37.77
CA ILE A 153 -0.17 -8.79 36.58
C ILE A 153 1.35 -8.91 36.60
N LEU A 154 2.00 -8.49 37.70
CA LEU A 154 3.45 -8.35 37.68
C LEU A 154 4.14 -9.70 37.76
N ALA A 155 3.38 -10.70 38.22
CA ALA A 155 3.89 -12.05 38.36
C ALA A 155 4.08 -12.66 36.97
N SER A 156 3.30 -12.18 36.01
CA SER A 156 3.34 -12.71 34.66
C SER A 156 4.62 -12.32 33.95
N SER A 157 5.08 -13.18 33.02
CA SER A 157 6.23 -12.81 32.21
C SER A 157 5.80 -11.84 31.13
N MET A 158 4.48 -11.77 30.89
CA MET A 158 3.89 -10.86 29.91
C MET A 158 2.76 -10.07 30.57
N PRO A 159 3.09 -9.05 31.40
CA PRO A 159 2.10 -8.29 32.16
C PRO A 159 0.95 -7.69 31.36
N THR A 160 1.31 -6.98 30.28
CA THR A 160 0.29 -6.25 29.55
C THR A 160 -0.74 -7.24 29.01
N ASN A 161 -0.28 -8.34 28.42
CA ASN A 161 -1.16 -9.40 27.99
C ASN A 161 -1.99 -9.95 29.15
N ARG A 162 -1.44 -9.93 30.38
CA ARG A 162 -2.24 -10.46 31.48
C ARG A 162 -3.36 -9.49 31.88
N ILE A 163 -3.13 -8.17 31.74
CA ILE A 163 -4.18 -7.17 31.85
C ILE A 163 -5.35 -7.49 30.90
N LEU A 164 -5.10 -7.91 29.66
CA LEU A 164 -6.22 -8.25 28.79
C LEU A 164 -7.01 -9.42 29.37
N LEU A 165 -6.30 -10.36 30.01
CA LEU A 165 -6.94 -11.56 30.52
C LEU A 165 -7.90 -11.18 31.64
N LEU A 166 -7.46 -10.27 32.49
CA LEU A 166 -8.27 -9.81 33.61
C LEU A 166 -9.48 -9.05 33.10
N ALA A 167 -9.29 -8.17 32.11
CA ALA A 167 -10.42 -7.44 31.54
C ALA A 167 -11.37 -8.44 30.89
N GLY A 168 -10.81 -9.40 30.16
CA GLY A 168 -11.60 -10.52 29.64
C GLY A 168 -12.44 -11.20 30.72
N ASN A 169 -11.86 -11.40 31.91
CA ASN A 169 -12.55 -12.05 33.02
C ASN A 169 -13.72 -11.22 33.54
N GLU A 170 -13.63 -9.89 33.50
CA GLU A 170 -14.73 -9.05 33.95
C GLU A 170 -15.95 -9.25 33.05
N ILE A 171 -15.70 -9.16 31.74
CA ILE A 171 -16.63 -9.38 30.65
C ILE A 171 -17.21 -10.78 30.81
N GLY A 172 -16.35 -11.73 31.15
CA GLY A 172 -16.77 -13.12 31.29
C GLY A 172 -17.73 -13.32 32.46
N GLN A 173 -17.52 -12.59 33.56
CA GLN A 173 -18.38 -12.69 34.72
C GLN A 173 -19.77 -12.17 34.35
N LEU A 174 -19.80 -10.98 33.76
CA LEU A 174 -21.03 -10.39 33.26
C LEU A 174 -21.78 -11.43 32.43
N ARG A 175 -21.02 -12.30 31.75
CA ARG A 175 -21.63 -13.26 30.86
C ARG A 175 -22.21 -14.43 31.65
N GLU A 176 -21.44 -14.95 32.62
CA GLU A 176 -21.86 -16.05 33.48
C GLU A 176 -23.15 -15.67 34.19
N ALA A 177 -23.22 -14.40 34.65
CA ALA A 177 -24.29 -13.88 35.47
C ALA A 177 -25.52 -13.55 34.62
N GLY A 178 -25.43 -13.83 33.31
CA GLY A 178 -26.51 -13.60 32.37
C GLY A 178 -26.75 -12.11 32.06
N LYS A 179 -25.85 -11.22 32.50
CA LYS A 179 -26.05 -9.81 32.19
C LYS A 179 -25.64 -9.51 30.73
N LEU A 180 -24.77 -10.37 30.19
CA LEU A 180 -24.48 -10.37 28.76
C LEU A 180 -24.91 -11.71 28.20
N SER A 181 -25.48 -11.67 27.00
CA SER A 181 -25.64 -12.85 26.18
C SER A 181 -24.34 -13.15 25.44
N ASP A 182 -24.29 -14.32 24.83
CA ASP A 182 -23.17 -14.70 23.99
C ASP A 182 -22.88 -13.62 22.94
N ILE A 183 -23.93 -13.09 22.28
CA ILE A 183 -23.81 -12.06 21.26
C ILE A 183 -23.12 -10.81 21.82
N THR A 184 -23.65 -10.26 22.91
CA THR A 184 -23.15 -8.97 23.39
C THR A 184 -21.80 -9.17 24.06
N TYR A 185 -21.57 -10.36 24.62
CA TYR A 185 -20.26 -10.72 25.14
C TYR A 185 -19.25 -10.66 24.00
N GLY A 186 -19.68 -11.14 22.83
CA GLY A 186 -18.88 -11.22 21.62
C GLY A 186 -18.54 -9.84 21.05
N LEU A 187 -19.49 -8.89 21.13
CA LEU A 187 -19.23 -7.55 20.64
C LEU A 187 -18.05 -6.94 21.40
N MET A 188 -17.96 -7.26 22.70
CA MET A 188 -16.97 -6.65 23.57
C MET A 188 -15.64 -7.40 23.49
N ASP A 189 -15.72 -8.72 23.30
CA ASP A 189 -14.55 -9.56 23.08
C ASP A 189 -13.75 -9.04 21.90
N ASN A 190 -14.44 -8.69 20.79
CA ASN A 190 -13.77 -8.19 19.58
C ASN A 190 -12.84 -7.04 19.93
N LYS A 191 -13.26 -6.20 20.88
CA LYS A 191 -12.47 -5.06 21.29
C LYS A 191 -11.15 -5.50 21.91
N LEU A 192 -11.22 -6.55 22.76
CA LEU A 192 -10.02 -7.11 23.34
C LEU A 192 -9.16 -7.74 22.26
N ASP A 193 -9.78 -8.34 21.23
CA ASP A 193 -9.00 -8.75 20.07
C ASP A 193 -8.22 -7.57 19.47
N GLU A 194 -8.87 -6.40 19.33
CA GLU A 194 -8.15 -5.30 18.71
C GLU A 194 -6.97 -4.90 19.60
N LEU A 195 -7.21 -4.80 20.91
CA LEU A 195 -6.13 -4.45 21.81
C LEU A 195 -5.01 -5.49 21.73
N ALA A 196 -5.38 -6.76 21.52
CA ALA A 196 -4.39 -7.80 21.29
C ALA A 196 -3.56 -7.56 20.03
N HIS A 197 -4.14 -6.89 19.02
CA HIS A 197 -3.41 -6.64 17.79
C HIS A 197 -2.45 -5.48 18.00
N VAL A 198 -2.87 -4.52 18.83
CA VAL A 198 -1.99 -3.43 19.19
C VAL A 198 -0.77 -3.99 19.91
N LEU A 199 -1.01 -4.89 20.88
CA LEU A 199 0.07 -5.33 21.75
C LEU A 199 1.10 -6.13 20.95
N GLY A 200 0.65 -7.06 20.11
CA GLY A 200 1.53 -7.78 19.22
C GLY A 200 2.26 -6.85 18.27
N GLY A 201 1.52 -5.89 17.72
CA GLY A 201 2.13 -4.95 16.78
C GLY A 201 3.28 -4.20 17.44
N CYS A 202 3.01 -3.59 18.60
CA CYS A 202 4.05 -2.84 19.29
C CYS A 202 5.25 -3.75 19.58
N GLU A 203 4.99 -4.94 20.13
CA GLU A 203 6.04 -5.90 20.42
C GLU A 203 6.84 -6.18 19.14
N ARG A 204 6.15 -6.56 18.08
CA ARG A 204 6.81 -6.76 16.79
C ARG A 204 7.68 -5.56 16.42
N LEU A 205 7.11 -4.33 16.44
CA LEU A 205 7.86 -3.15 16.05
C LEU A 205 9.08 -2.98 16.95
N ALA A 206 8.89 -3.16 18.26
CA ALA A 206 9.97 -2.99 19.24
C ALA A 206 11.12 -3.95 18.96
N THR A 207 10.85 -5.17 18.50
CA THR A 207 11.94 -6.13 18.38
C THR A 207 12.35 -6.33 16.91
N THR A 208 11.65 -5.67 15.99
CA THR A 208 11.95 -5.77 14.56
C THR A 208 12.22 -4.36 14.06
N PRO A 209 13.47 -3.86 14.17
CA PRO A 209 13.80 -2.56 13.57
C PRO A 209 13.83 -2.72 12.04
N VAL A 210 13.88 -1.59 11.31
CA VAL A 210 14.31 -1.63 9.93
C VAL A 210 15.68 -2.29 9.92
N PRO A 211 15.95 -3.32 9.07
CA PRO A 211 17.18 -4.10 9.23
C PRO A 211 18.45 -3.25 9.30
N PHE A 212 19.39 -3.66 10.16
CA PHE A 212 20.57 -2.87 10.48
C PHE A 212 21.39 -2.62 9.22
N ALA A 213 21.41 -3.63 8.35
CA ALA A 213 22.19 -3.59 7.13
C ALA A 213 21.90 -2.30 6.37
N TYR A 214 20.64 -1.89 6.35
CA TYR A 214 20.24 -0.68 5.64
C TYR A 214 21.02 0.50 6.19
N THR A 215 20.83 0.78 7.49
CA THR A 215 21.39 1.93 8.17
C THR A 215 22.92 1.83 8.17
N LEU A 216 23.45 0.60 8.18
CA LEU A 216 24.88 0.34 8.13
C LEU A 216 25.46 0.84 6.81
N ILE A 217 25.27 0.05 5.74
CA ILE A 217 25.53 0.42 4.35
C ILE A 217 25.40 1.94 4.18
N LEU A 218 24.20 2.47 4.48
CA LEU A 218 23.88 3.84 4.11
C LEU A 218 24.70 4.85 4.89
N GLN A 219 25.05 4.50 6.13
CA GLN A 219 25.74 5.45 6.99
C GLN A 219 27.15 5.63 6.46
N ARG A 220 27.84 4.50 6.20
CA ARG A 220 29.12 4.53 5.50
C ARG A 220 29.01 5.41 4.27
N THR A 221 28.28 4.94 3.25
CA THR A 221 28.26 5.61 1.96
C THR A 221 27.97 7.11 2.12
N VAL A 222 27.07 7.51 3.02
CA VAL A 222 26.72 8.93 3.06
C VAL A 222 27.86 9.76 3.66
N TYR A 223 28.64 9.15 4.56
CA TYR A 223 29.68 9.87 5.26
C TYR A 223 30.89 9.97 4.35
N LEU A 224 31.32 8.82 3.82
CA LEU A 224 32.41 8.77 2.85
C LEU A 224 32.14 9.76 1.71
N PHE A 225 30.88 9.82 1.28
CA PHE A 225 30.50 10.68 0.18
C PHE A 225 30.67 12.15 0.53
N CYS A 226 30.15 12.57 1.70
CA CYS A 226 30.19 13.99 2.06
C CYS A 226 31.63 14.40 2.33
N THR A 227 32.48 13.41 2.62
CA THR A 227 33.87 13.62 2.94
C THR A 227 34.64 13.85 1.63
N LEU A 228 34.63 12.84 0.76
CA LEU A 228 35.33 12.93 -0.52
C LEU A 228 34.82 14.08 -1.40
N LEU A 229 33.70 14.70 -1.04
CA LEU A 229 33.00 15.50 -2.03
C LEU A 229 33.78 16.79 -2.33
N PRO A 230 34.16 17.61 -1.33
CA PRO A 230 34.85 18.88 -1.59
C PRO A 230 36.13 18.72 -2.40
N PHE A 231 36.71 17.51 -2.36
CA PHE A 231 37.88 17.12 -3.14
C PHE A 231 37.56 17.10 -4.62
N ALA A 232 36.36 16.62 -4.96
CA ALA A 232 35.96 16.46 -6.36
C ALA A 232 35.23 17.71 -6.85
N LEU A 233 34.98 18.68 -5.96
CA LEU A 233 34.33 19.91 -6.37
C LEU A 233 35.36 21.02 -6.52
N VAL A 234 36.59 20.80 -6.02
CA VAL A 234 37.52 21.91 -5.85
C VAL A 234 38.11 22.27 -7.21
N GLY A 235 38.38 21.26 -8.04
CA GLY A 235 38.68 21.43 -9.46
C GLY A 235 37.77 22.47 -10.12
N ASP A 236 36.47 22.36 -9.89
CA ASP A 236 35.47 23.17 -10.58
C ASP A 236 35.21 24.49 -9.86
N LEU A 237 35.20 24.44 -8.53
CA LEU A 237 34.77 25.65 -7.78
C LEU A 237 35.92 26.48 -7.20
N HIS A 238 37.13 25.95 -7.10
CA HIS A 238 38.24 26.77 -6.52
C HIS A 238 37.77 27.20 -5.12
N TYR A 239 37.60 28.51 -4.92
CA TYR A 239 37.17 29.11 -3.61
C TYR A 239 35.70 28.89 -3.21
N MET A 240 34.79 28.58 -4.12
CA MET A 240 33.39 28.43 -3.69
C MET A 240 33.14 27.01 -3.20
N THR A 241 34.21 26.21 -3.09
CA THR A 241 34.11 24.84 -2.62
C THR A 241 33.32 24.73 -1.32
N PRO A 242 33.71 25.40 -0.21
CA PRO A 242 33.07 25.14 1.09
C PRO A 242 31.57 25.37 1.09
N PHE A 243 31.14 26.51 0.54
CA PHE A 243 29.75 26.95 0.49
C PHE A 243 28.87 25.98 -0.32
N VAL A 244 29.46 25.26 -1.27
CA VAL A 244 28.66 24.39 -2.11
C VAL A 244 28.70 22.97 -1.54
N SER A 245 29.88 22.55 -1.08
CA SER A 245 30.04 21.22 -0.52
C SER A 245 29.25 21.06 0.78
N VAL A 246 29.06 22.18 1.50
CA VAL A 246 28.29 22.20 2.74
C VAL A 246 26.81 22.05 2.41
N PHE A 247 26.30 22.87 1.48
CA PHE A 247 24.92 22.84 1.05
C PHE A 247 24.54 21.45 0.55
N ILE A 248 25.46 20.80 -0.18
CA ILE A 248 25.16 19.46 -0.70
C ILE A 248 25.14 18.48 0.45
N SER A 249 26.10 18.62 1.38
CA SER A 249 26.29 17.64 2.44
C SER A 249 25.14 17.67 3.44
N TYR A 250 24.67 18.90 3.73
CA TYR A 250 23.55 19.16 4.61
C TYR A 250 22.31 18.45 4.07
N THR A 251 22.11 18.54 2.75
CA THR A 251 21.00 17.92 2.02
C THR A 251 21.00 16.40 2.21
N PHE A 252 22.16 15.76 2.01
CA PHE A 252 22.23 14.32 2.24
C PHE A 252 22.06 13.99 3.72
N LEU A 253 22.62 14.81 4.63
CA LEU A 253 22.65 14.45 6.04
C LEU A 253 21.31 14.75 6.71
N SER A 254 20.69 15.88 6.34
CA SER A 254 19.32 16.19 6.72
C SER A 254 18.40 15.02 6.43
N TRP A 255 18.51 14.48 5.21
CA TRP A 255 17.62 13.42 4.74
C TRP A 255 17.99 12.11 5.42
N ASP A 256 19.29 11.84 5.59
CA ASP A 256 19.70 10.63 6.29
C ASP A 256 19.26 10.71 7.75
N SER A 257 19.23 11.92 8.30
CA SER A 257 18.98 12.00 9.72
C SER A 257 17.49 11.95 10.05
N LEU A 258 16.62 12.29 9.07
CA LEU A 258 15.18 12.14 9.22
C LEU A 258 14.83 10.68 9.54
N ALA A 259 15.55 9.72 8.92
CA ALA A 259 15.44 8.30 9.26
C ALA A 259 15.72 8.11 10.75
N GLU A 260 16.89 8.57 11.19
CA GLU A 260 17.29 8.49 12.59
C GLU A 260 16.15 8.98 13.49
N GLU A 261 15.58 10.14 13.14
CA GLU A 261 14.59 10.74 14.02
C GLU A 261 13.26 9.99 13.98
N LEU A 262 13.13 8.96 13.14
CA LEU A 262 11.86 8.27 12.93
C LEU A 262 11.96 6.80 13.32
N GLU A 263 13.16 6.36 13.73
CA GLU A 263 13.42 4.93 13.89
C GLU A 263 13.14 4.42 15.30
N ASP A 264 12.84 5.33 16.23
CA ASP A 264 12.66 4.96 17.62
C ASP A 264 11.30 5.48 18.12
N PRO A 265 10.17 5.05 17.51
CA PRO A 265 8.86 5.63 17.84
C PRO A 265 8.50 5.64 19.33
N PHE A 266 8.96 4.60 20.06
CA PHE A 266 8.55 4.40 21.45
C PHE A 266 9.45 5.14 22.46
N GLY A 267 10.58 5.70 22.01
CA GLY A 267 11.59 6.32 22.87
C GLY A 267 11.08 7.60 23.53
N THR A 268 12.00 8.37 24.14
CA THR A 268 11.62 9.51 24.97
C THR A 268 12.18 10.82 24.41
N ALA A 269 12.90 10.74 23.28
CA ALA A 269 13.42 11.89 22.57
C ALA A 269 12.25 12.74 22.07
N ALA A 270 12.53 14.02 21.78
CA ALA A 270 11.51 15.01 21.44
C ALA A 270 10.77 14.62 20.16
N ASN A 271 11.48 13.94 19.25
CA ASN A 271 10.91 13.48 17.98
C ASN A 271 10.14 12.16 18.11
N ASP A 272 10.22 11.50 19.27
CA ASP A 272 9.61 10.19 19.39
C ASP A 272 8.16 10.39 19.77
N LEU A 273 7.38 9.31 19.93
CA LEU A 273 5.96 9.45 20.19
C LEU A 273 5.77 9.97 21.61
N PRO A 274 4.92 10.98 21.83
CA PRO A 274 4.67 11.47 23.18
C PRO A 274 3.75 10.52 23.95
N LEU A 275 4.29 9.35 24.37
CA LEU A 275 3.44 8.25 24.84
C LEU A 275 2.77 8.57 26.17
N ASN A 276 3.44 9.37 27.02
CA ASN A 276 2.82 9.78 28.27
C ASN A 276 1.55 10.60 28.00
N ALA A 277 1.65 11.57 27.10
CA ALA A 277 0.50 12.42 26.82
C ALA A 277 -0.61 11.58 26.18
N MET A 278 -0.22 10.61 25.33
CA MET A 278 -1.22 9.75 24.71
C MET A 278 -1.93 8.89 25.76
N CYS A 279 -1.15 8.38 26.73
CA CYS A 279 -1.76 7.69 27.85
C CYS A 279 -2.69 8.60 28.65
N ASN A 280 -2.32 9.88 28.90
CA ASN A 280 -3.20 10.78 29.65
C ASN A 280 -4.46 11.03 28.82
N THR A 281 -4.27 11.19 27.50
CA THR A 281 -5.44 11.36 26.65
C THR A 281 -6.40 10.18 26.78
N ILE A 282 -5.85 8.94 26.80
CA ILE A 282 -6.70 7.75 26.84
C ILE A 282 -7.46 7.75 28.16
N GLU A 283 -6.74 8.02 29.26
CA GLU A 283 -7.33 7.95 30.58
C GLU A 283 -8.40 9.03 30.71
N ARG A 284 -8.09 10.24 30.20
CA ARG A 284 -9.01 11.35 30.31
C ARG A 284 -10.28 11.06 29.49
N ASN A 285 -10.11 10.33 28.39
CA ASN A 285 -11.25 10.00 27.54
C ASN A 285 -12.17 9.02 28.24
N LEU A 286 -11.59 7.95 28.77
CA LEU A 286 -12.40 6.92 29.43
C LEU A 286 -13.07 7.51 30.66
N LEU A 287 -12.42 8.47 31.33
CA LEU A 287 -13.02 9.05 32.53
C LEU A 287 -14.17 9.98 32.17
N ASP A 288 -13.99 10.79 31.11
CA ASP A 288 -15.06 11.58 30.49
C ASP A 288 -16.30 10.72 30.21
N MET A 289 -16.13 9.50 29.72
CA MET A 289 -17.31 8.68 29.34
C MET A 289 -17.95 8.01 30.56
N THR A 290 -17.43 8.26 31.76
CA THR A 290 -17.98 7.60 32.98
C THR A 290 -18.20 8.63 34.09
N GLY A 291 -18.57 8.17 35.28
CA GLY A 291 -18.86 9.10 36.41
C GLY A 291 -20.35 9.11 36.75
N GLN A 292 -21.07 8.12 36.20
CA GLN A 292 -22.55 7.90 36.08
C GLN A 292 -23.09 8.63 34.85
N HIS A 293 -22.25 9.36 34.13
CA HIS A 293 -22.66 10.12 32.91
C HIS A 293 -21.49 10.15 31.92
N SER B 25 31.25 -11.84 3.87
CA SER B 25 31.07 -11.10 2.59
C SER B 25 31.65 -11.92 1.43
N LYS B 26 30.76 -12.30 0.52
CA LYS B 26 31.16 -12.63 -0.84
C LYS B 26 31.50 -11.31 -1.53
N ILE B 27 31.17 -10.21 -0.84
CA ILE B 27 31.32 -8.84 -1.33
C ILE B 27 32.78 -8.41 -1.23
N ILE B 28 33.48 -8.81 -0.15
CA ILE B 28 34.87 -8.40 0.08
C ILE B 28 35.77 -8.99 -1.02
N PHE B 29 35.47 -10.23 -1.43
CA PHE B 29 36.08 -10.84 -2.60
C PHE B 29 35.98 -9.86 -3.77
N ARG B 30 34.74 -9.55 -4.17
CA ARG B 30 34.42 -8.86 -5.41
C ARG B 30 34.80 -7.39 -5.31
N LEU B 31 34.91 -6.87 -4.08
CA LEU B 31 35.41 -5.52 -3.87
C LEU B 31 36.90 -5.45 -4.21
N LEU B 32 37.67 -6.49 -3.80
CA LEU B 32 39.11 -6.55 -4.03
C LEU B 32 39.35 -6.80 -5.51
N LEU B 33 38.61 -7.77 -6.05
CA LEU B 33 38.58 -8.06 -7.47
C LEU B 33 38.41 -6.76 -8.28
N ASN B 34 37.62 -5.82 -7.75
CA ASN B 34 37.37 -4.54 -8.41
C ASN B 34 38.59 -3.64 -8.30
N VAL B 35 39.45 -3.88 -7.29
CA VAL B 35 40.65 -3.07 -7.12
C VAL B 35 41.70 -3.50 -8.14
N LEU B 36 41.78 -4.83 -8.40
CA LEU B 36 42.70 -5.37 -9.39
C LEU B 36 42.38 -4.78 -10.76
N MET B 37 41.11 -4.90 -11.17
CA MET B 37 40.62 -4.42 -12.44
C MET B 37 40.81 -2.91 -12.55
N SER B 38 40.84 -2.23 -11.40
CA SER B 38 40.98 -0.78 -11.36
C SER B 38 42.44 -0.37 -11.57
N ILE B 39 43.39 -1.25 -11.22
CA ILE B 39 44.81 -1.02 -11.47
C ILE B 39 45.06 -1.17 -12.97
N ILE B 40 44.54 -2.29 -13.53
CA ILE B 40 44.62 -2.60 -14.94
C ILE B 40 44.33 -1.38 -15.80
N ALA B 41 43.33 -0.59 -15.38
CA ALA B 41 42.86 0.53 -16.17
C ALA B 41 43.79 1.73 -16.01
N ILE B 42 44.50 1.82 -14.88
CA ILE B 42 45.46 2.90 -14.68
C ILE B 42 46.69 2.66 -15.55
N ILE B 43 47.04 1.38 -15.77
CA ILE B 43 48.17 1.00 -16.61
C ILE B 43 47.80 1.04 -18.10
N SER B 44 46.51 0.94 -18.43
CA SER B 44 46.11 0.83 -19.83
C SER B 44 45.81 2.18 -20.49
N TYR B 45 45.51 3.22 -19.69
CA TYR B 45 44.98 4.47 -20.22
C TYR B 45 45.81 5.13 -21.33
N GLN B 46 47.15 4.98 -21.32
CA GLN B 46 47.97 5.47 -22.41
C GLN B 46 47.66 4.69 -23.70
N TRP B 47 47.58 3.36 -23.57
CA TRP B 47 47.46 2.39 -24.66
C TRP B 47 46.05 2.36 -25.23
N TYR B 48 45.20 3.22 -24.69
CA TYR B 48 43.84 3.33 -25.18
C TYR B 48 43.91 3.68 -26.65
N GLU B 49 44.58 4.82 -26.94
CA GLU B 49 44.66 5.34 -28.30
C GLU B 49 45.39 4.33 -29.18
N GLN B 50 46.35 3.59 -28.62
CA GLN B 50 47.03 2.61 -29.43
C GLN B 50 46.06 1.54 -29.93
N LEU B 51 45.15 1.08 -29.06
CA LEU B 51 44.25 -0.01 -29.38
C LEU B 51 43.01 0.50 -30.10
N GLY B 52 42.59 1.73 -29.78
CA GLY B 52 41.55 2.42 -30.51
C GLY B 52 40.31 2.65 -29.65
N ILE B 53 40.54 2.61 -28.33
CA ILE B 53 39.47 2.48 -27.34
C ILE B 53 39.31 3.78 -26.55
N HIS B 54 38.31 4.58 -26.91
CA HIS B 54 37.87 5.72 -26.10
C HIS B 54 36.72 5.23 -25.20
N LEU B 55 36.62 5.76 -23.97
CA LEU B 55 35.56 5.38 -23.03
C LEU B 55 35.20 6.54 -22.11
N THR B 56 34.22 7.37 -22.47
CA THR B 56 33.80 8.43 -21.57
C THR B 56 32.96 7.87 -20.42
N VAL B 57 32.68 8.76 -19.46
CA VAL B 57 31.94 8.50 -18.23
C VAL B 57 30.43 8.47 -18.51
N ALA B 58 29.94 9.48 -19.26
CA ALA B 58 28.52 9.78 -19.40
C ALA B 58 27.66 8.56 -19.75
N PRO B 59 28.10 7.63 -20.65
CA PRO B 59 27.35 6.40 -20.89
C PRO B 59 27.29 5.49 -19.67
N PHE B 60 28.26 5.64 -18.76
CA PHE B 60 28.30 4.80 -17.58
C PHE B 60 27.48 5.44 -16.46
N SER B 61 27.38 6.78 -16.48
CA SER B 61 26.40 7.51 -15.68
C SER B 61 25.00 7.03 -16.05
N LEU B 62 24.72 6.96 -17.36
CA LEU B 62 23.44 6.52 -17.86
C LEU B 62 23.16 5.11 -17.35
N LEU B 63 24.05 4.17 -17.66
CA LEU B 63 23.84 2.78 -17.29
C LEU B 63 23.73 2.62 -15.77
N GLY B 64 24.61 3.29 -15.02
CA GLY B 64 24.65 3.17 -13.57
C GLY B 64 23.36 3.65 -12.90
N ILE B 65 22.83 4.78 -13.39
CA ILE B 65 21.59 5.32 -12.86
C ILE B 65 20.42 4.37 -13.18
N ALA B 66 20.40 3.79 -14.39
CA ALA B 66 19.34 2.86 -14.67
C ALA B 66 19.38 1.74 -13.64
N ILE B 67 20.57 1.18 -13.42
CA ILE B 67 20.73 0.03 -12.53
C ILE B 67 20.31 0.42 -11.11
N ALA B 68 20.71 1.63 -10.68
CA ALA B 68 20.32 2.15 -9.38
C ALA B 68 18.79 2.15 -9.25
N ILE B 69 18.09 2.70 -10.25
CA ILE B 69 16.64 2.75 -10.26
C ILE B 69 16.05 1.34 -10.13
N PHE B 70 16.62 0.39 -10.86
CA PHE B 70 16.10 -0.97 -10.83
C PHE B 70 16.46 -1.62 -9.50
N LEU B 71 17.63 -1.27 -8.96
CA LEU B 71 18.02 -1.85 -7.69
C LEU B 71 17.09 -1.34 -6.60
N GLY B 72 16.69 -0.06 -6.72
CA GLY B 72 15.76 0.55 -5.81
C GLY B 72 14.45 -0.24 -5.78
N PHE B 73 13.83 -0.42 -6.95
CA PHE B 73 12.54 -1.07 -7.02
C PHE B 73 12.69 -2.49 -6.47
N ARG B 74 13.74 -3.20 -6.90
CA ARG B 74 13.92 -4.61 -6.56
C ARG B 74 14.02 -4.75 -5.03
N ASN B 75 14.75 -3.81 -4.43
CA ASN B 75 15.05 -3.85 -3.01
C ASN B 75 13.75 -3.64 -2.23
N SER B 76 13.02 -2.62 -2.64
CA SER B 76 11.71 -2.32 -2.10
C SER B 76 10.79 -3.54 -2.14
N ALA B 77 10.77 -4.27 -3.25
CA ALA B 77 9.96 -5.48 -3.39
C ALA B 77 10.41 -6.53 -2.39
N SER B 78 11.74 -6.68 -2.21
CA SER B 78 12.30 -7.66 -1.30
C SER B 78 11.89 -7.36 0.14
N TYR B 79 12.03 -6.08 0.54
CA TYR B 79 11.66 -5.62 1.86
C TYR B 79 10.19 -5.92 2.16
N SER B 80 9.29 -5.67 1.19
CA SER B 80 7.87 -6.01 1.31
C SER B 80 7.66 -7.47 1.67
N ARG B 81 8.44 -8.36 1.04
CA ARG B 81 8.34 -9.76 1.36
C ARG B 81 8.72 -9.98 2.82
N PHE B 82 9.85 -9.37 3.22
CA PHE B 82 10.32 -9.44 4.58
C PHE B 82 9.23 -8.98 5.54
N VAL B 83 8.64 -7.84 5.23
CA VAL B 83 7.71 -7.21 6.15
C VAL B 83 6.43 -8.04 6.27
N GLU B 84 5.90 -8.55 5.15
CA GLU B 84 4.74 -9.42 5.21
C GLU B 84 5.00 -10.67 6.05
N ALA B 85 6.16 -11.31 5.81
CA ALA B 85 6.55 -12.49 6.54
C ALA B 85 6.63 -12.18 8.03
N ARG B 86 7.20 -11.02 8.37
CA ARG B 86 7.32 -10.67 9.78
C ARG B 86 5.92 -10.57 10.38
N ASN B 87 5.02 -9.94 9.64
CA ASN B 87 3.65 -9.70 10.05
C ASN B 87 2.88 -11.00 10.20
N LEU B 88 2.99 -11.91 9.21
CA LEU B 88 2.30 -13.16 9.32
C LEU B 88 2.70 -13.87 10.62
N TRP B 89 4.01 -13.84 10.94
CA TRP B 89 4.47 -14.39 12.19
C TRP B 89 3.89 -13.67 13.42
N GLY B 90 3.77 -12.34 13.34
CA GLY B 90 3.19 -11.58 14.43
C GLY B 90 1.77 -12.05 14.75
N THR B 91 1.02 -12.42 13.70
CA THR B 91 -0.37 -12.81 13.82
C THR B 91 -0.47 -14.14 14.57
N VAL B 92 0.53 -15.02 14.41
CA VAL B 92 0.54 -16.28 15.14
C VAL B 92 0.46 -15.96 16.64
N LEU B 93 1.41 -15.13 17.08
CA LEU B 93 1.45 -14.77 18.48
C LEU B 93 0.11 -14.16 18.90
N ILE B 94 -0.42 -13.21 18.11
CA ILE B 94 -1.65 -12.52 18.51
C ILE B 94 -2.80 -13.52 18.59
N ALA B 95 -3.02 -14.24 17.48
CA ALA B 95 -4.18 -15.09 17.33
C ALA B 95 -4.12 -16.14 18.44
N GLU B 96 -2.94 -16.70 18.69
CA GLU B 96 -2.84 -17.76 19.68
C GLU B 96 -3.09 -17.20 21.08
N ARG B 97 -2.48 -16.05 21.39
CA ARG B 97 -2.79 -15.35 22.63
C ARG B 97 -4.30 -15.11 22.79
N THR B 98 -5.02 -14.69 21.74
CA THR B 98 -6.42 -14.40 21.99
C THR B 98 -7.27 -15.66 22.10
N LEU B 99 -6.88 -16.76 21.43
CA LEU B 99 -7.59 -18.02 21.56
C LEU B 99 -7.48 -18.53 23.01
N VAL B 100 -6.28 -18.48 23.57
CA VAL B 100 -6.08 -18.92 24.94
C VAL B 100 -6.89 -18.04 25.89
N ARG B 101 -6.87 -16.72 25.66
CA ARG B 101 -7.60 -15.80 26.51
C ARG B 101 -9.07 -16.20 26.53
N GLN B 102 -9.63 -16.38 25.32
CA GLN B 102 -11.04 -16.70 25.15
C GLN B 102 -11.39 -17.98 25.90
N LEU B 103 -10.55 -19.02 25.75
CA LEU B 103 -10.74 -20.27 26.47
C LEU B 103 -10.71 -20.03 27.98
N ARG B 104 -9.76 -19.22 28.47
CA ARG B 104 -9.69 -18.88 29.88
C ARG B 104 -10.91 -18.07 30.28
N ASN B 105 -11.40 -17.18 29.40
CA ASN B 105 -12.47 -16.27 29.77
C ASN B 105 -13.83 -16.94 29.75
N ILE B 106 -14.03 -17.98 28.91
CA ILE B 106 -15.36 -18.50 28.63
C ILE B 106 -15.51 -19.87 29.31
N LEU B 107 -14.41 -20.62 29.39
CA LEU B 107 -14.38 -21.92 30.00
C LEU B 107 -13.28 -21.91 31.06
N PRO B 108 -13.39 -21.02 32.09
CA PRO B 108 -12.29 -20.80 33.02
C PRO B 108 -11.76 -22.04 33.74
N ALA B 109 -12.60 -23.07 33.86
CA ALA B 109 -12.32 -24.22 34.71
C ALA B 109 -11.77 -25.39 33.90
N GLU B 110 -11.88 -25.33 32.57
CA GLU B 110 -11.57 -26.43 31.67
C GLU B 110 -10.07 -26.51 31.37
N HIS B 111 -9.25 -26.67 32.41
CA HIS B 111 -7.79 -26.71 32.29
C HIS B 111 -7.27 -27.86 31.41
N ASP B 112 -7.97 -29.00 31.34
CA ASP B 112 -7.44 -30.08 30.53
C ASP B 112 -7.47 -29.68 29.05
N ALA B 113 -8.54 -28.97 28.67
CA ALA B 113 -8.70 -28.48 27.31
C ALA B 113 -7.70 -27.35 27.08
N HIS B 114 -7.60 -26.43 28.05
CA HIS B 114 -6.61 -25.37 28.01
C HIS B 114 -5.25 -25.94 27.65
N ARG B 115 -4.84 -27.00 28.36
CA ARG B 115 -3.53 -27.61 28.22
C ARG B 115 -3.41 -28.30 26.86
N ARG B 116 -4.47 -28.99 26.46
CA ARG B 116 -4.42 -29.72 25.21
C ARG B 116 -4.24 -28.73 24.05
N ILE B 117 -5.07 -27.67 24.08
CA ILE B 117 -5.17 -26.73 22.96
C ILE B 117 -3.87 -25.94 22.86
N VAL B 118 -3.34 -25.54 24.03
CA VAL B 118 -2.10 -24.78 24.06
C VAL B 118 -0.96 -25.57 23.45
N SER B 119 -0.97 -26.90 23.62
CA SER B 119 0.16 -27.67 23.12
C SER B 119 0.07 -27.80 21.59
N TYR B 120 -1.15 -27.94 21.07
CA TYR B 120 -1.36 -27.87 19.64
C TYR B 120 -0.91 -26.52 19.08
N LEU B 121 -1.31 -25.43 19.75
CA LEU B 121 -0.93 -24.10 19.25
C LEU B 121 0.58 -23.96 19.23
N VAL B 122 1.25 -24.48 20.27
CA VAL B 122 2.70 -24.38 20.32
C VAL B 122 3.30 -25.29 19.24
N ALA B 123 2.78 -26.51 19.14
CA ALA B 123 3.20 -27.37 18.05
C ALA B 123 3.04 -26.66 16.71
N PHE B 124 1.91 -25.94 16.52
CA PHE B 124 1.62 -25.20 15.28
C PHE B 124 2.83 -24.37 14.84
N SER B 125 3.32 -23.48 15.74
CA SER B 125 4.45 -22.59 15.51
C SER B 125 5.70 -23.36 15.07
N TRP B 126 6.06 -24.37 15.86
CA TRP B 126 7.33 -25.03 15.63
C TRP B 126 7.25 -25.76 14.31
N SER B 127 6.11 -26.43 14.14
CA SER B 127 5.84 -27.18 12.92
C SER B 127 5.95 -26.26 11.71
N LEU B 128 5.51 -24.99 11.83
CA LEU B 128 5.49 -24.06 10.72
C LEU B 128 6.92 -23.66 10.38
N LYS B 129 7.73 -23.40 11.42
CA LYS B 129 9.12 -23.04 11.28
C LYS B 129 9.89 -24.17 10.58
N HIS B 130 9.66 -25.42 10.99
CA HIS B 130 10.30 -26.57 10.36
C HIS B 130 9.91 -26.63 8.89
N GLN B 131 8.60 -26.58 8.63
CA GLN B 131 8.04 -26.56 7.27
C GLN B 131 8.82 -25.58 6.38
N LEU B 132 9.14 -24.39 6.90
CA LEU B 132 9.65 -23.30 6.10
C LEU B 132 11.19 -23.36 6.01
N ARG B 133 11.81 -24.01 6.99
CA ARG B 133 13.27 -24.16 7.01
C ARG B 133 13.64 -25.51 6.41
N LYS B 134 12.61 -26.35 6.20
CA LYS B 134 12.71 -27.64 5.55
C LYS B 134 13.42 -28.63 6.47
N THR B 135 13.33 -28.39 7.78
CA THR B 135 13.97 -29.22 8.78
C THR B 135 12.95 -30.17 9.42
N ASP B 136 13.43 -31.13 10.21
CA ASP B 136 12.62 -32.22 10.74
C ASP B 136 11.83 -31.75 11.97
N PRO B 137 10.49 -31.81 11.94
CA PRO B 137 9.67 -31.41 13.09
C PRO B 137 9.62 -32.36 14.29
N THR B 138 10.23 -33.55 14.18
CA THR B 138 9.89 -34.65 15.07
C THR B 138 10.27 -34.35 16.53
N ALA B 139 11.52 -33.91 16.76
CA ALA B 139 11.98 -33.61 18.10
C ALA B 139 10.98 -32.69 18.82
N ASP B 140 10.75 -31.50 18.24
CA ASP B 140 9.87 -30.46 18.79
C ASP B 140 8.46 -31.00 19.01
N LEU B 141 7.95 -31.84 18.10
CA LEU B 141 6.59 -32.35 18.22
C LEU B 141 6.47 -33.22 19.47
N ARG B 142 7.40 -34.16 19.64
CA ARG B 142 7.35 -35.17 20.67
C ARG B 142 7.48 -34.53 22.06
N ARG B 143 8.16 -33.39 22.08
CA ARG B 143 8.41 -32.55 23.26
C ARG B 143 7.11 -32.02 23.84
N LEU B 144 6.03 -32.03 23.01
CA LEU B 144 4.88 -31.18 23.24
C LEU B 144 3.59 -31.99 23.24
N LEU B 145 3.56 -33.05 22.41
CA LEU B 145 2.32 -33.80 22.27
C LEU B 145 2.58 -35.28 22.53
N PRO B 146 1.54 -36.06 22.91
CA PRO B 146 1.64 -37.51 23.00
C PRO B 146 1.94 -38.14 21.63
N GLU B 147 2.47 -39.38 21.65
CA GLU B 147 3.07 -39.99 20.48
C GLU B 147 2.01 -40.39 19.45
N GLU B 148 0.82 -40.85 19.86
CA GLU B 148 -0.18 -41.18 18.85
C GLU B 148 -0.35 -39.98 17.90
N ARG B 149 -0.38 -38.78 18.51
CA ARG B 149 -0.69 -37.54 17.81
C ARG B 149 0.47 -37.19 16.88
N VAL B 150 1.70 -37.36 17.37
CA VAL B 150 2.89 -37.10 16.59
C VAL B 150 2.89 -37.95 15.33
N THR B 151 2.33 -39.16 15.42
CA THR B 151 2.31 -40.01 14.25
C THR B 151 1.15 -39.59 13.33
N GLU B 152 0.02 -39.18 13.92
CA GLU B 152 -1.08 -38.65 13.11
C GLU B 152 -0.60 -37.43 12.31
N ILE B 153 0.25 -36.62 12.94
CA ILE B 153 0.71 -35.37 12.37
C ILE B 153 1.78 -35.65 11.32
N LEU B 154 2.75 -36.50 11.68
CA LEU B 154 3.83 -36.86 10.77
C LEU B 154 3.32 -37.69 9.58
N ALA B 155 2.11 -38.25 9.71
CA ALA B 155 1.48 -39.06 8.68
C ALA B 155 1.02 -38.20 7.51
N SER B 156 0.79 -36.90 7.76
CA SER B 156 0.24 -36.01 6.75
C SER B 156 1.38 -35.33 5.98
N SER B 157 1.12 -35.02 4.70
CA SER B 157 2.10 -34.27 3.95
C SER B 157 1.96 -32.79 4.29
N MET B 158 0.89 -32.47 5.03
CA MET B 158 0.62 -31.12 5.51
C MET B 158 0.51 -31.13 7.05
N PRO B 159 1.61 -31.37 7.79
CA PRO B 159 1.55 -31.44 9.26
C PRO B 159 1.01 -30.20 9.99
N THR B 160 1.36 -29.00 9.51
CA THR B 160 0.90 -27.77 10.13
C THR B 160 -0.63 -27.69 10.05
N ASN B 161 -1.17 -27.90 8.84
CA ASN B 161 -2.60 -27.99 8.63
C ASN B 161 -3.22 -29.03 9.57
N ARG B 162 -2.54 -30.17 9.76
CA ARG B 162 -3.08 -31.26 10.56
C ARG B 162 -3.21 -30.84 12.03
N ILE B 163 -2.18 -30.11 12.51
CA ILE B 163 -2.23 -29.53 13.84
C ILE B 163 -3.42 -28.59 13.98
N LEU B 164 -3.62 -27.71 12.99
CA LEU B 164 -4.81 -26.86 13.04
C LEU B 164 -6.08 -27.70 13.16
N LEU B 165 -6.17 -28.76 12.34
CA LEU B 165 -7.40 -29.55 12.31
C LEU B 165 -7.63 -30.18 13.70
N LEU B 166 -6.54 -30.65 14.31
CA LEU B 166 -6.58 -31.28 15.61
C LEU B 166 -7.02 -30.29 16.68
N ALA B 167 -6.43 -29.07 16.63
CA ALA B 167 -6.83 -27.99 17.53
C ALA B 167 -8.32 -27.68 17.39
N GLY B 168 -8.80 -27.71 16.14
CA GLY B 168 -10.22 -27.58 15.86
C GLY B 168 -11.08 -28.67 16.49
N ASN B 169 -10.58 -29.91 16.58
CA ASN B 169 -11.40 -30.97 17.16
C ASN B 169 -11.61 -30.69 18.64
N GLU B 170 -10.56 -30.16 19.28
CA GLU B 170 -10.62 -29.79 20.68
C GLU B 170 -11.77 -28.83 20.94
N ILE B 171 -11.89 -27.76 20.13
CA ILE B 171 -12.95 -26.80 20.41
C ILE B 171 -14.28 -27.40 19.93
N GLY B 172 -14.21 -28.22 18.90
CA GLY B 172 -15.40 -28.87 18.36
C GLY B 172 -16.05 -29.76 19.41
N GLN B 173 -15.21 -30.52 20.14
CA GLN B 173 -15.65 -31.43 21.19
C GLN B 173 -16.25 -30.63 22.35
N LEU B 174 -15.65 -29.48 22.69
CA LEU B 174 -16.21 -28.65 23.75
C LEU B 174 -17.61 -28.19 23.36
N ARG B 175 -17.85 -28.09 22.04
CA ARG B 175 -19.14 -27.67 21.54
C ARG B 175 -20.13 -28.83 21.52
N GLU B 176 -19.71 -29.99 20.97
CA GLU B 176 -20.54 -31.18 20.96
C GLU B 176 -21.04 -31.46 22.38
N ALA B 177 -20.15 -31.24 23.35
CA ALA B 177 -20.41 -31.52 24.75
C ALA B 177 -21.21 -30.40 25.40
N GLY B 178 -21.73 -29.45 24.60
CA GLY B 178 -22.53 -28.36 25.12
C GLY B 178 -21.78 -27.41 26.06
N LYS B 179 -20.43 -27.47 26.09
CA LYS B 179 -19.67 -26.54 26.91
C LYS B 179 -19.52 -25.18 26.22
N LEU B 180 -19.50 -25.18 24.89
CA LEU B 180 -19.59 -23.94 24.11
C LEU B 180 -20.92 -23.89 23.38
N SER B 181 -21.46 -22.68 23.21
CA SER B 181 -22.55 -22.43 22.30
C SER B 181 -22.03 -22.25 20.88
N ASP B 182 -22.94 -22.09 19.91
CA ASP B 182 -22.52 -21.80 18.55
C ASP B 182 -21.80 -20.45 18.51
N ILE B 183 -22.31 -19.46 19.25
CA ILE B 183 -21.67 -18.15 19.29
C ILE B 183 -20.22 -18.28 19.74
N THR B 184 -20.00 -18.89 20.92
CA THR B 184 -18.68 -18.86 21.53
C THR B 184 -17.74 -19.80 20.80
N TYR B 185 -18.30 -20.88 20.25
CA TYR B 185 -17.51 -21.72 19.36
C TYR B 185 -16.95 -20.87 18.21
N GLY B 186 -17.78 -19.96 17.69
CA GLY B 186 -17.46 -19.18 16.50
C GLY B 186 -16.33 -18.18 16.76
N LEU B 187 -16.36 -17.55 17.94
CA LEU B 187 -15.32 -16.63 18.35
C LEU B 187 -13.96 -17.32 18.29
N MET B 188 -13.91 -18.58 18.71
CA MET B 188 -12.66 -19.34 18.73
C MET B 188 -12.33 -19.85 17.33
N ASP B 189 -13.36 -20.31 16.60
CA ASP B 189 -13.20 -20.75 15.23
C ASP B 189 -12.53 -19.64 14.43
N ASN B 190 -12.94 -18.38 14.63
CA ASN B 190 -12.33 -17.26 13.94
C ASN B 190 -10.81 -17.27 14.10
N LYS B 191 -10.31 -17.62 15.29
CA LYS B 191 -8.90 -17.51 15.55
C LYS B 191 -8.12 -18.58 14.80
N LEU B 192 -8.72 -19.77 14.64
CA LEU B 192 -8.13 -20.82 13.83
C LEU B 192 -8.03 -20.38 12.37
N ASP B 193 -9.03 -19.63 11.88
CA ASP B 193 -9.01 -19.11 10.52
C ASP B 193 -7.84 -18.15 10.37
N GLU B 194 -7.61 -17.34 11.41
CA GLU B 194 -6.54 -16.38 11.35
C GLU B 194 -5.21 -17.12 11.17
N LEU B 195 -5.09 -18.32 11.78
CA LEU B 195 -3.85 -19.08 11.72
C LEU B 195 -3.73 -19.76 10.37
N ALA B 196 -4.88 -20.17 9.82
CA ALA B 196 -4.95 -20.74 8.47
C ALA B 196 -4.41 -19.75 7.45
N HIS B 197 -4.69 -18.45 7.68
CA HIS B 197 -4.25 -17.38 6.80
C HIS B 197 -2.74 -17.19 6.89
N VAL B 198 -2.20 -17.35 8.10
CA VAL B 198 -0.77 -17.32 8.29
C VAL B 198 -0.14 -18.48 7.52
N LEU B 199 -0.67 -19.68 7.71
CA LEU B 199 -0.11 -20.87 7.09
C LEU B 199 -0.03 -20.66 5.58
N GLY B 200 -1.17 -20.26 4.99
CA GLY B 200 -1.27 -19.94 3.57
C GLY B 200 -0.30 -18.85 3.14
N GLY B 201 -0.26 -17.73 3.88
CA GLY B 201 0.63 -16.64 3.54
C GLY B 201 2.08 -17.11 3.52
N CYS B 202 2.44 -17.93 4.52
CA CYS B 202 3.81 -18.37 4.67
C CYS B 202 4.18 -19.32 3.53
N GLU B 203 3.29 -20.26 3.21
CA GLU B 203 3.52 -21.16 2.09
C GLU B 203 3.67 -20.38 0.79
N ARG B 204 2.88 -19.32 0.60
CA ARG B 204 3.00 -18.53 -0.60
C ARG B 204 4.35 -17.80 -0.65
N LEU B 205 4.86 -17.33 0.50
CA LEU B 205 6.15 -16.62 0.43
C LEU B 205 7.29 -17.64 0.34
N ALA B 206 7.01 -18.89 0.67
CA ALA B 206 8.10 -19.89 0.63
C ALA B 206 8.20 -20.53 -0.74
N THR B 207 7.16 -21.25 -1.18
CA THR B 207 7.20 -21.96 -2.48
C THR B 207 7.37 -20.94 -3.60
N THR B 208 6.60 -19.88 -3.49
CA THR B 208 6.66 -18.77 -4.46
C THR B 208 7.84 -17.87 -4.10
N PRO B 209 8.96 -17.94 -4.87
CA PRO B 209 9.99 -16.90 -4.79
C PRO B 209 9.58 -15.72 -5.69
N VAL B 210 10.38 -14.65 -5.67
CA VAL B 210 10.27 -13.66 -6.73
C VAL B 210 11.08 -14.17 -7.91
N PRO B 211 10.51 -14.21 -9.15
CA PRO B 211 11.12 -14.94 -10.27
C PRO B 211 12.65 -14.91 -10.32
N PHE B 212 13.24 -15.93 -10.94
CA PHE B 212 14.68 -16.15 -10.91
C PHE B 212 15.41 -15.25 -11.91
N ALA B 213 14.67 -14.66 -12.87
CA ALA B 213 15.22 -13.69 -13.80
C ALA B 213 15.71 -12.46 -13.04
N TYR B 214 14.80 -11.87 -12.26
CA TYR B 214 15.01 -10.73 -11.37
C TYR B 214 16.42 -10.76 -10.79
N THR B 215 16.79 -11.90 -10.19
CA THR B 215 18.04 -12.05 -9.45
C THR B 215 19.16 -12.48 -10.39
N LEU B 216 18.86 -13.43 -11.28
CA LEU B 216 19.85 -14.06 -12.14
C LEU B 216 20.57 -12.99 -12.97
N ILE B 217 19.76 -12.16 -13.64
CA ILE B 217 20.22 -11.24 -14.65
C ILE B 217 20.65 -9.92 -14.02
N LEU B 218 19.94 -9.50 -12.95
CA LEU B 218 20.25 -8.26 -12.26
C LEU B 218 21.63 -8.34 -11.64
N GLN B 219 22.06 -9.54 -11.24
CA GLN B 219 23.36 -9.75 -10.61
C GLN B 219 24.46 -9.71 -11.66
N ARG B 220 24.27 -10.48 -12.75
CA ARG B 220 25.09 -10.32 -13.93
C ARG B 220 25.33 -8.83 -14.17
N THR B 221 24.24 -8.09 -14.42
CA THR B 221 24.26 -6.68 -14.80
C THR B 221 25.07 -5.84 -13.82
N VAL B 222 24.84 -6.00 -12.51
CA VAL B 222 25.47 -5.12 -11.54
C VAL B 222 26.97 -5.40 -11.53
N TYR B 223 27.33 -6.67 -11.70
CA TYR B 223 28.73 -7.05 -11.65
C TYR B 223 29.44 -6.58 -12.91
N LEU B 224 28.91 -6.95 -14.08
CA LEU B 224 29.44 -6.51 -15.36
C LEU B 224 29.65 -5.00 -15.32
N PHE B 225 28.65 -4.27 -14.84
CA PHE B 225 28.77 -2.83 -14.73
C PHE B 225 29.94 -2.42 -13.83
N CYS B 226 30.13 -3.17 -12.73
CA CYS B 226 31.10 -2.75 -11.74
C CYS B 226 32.53 -2.93 -12.24
N THR B 227 32.78 -4.06 -12.91
CA THR B 227 34.10 -4.35 -13.45
C THR B 227 34.50 -3.33 -14.52
N LEU B 228 33.60 -3.08 -15.50
CA LEU B 228 33.91 -2.19 -16.61
C LEU B 228 34.04 -0.75 -16.15
N LEU B 229 33.46 -0.42 -15.00
CA LEU B 229 33.30 0.97 -14.65
C LEU B 229 34.64 1.72 -14.61
N PRO B 230 35.75 1.17 -14.03
CA PRO B 230 37.01 1.92 -13.95
C PRO B 230 37.65 2.23 -15.31
N PHE B 231 37.58 1.26 -16.24
CA PHE B 231 37.97 1.47 -17.63
C PHE B 231 37.43 2.80 -18.15
N ALA B 232 36.20 3.13 -17.76
CA ALA B 232 35.59 4.36 -18.22
C ALA B 232 35.94 5.52 -17.29
N LEU B 233 36.51 5.21 -16.12
CA LEU B 233 36.71 6.24 -15.10
C LEU B 233 38.09 6.88 -15.22
N VAL B 234 39.10 6.07 -15.61
CA VAL B 234 40.49 6.52 -15.66
C VAL B 234 40.59 7.94 -16.22
N GLY B 235 40.25 8.09 -17.51
CA GLY B 235 40.39 9.34 -18.24
C GLY B 235 40.14 10.58 -17.38
N ASP B 236 39.22 10.46 -16.41
CA ASP B 236 38.84 11.56 -15.55
C ASP B 236 39.63 11.55 -14.24
N LEU B 237 39.71 10.38 -13.61
CA LEU B 237 40.32 10.32 -12.26
C LEU B 237 41.79 9.90 -12.29
N HIS B 238 42.24 9.28 -13.37
CA HIS B 238 43.66 8.84 -13.41
C HIS B 238 43.89 7.91 -12.21
N TYR B 239 44.78 8.27 -11.30
CA TYR B 239 45.15 7.46 -10.11
C TYR B 239 44.03 7.18 -9.11
N MET B 240 43.17 8.17 -8.82
CA MET B 240 42.15 8.02 -7.81
C MET B 240 41.14 6.93 -8.18
N THR B 241 41.29 6.33 -9.36
CA THR B 241 40.22 5.53 -9.94
C THR B 241 39.92 4.27 -9.12
N PRO B 242 40.90 3.55 -8.54
CA PRO B 242 40.60 2.33 -7.76
C PRO B 242 39.73 2.59 -6.54
N PHE B 243 39.93 3.75 -5.91
CA PHE B 243 39.19 4.23 -4.76
C PHE B 243 37.74 4.46 -5.16
N VAL B 244 37.49 5.56 -5.90
CA VAL B 244 36.19 6.02 -6.36
C VAL B 244 35.43 4.93 -7.12
N SER B 245 36.09 3.82 -7.48
CA SER B 245 35.39 2.76 -8.20
C SER B 245 34.95 1.67 -7.23
N VAL B 246 35.70 1.51 -6.13
CA VAL B 246 35.40 0.49 -5.13
C VAL B 246 34.21 0.98 -4.28
N PHE B 247 34.19 2.29 -4.00
CA PHE B 247 33.14 3.03 -3.35
C PHE B 247 31.81 2.88 -4.09
N ILE B 248 31.83 3.00 -5.42
CA ILE B 248 30.66 2.80 -6.26
C ILE B 248 30.27 1.32 -6.26
N SER B 249 31.27 0.44 -6.30
CA SER B 249 30.94 -0.97 -6.39
C SER B 249 30.40 -1.49 -5.05
N TYR B 250 30.88 -0.90 -3.95
CA TYR B 250 30.37 -1.26 -2.64
C TYR B 250 28.86 -0.98 -2.62
N THR B 251 28.52 0.28 -2.90
CA THR B 251 27.16 0.80 -2.95
C THR B 251 26.26 -0.11 -3.78
N PHE B 252 26.62 -0.38 -5.04
CA PHE B 252 25.74 -1.19 -5.87
C PHE B 252 25.65 -2.62 -5.35
N LEU B 253 26.75 -3.18 -4.83
CA LEU B 253 26.76 -4.59 -4.52
C LEU B 253 26.12 -4.85 -3.16
N SER B 254 26.35 -3.93 -2.20
CA SER B 254 25.67 -3.96 -0.91
C SER B 254 24.17 -4.09 -1.13
N TRP B 255 23.63 -3.15 -1.90
CA TRP B 255 22.22 -3.04 -2.17
C TRP B 255 21.69 -4.32 -2.81
N ASP B 256 22.43 -4.87 -3.80
CA ASP B 256 21.93 -6.04 -4.48
C ASP B 256 21.88 -7.26 -3.54
N SER B 257 22.86 -7.41 -2.66
CA SER B 257 22.91 -8.64 -1.88
C SER B 257 21.90 -8.60 -0.73
N LEU B 258 21.70 -7.39 -0.17
CA LEU B 258 20.71 -7.17 0.86
C LEU B 258 19.33 -7.57 0.34
N ALA B 259 18.98 -7.07 -0.85
CA ALA B 259 17.76 -7.46 -1.52
C ALA B 259 17.64 -8.98 -1.61
N GLU B 260 18.71 -9.64 -2.09
CA GLU B 260 18.79 -11.08 -2.21
C GLU B 260 18.56 -11.76 -0.86
N GLU B 261 19.09 -11.15 0.22
CA GLU B 261 18.90 -11.70 1.55
C GLU B 261 17.41 -11.63 1.95
N LEU B 262 16.83 -10.43 1.85
CA LEU B 262 15.51 -10.14 2.38
C LEU B 262 14.41 -10.87 1.60
N GLU B 263 14.69 -11.27 0.35
CA GLU B 263 13.72 -11.91 -0.53
C GLU B 263 13.29 -13.24 0.04
N ASP B 264 14.20 -13.87 0.80
CA ASP B 264 14.04 -15.19 1.40
C ASP B 264 13.98 -15.03 2.92
N PRO B 265 12.86 -14.54 3.50
CA PRO B 265 12.85 -14.08 4.88
C PRO B 265 12.87 -15.23 5.89
N PHE B 266 12.68 -16.47 5.40
CA PHE B 266 12.73 -17.65 6.22
C PHE B 266 14.07 -18.37 6.06
N GLY B 267 15.00 -17.78 5.28
CA GLY B 267 16.37 -18.27 5.13
C GLY B 267 17.17 -18.08 6.43
N THR B 268 18.46 -18.43 6.42
CA THR B 268 19.22 -18.39 7.66
C THR B 268 20.32 -17.33 7.62
N ALA B 269 20.27 -16.46 6.60
CA ALA B 269 21.14 -15.30 6.50
C ALA B 269 20.89 -14.33 7.66
N ALA B 270 21.75 -13.31 7.75
CA ALA B 270 21.87 -12.52 8.96
C ALA B 270 20.68 -11.58 9.07
N ASN B 271 20.13 -11.20 7.91
CA ASN B 271 19.10 -10.16 7.89
C ASN B 271 17.71 -10.78 7.75
N ASP B 272 17.65 -12.13 7.76
CA ASP B 272 16.40 -12.87 7.74
C ASP B 272 15.75 -12.90 9.12
N LEU B 273 14.60 -13.60 9.21
CA LEU B 273 13.76 -13.55 10.41
C LEU B 273 14.32 -14.52 11.45
N PRO B 274 14.41 -14.08 12.73
CA PRO B 274 14.72 -14.98 13.83
C PRO B 274 13.56 -15.91 14.19
N LEU B 275 13.35 -16.94 13.35
CA LEU B 275 12.22 -17.85 13.48
C LEU B 275 12.33 -18.67 14.76
N ASN B 276 13.57 -19.00 15.16
CA ASN B 276 13.76 -19.78 16.37
C ASN B 276 13.36 -18.94 17.58
N ALA B 277 13.83 -17.68 17.63
CA ALA B 277 13.49 -16.80 18.75
C ALA B 277 11.97 -16.57 18.82
N MET B 278 11.34 -16.40 17.65
CA MET B 278 9.92 -16.12 17.58
C MET B 278 9.08 -17.30 18.08
N CYS B 279 9.46 -18.53 17.75
CA CYS B 279 8.78 -19.67 18.35
C CYS B 279 9.05 -19.78 19.84
N ASN B 280 10.26 -19.40 20.30
CA ASN B 280 10.55 -19.44 21.73
C ASN B 280 9.59 -18.49 22.44
N THR B 281 9.43 -17.29 21.87
CA THR B 281 8.54 -16.30 22.46
C THR B 281 7.11 -16.83 22.56
N ILE B 282 6.61 -17.45 21.48
CA ILE B 282 5.25 -17.96 21.42
C ILE B 282 5.03 -18.98 22.54
N GLU B 283 5.99 -19.91 22.62
CA GLU B 283 6.00 -20.95 23.62
C GLU B 283 6.00 -20.35 25.03
N ARG B 284 6.97 -19.47 25.31
CA ARG B 284 7.10 -18.90 26.63
C ARG B 284 5.78 -18.23 27.01
N ASN B 285 5.13 -17.58 26.04
CA ASN B 285 3.88 -16.87 26.23
C ASN B 285 2.78 -17.86 26.67
N LEU B 286 2.45 -18.83 25.83
CA LEU B 286 1.34 -19.72 26.14
C LEU B 286 1.56 -20.52 27.42
N LEU B 287 2.82 -20.89 27.70
CA LEU B 287 3.14 -21.75 28.85
C LEU B 287 3.60 -20.95 30.08
N ASP B 288 3.36 -19.63 30.11
CA ASP B 288 4.06 -18.70 30.99
C ASP B 288 4.24 -19.22 32.42
N MET B 289 3.17 -19.45 33.17
CA MET B 289 3.41 -19.87 34.54
C MET B 289 2.76 -21.23 34.82
N THR B 290 3.39 -22.27 34.28
CA THR B 290 2.83 -23.62 34.16
C THR B 290 1.38 -23.52 33.68
N GLY B 291 1.06 -22.45 32.96
CA GLY B 291 -0.23 -22.31 32.31
C GLY B 291 -1.34 -21.89 33.27
N GLN B 292 -0.95 -21.42 34.45
CA GLN B 292 -1.93 -21.01 35.49
C GLN B 292 -2.47 -19.60 35.19
N HIS B 293 -3.75 -19.38 35.48
CA HIS B 293 -4.40 -18.07 35.22
C HIS B 293 -5.35 -17.71 36.36
N PRO B 294 -5.60 -16.41 36.62
CA PRO B 294 -6.54 -15.98 37.64
C PRO B 294 -8.00 -16.32 37.27
N LEU B 295 -8.85 -16.53 38.28
CA LEU B 295 -10.29 -16.86 38.12
C LEU B 295 -10.44 -18.10 37.23
N LYS C 26 -4.40 14.81 -30.75
CA LYS C 26 -4.08 15.70 -29.58
C LYS C 26 -2.59 15.57 -29.25
N ILE C 27 -2.15 14.34 -28.98
CA ILE C 27 -0.76 14.05 -28.73
C ILE C 27 0.03 14.33 -30.01
N ILE C 28 -0.59 13.99 -31.14
CA ILE C 28 -0.03 14.22 -32.47
C ILE C 28 -0.03 15.71 -32.79
N PHE C 29 -0.97 16.48 -32.23
CA PHE C 29 -0.91 17.92 -32.39
C PHE C 29 0.38 18.45 -31.77
N ARG C 30 0.58 18.16 -30.48
CA ARG C 30 1.72 18.67 -29.73
C ARG C 30 3.02 18.20 -30.37
N LEU C 31 3.02 17.00 -30.94
CA LEU C 31 4.19 16.46 -31.63
C LEU C 31 4.51 17.27 -32.88
N LEU C 32 3.47 17.59 -33.68
CA LEU C 32 3.65 18.40 -34.88
C LEU C 32 4.14 19.79 -34.48
N LEU C 33 3.41 20.45 -33.57
CA LEU C 33 3.84 21.74 -33.05
C LEU C 33 5.29 21.67 -32.56
N ASN C 34 5.75 20.46 -32.21
CA ASN C 34 7.10 20.31 -31.70
C ASN C 34 8.11 20.18 -32.83
N VAL C 35 7.73 19.46 -33.91
CA VAL C 35 8.55 19.42 -35.12
C VAL C 35 8.70 20.83 -35.67
N LEU C 36 7.64 21.63 -35.55
CA LEU C 36 7.66 23.01 -36.04
C LEU C 36 8.68 23.82 -35.24
N MET C 37 8.58 23.77 -33.91
CA MET C 37 9.40 24.58 -33.02
C MET C 37 10.88 24.23 -33.16
N SER C 38 11.18 22.99 -33.57
CA SER C 38 12.54 22.57 -33.86
C SER C 38 13.09 23.37 -35.03
N ILE C 39 12.29 23.47 -36.10
CA ILE C 39 12.65 24.25 -37.27
C ILE C 39 12.88 25.70 -36.86
N ILE C 40 11.94 26.29 -36.10
CA ILE C 40 12.12 27.65 -35.60
C ILE C 40 13.50 27.79 -34.96
N ALA C 41 13.97 26.73 -34.29
CA ALA C 41 15.21 26.80 -33.54
C ALA C 41 16.41 26.68 -34.47
N ILE C 42 16.34 25.74 -35.43
CA ILE C 42 17.36 25.66 -36.48
C ILE C 42 17.46 27.01 -37.19
N ILE C 43 16.37 27.45 -37.86
CA ILE C 43 16.46 28.60 -38.74
C ILE C 43 16.98 29.82 -37.96
N SER C 44 16.78 29.82 -36.63
CA SER C 44 17.10 31.00 -35.85
C SER C 44 18.33 30.81 -34.96
N TYR C 45 19.04 29.69 -35.15
CA TYR C 45 20.27 29.45 -34.40
C TYR C 45 21.35 30.44 -34.85
N GLN C 46 21.25 30.88 -36.11
CA GLN C 46 22.19 31.83 -36.69
C GLN C 46 22.20 33.11 -35.86
N TRP C 47 21.01 33.67 -35.60
CA TRP C 47 20.82 34.89 -34.83
C TRP C 47 21.20 34.70 -33.36
N TYR C 48 21.45 33.45 -32.93
CA TYR C 48 21.71 33.13 -31.54
C TYR C 48 22.86 33.97 -31.00
N GLU C 49 24.06 33.76 -31.57
CA GLU C 49 25.24 34.52 -31.20
C GLU C 49 24.91 36.00 -31.22
N GLN C 50 24.25 36.43 -32.31
CA GLN C 50 23.98 37.82 -32.63
C GLN C 50 23.03 38.46 -31.61
N LEU C 51 22.03 37.70 -31.14
CA LEU C 51 21.03 38.24 -30.22
C LEU C 51 21.51 38.09 -28.77
N GLY C 52 22.55 37.27 -28.55
CA GLY C 52 23.19 37.12 -27.25
C GLY C 52 22.48 36.12 -26.34
N ILE C 53 22.18 34.93 -26.88
CA ILE C 53 21.45 33.90 -26.16
C ILE C 53 22.16 32.55 -26.31
N HIS C 54 22.66 32.04 -25.18
CA HIS C 54 23.21 30.69 -25.11
C HIS C 54 22.28 29.78 -24.30
N LEU C 55 22.10 28.52 -24.75
CA LEU C 55 21.25 27.54 -24.09
C LEU C 55 21.93 26.17 -24.11
N THR C 56 22.51 25.76 -22.98
CA THR C 56 23.19 24.47 -22.90
C THR C 56 22.19 23.36 -22.58
N VAL C 57 22.65 22.12 -22.75
CA VAL C 57 21.85 20.93 -22.49
C VAL C 57 21.73 20.72 -20.98
N ALA C 58 22.86 20.72 -20.27
CA ALA C 58 22.96 20.37 -18.85
C ALA C 58 21.81 20.90 -17.99
N PRO C 59 21.45 22.20 -18.04
CA PRO C 59 20.33 22.72 -17.25
C PRO C 59 18.98 22.09 -17.62
N PHE C 60 18.78 21.84 -18.92
CA PHE C 60 17.57 21.20 -19.41
C PHE C 60 17.51 19.73 -18.98
N SER C 61 18.69 19.12 -18.77
CA SER C 61 18.78 17.75 -18.28
C SER C 61 18.22 17.70 -16.86
N LEU C 62 18.60 18.70 -16.05
CA LEU C 62 18.25 18.76 -14.65
C LEU C 62 16.73 18.90 -14.53
N LEU C 63 16.17 19.95 -15.15
CA LEU C 63 14.74 20.16 -15.25
C LEU C 63 14.07 18.89 -15.78
N GLY C 64 14.62 18.33 -16.85
CA GLY C 64 14.06 17.16 -17.48
C GLY C 64 13.93 15.98 -16.52
N ILE C 65 14.99 15.74 -15.74
CA ILE C 65 15.00 14.59 -14.85
C ILE C 65 14.04 14.86 -13.69
N ALA C 66 14.09 16.08 -13.15
CA ALA C 66 13.16 16.50 -12.12
C ALA C 66 11.74 16.14 -12.56
N ILE C 67 11.35 16.57 -13.77
CA ILE C 67 10.00 16.44 -14.28
C ILE C 67 9.68 14.96 -14.47
N ALA C 68 10.68 14.18 -14.89
CA ALA C 68 10.47 12.76 -15.11
C ALA C 68 10.10 12.10 -13.78
N ILE C 69 10.83 12.47 -12.71
CA ILE C 69 10.61 11.88 -11.40
C ILE C 69 9.19 12.20 -10.97
N PHE C 70 8.80 13.46 -11.15
CA PHE C 70 7.47 13.91 -10.83
C PHE C 70 6.42 13.17 -11.66
N LEU C 71 6.66 12.96 -12.96
CA LEU C 71 5.66 12.27 -13.78
C LEU C 71 5.57 10.81 -13.35
N GLY C 72 6.71 10.24 -12.98
CA GLY C 72 6.77 8.87 -12.48
C GLY C 72 5.89 8.66 -11.25
N PHE C 73 6.05 9.54 -10.24
CA PHE C 73 5.29 9.45 -9.02
C PHE C 73 3.81 9.65 -9.33
N ARG C 74 3.53 10.71 -10.10
CA ARG C 74 2.15 11.09 -10.38
C ARG C 74 1.44 9.96 -11.10
N ASN C 75 2.06 9.46 -12.15
CA ASN C 75 1.44 8.47 -13.01
C ASN C 75 1.04 7.25 -12.16
N SER C 76 1.87 6.97 -11.16
CA SER C 76 1.70 5.84 -10.28
C SER C 76 0.54 6.09 -9.33
N ALA C 77 0.29 7.35 -8.97
CA ALA C 77 -0.91 7.65 -8.20
C ALA C 77 -2.16 7.47 -9.07
N SER C 78 -2.07 7.89 -10.34
CA SER C 78 -3.17 7.77 -11.28
C SER C 78 -3.55 6.31 -11.47
N TYR C 79 -2.56 5.47 -11.77
CA TYR C 79 -2.77 4.05 -11.91
C TYR C 79 -3.47 3.49 -10.66
N SER C 80 -3.07 3.97 -9.48
CA SER C 80 -3.62 3.45 -8.23
C SER C 80 -5.13 3.70 -8.17
N ARG C 81 -5.52 4.90 -8.59
CA ARG C 81 -6.92 5.28 -8.58
C ARG C 81 -7.71 4.39 -9.53
N PHE C 82 -7.13 4.14 -10.70
CA PHE C 82 -7.75 3.35 -11.75
C PHE C 82 -7.97 1.92 -11.25
N VAL C 83 -6.94 1.34 -10.64
CA VAL C 83 -7.01 -0.02 -10.10
C VAL C 83 -8.05 -0.10 -8.99
N GLU C 84 -8.17 0.96 -8.19
CA GLU C 84 -9.14 0.97 -7.12
C GLU C 84 -10.55 1.03 -7.72
N ALA C 85 -10.74 1.89 -8.73
CA ALA C 85 -12.04 1.99 -9.39
C ALA C 85 -12.43 0.63 -9.93
N ARG C 86 -11.48 -0.04 -10.61
CA ARG C 86 -11.76 -1.32 -11.24
C ARG C 86 -12.24 -2.29 -10.17
N ASN C 87 -11.52 -2.29 -9.05
CA ASN C 87 -11.73 -3.16 -7.90
C ASN C 87 -13.13 -2.99 -7.33
N LEU C 88 -13.56 -1.73 -7.16
CA LEU C 88 -14.85 -1.40 -6.58
C LEU C 88 -15.97 -2.01 -7.41
N TRP C 89 -15.86 -1.88 -8.74
CA TRP C 89 -16.80 -2.49 -9.67
C TRP C 89 -16.75 -4.00 -9.58
N GLY C 90 -15.55 -4.54 -9.30
CA GLY C 90 -15.39 -5.97 -9.10
C GLY C 90 -16.26 -6.44 -7.93
N THR C 91 -16.31 -5.62 -6.88
CA THR C 91 -17.10 -5.93 -5.70
C THR C 91 -18.60 -5.89 -5.98
N VAL C 92 -19.07 -5.03 -6.90
CA VAL C 92 -20.49 -5.03 -7.22
C VAL C 92 -20.87 -6.45 -7.63
N LEU C 93 -20.15 -6.97 -8.62
CA LEU C 93 -20.39 -8.30 -9.16
C LEU C 93 -20.30 -9.33 -8.03
N ILE C 94 -19.24 -9.25 -7.23
CA ILE C 94 -19.07 -10.27 -6.19
C ILE C 94 -20.23 -10.19 -5.20
N ALA C 95 -20.44 -9.02 -4.58
CA ALA C 95 -21.46 -8.88 -3.54
C ALA C 95 -22.84 -9.26 -4.09
N GLU C 96 -23.12 -8.86 -5.33
CA GLU C 96 -24.44 -9.14 -5.89
C GLU C 96 -24.62 -10.63 -6.12
N ARG C 97 -23.60 -11.28 -6.70
CA ARG C 97 -23.63 -12.73 -6.87
C ARG C 97 -23.89 -13.40 -5.52
N THR C 98 -23.18 -12.96 -4.47
CA THR C 98 -23.25 -13.70 -3.22
C THR C 98 -24.58 -13.46 -2.52
N LEU C 99 -25.16 -12.27 -2.71
CA LEU C 99 -26.48 -11.98 -2.16
C LEU C 99 -27.52 -12.92 -2.79
N VAL C 100 -27.57 -12.95 -4.12
CA VAL C 100 -28.44 -13.90 -4.79
C VAL C 100 -28.19 -15.32 -4.30
N ARG C 101 -26.91 -15.70 -4.13
CA ARG C 101 -26.57 -17.04 -3.66
C ARG C 101 -27.20 -17.30 -2.30
N GLN C 102 -27.08 -16.33 -1.39
CA GLN C 102 -27.58 -16.50 -0.04
C GLN C 102 -29.11 -16.62 -0.08
N LEU C 103 -29.75 -15.79 -0.91
CA LEU C 103 -31.20 -15.84 -1.07
C LEU C 103 -31.67 -17.22 -1.52
N ARG C 104 -31.02 -17.79 -2.54
CA ARG C 104 -31.38 -19.11 -3.03
C ARG C 104 -31.11 -20.17 -1.98
N ASN C 105 -29.95 -20.12 -1.33
CA ASN C 105 -29.61 -21.16 -0.37
C ASN C 105 -30.46 -21.06 0.89
N ILE C 106 -30.95 -19.86 1.25
CA ILE C 106 -31.56 -19.74 2.57
C ILE C 106 -33.08 -19.74 2.42
N LEU C 107 -33.55 -19.19 1.30
CA LEU C 107 -34.96 -19.08 1.03
C LEU C 107 -35.24 -19.67 -0.35
N PRO C 108 -34.95 -20.98 -0.59
CA PRO C 108 -35.12 -21.57 -1.92
C PRO C 108 -36.52 -21.41 -2.54
N ALA C 109 -37.56 -21.25 -1.71
CA ALA C 109 -38.93 -21.21 -2.22
C ALA C 109 -39.38 -19.78 -2.55
N GLU C 110 -38.68 -18.77 -2.02
CA GLU C 110 -39.18 -17.40 -2.07
C GLU C 110 -38.78 -16.71 -3.37
N HIS C 111 -39.25 -17.24 -4.50
CA HIS C 111 -38.73 -16.84 -5.79
C HIS C 111 -39.28 -15.47 -6.21
N ASP C 112 -40.37 -15.03 -5.58
CA ASP C 112 -40.86 -13.67 -5.80
C ASP C 112 -39.83 -12.69 -5.28
N ALA C 113 -39.35 -12.95 -4.06
CA ALA C 113 -38.34 -12.11 -3.46
C ALA C 113 -37.08 -12.18 -4.32
N HIS C 114 -36.73 -13.40 -4.74
CA HIS C 114 -35.58 -13.57 -5.61
C HIS C 114 -35.61 -12.53 -6.73
N ARG C 115 -36.79 -12.41 -7.36
CA ARG C 115 -36.88 -11.66 -8.60
C ARG C 115 -36.81 -10.17 -8.30
N ARG C 116 -37.47 -9.76 -7.21
CA ARG C 116 -37.57 -8.35 -6.88
C ARG C 116 -36.20 -7.83 -6.45
N ILE C 117 -35.51 -8.60 -5.61
CA ILE C 117 -34.21 -8.19 -5.13
C ILE C 117 -33.22 -8.11 -6.30
N VAL C 118 -33.28 -9.11 -7.19
CA VAL C 118 -32.43 -9.11 -8.36
C VAL C 118 -32.68 -7.85 -9.18
N SER C 119 -33.95 -7.43 -9.25
CA SER C 119 -34.35 -6.22 -9.97
C SER C 119 -33.63 -4.99 -9.41
N TYR C 120 -33.60 -4.91 -8.07
CA TYR C 120 -32.91 -3.85 -7.38
C TYR C 120 -31.39 -3.94 -7.60
N LEU C 121 -30.83 -5.15 -7.45
CA LEU C 121 -29.39 -5.27 -7.60
C LEU C 121 -28.99 -4.84 -9.02
N VAL C 122 -29.85 -5.08 -10.00
CA VAL C 122 -29.50 -4.76 -11.37
C VAL C 122 -29.70 -3.25 -11.58
N ALA C 123 -30.81 -2.75 -11.04
CA ALA C 123 -31.05 -1.31 -10.93
C ALA C 123 -29.85 -0.61 -10.27
N PHE C 124 -29.35 -1.19 -9.17
CA PHE C 124 -28.20 -0.61 -8.49
C PHE C 124 -27.04 -0.38 -9.48
N SER C 125 -26.66 -1.42 -10.25
CA SER C 125 -25.47 -1.32 -11.08
C SER C 125 -25.67 -0.26 -12.15
N TRP C 126 -26.84 -0.31 -12.80
CA TRP C 126 -27.04 0.61 -13.89
C TRP C 126 -27.08 2.02 -13.32
N SER C 127 -27.76 2.17 -12.18
CA SER C 127 -27.86 3.48 -11.57
C SER C 127 -26.47 4.01 -11.18
N LEU C 128 -25.56 3.10 -10.79
CA LEU C 128 -24.23 3.51 -10.40
C LEU C 128 -23.43 4.02 -11.61
N LYS C 129 -23.51 3.28 -12.72
CA LYS C 129 -22.94 3.75 -13.98
C LYS C 129 -23.42 5.18 -14.28
N HIS C 130 -24.75 5.39 -14.22
CA HIS C 130 -25.34 6.69 -14.53
C HIS C 130 -24.77 7.78 -13.64
N GLN C 131 -24.73 7.50 -12.34
CA GLN C 131 -24.21 8.42 -11.35
C GLN C 131 -22.78 8.83 -11.70
N LEU C 132 -21.96 7.85 -12.07
CA LEU C 132 -20.56 8.13 -12.30
C LEU C 132 -20.38 8.82 -13.65
N ARG C 133 -21.26 8.52 -14.61
CA ARG C 133 -21.21 9.15 -15.93
C ARG C 133 -22.04 10.44 -15.97
N LYS C 134 -22.73 10.78 -14.87
CA LYS C 134 -23.60 11.94 -14.77
C LYS C 134 -24.64 11.92 -15.89
N THR C 135 -25.26 10.76 -16.11
CA THR C 135 -26.30 10.63 -17.12
C THR C 135 -27.61 10.27 -16.44
N ASP C 136 -28.70 10.28 -17.22
CA ASP C 136 -30.04 10.08 -16.69
C ASP C 136 -30.28 8.57 -16.48
N PRO C 137 -30.61 8.10 -15.25
CA PRO C 137 -30.97 6.69 -15.04
C PRO C 137 -32.39 6.21 -15.42
N THR C 138 -33.24 7.11 -15.94
CA THR C 138 -34.67 6.87 -16.06
C THR C 138 -35.03 5.71 -16.98
N ALA C 139 -34.40 5.64 -18.16
CA ALA C 139 -34.72 4.56 -19.09
C ALA C 139 -34.44 3.20 -18.45
N ASP C 140 -33.19 2.98 -18.03
CA ASP C 140 -32.77 1.75 -17.39
C ASP C 140 -33.69 1.45 -16.19
N LEU C 141 -34.01 2.46 -15.37
CA LEU C 141 -34.85 2.16 -14.22
C LEU C 141 -36.22 1.63 -14.68
N ARG C 142 -36.77 2.23 -15.73
CA ARG C 142 -38.10 1.88 -16.21
C ARG C 142 -38.10 0.47 -16.79
N ARG C 143 -36.98 0.06 -17.36
CA ARG C 143 -36.87 -1.26 -17.94
C ARG C 143 -36.94 -2.31 -16.84
N LEU C 144 -36.61 -1.93 -15.59
CA LEU C 144 -36.31 -2.90 -14.56
C LEU C 144 -37.35 -2.90 -13.44
N LEU C 145 -38.01 -1.75 -13.19
CA LEU C 145 -38.83 -1.63 -11.99
C LEU C 145 -40.17 -1.00 -12.31
N PRO C 146 -41.22 -1.27 -11.48
CA PRO C 146 -42.49 -0.54 -11.58
C PRO C 146 -42.31 0.98 -11.39
N GLU C 147 -43.19 1.77 -12.04
CA GLU C 147 -43.09 3.22 -12.11
C GLU C 147 -43.12 3.88 -10.72
N GLU C 148 -43.96 3.41 -9.78
CA GLU C 148 -43.95 3.96 -8.42
C GLU C 148 -42.54 3.95 -7.85
N ARG C 149 -41.76 2.90 -8.15
CA ARG C 149 -40.44 2.70 -7.56
C ARG C 149 -39.44 3.65 -8.23
N VAL C 150 -39.58 3.80 -9.54
CA VAL C 150 -38.82 4.79 -10.29
C VAL C 150 -38.99 6.18 -9.69
N THR C 151 -40.25 6.56 -9.39
CA THR C 151 -40.50 7.91 -8.91
C THR C 151 -39.78 8.13 -7.59
N GLU C 152 -39.84 7.12 -6.72
CA GLU C 152 -39.21 7.12 -5.40
C GLU C 152 -37.70 7.24 -5.58
N ILE C 153 -37.14 6.44 -6.49
CA ILE C 153 -35.71 6.41 -6.71
C ILE C 153 -35.23 7.74 -7.33
N LEU C 154 -36.01 8.29 -8.27
CA LEU C 154 -35.62 9.50 -8.97
C LEU C 154 -35.70 10.72 -8.05
N ALA C 155 -36.62 10.69 -7.08
CA ALA C 155 -36.84 11.77 -6.15
C ALA C 155 -35.65 11.99 -5.20
N SER C 156 -34.73 11.03 -5.15
CA SER C 156 -33.74 11.06 -4.09
C SER C 156 -32.44 11.67 -4.62
N SER C 157 -31.83 12.53 -3.81
CA SER C 157 -30.52 13.14 -4.07
C SER C 157 -29.48 12.08 -4.47
N MET C 158 -29.79 10.81 -4.20
CA MET C 158 -28.84 9.75 -4.49
C MET C 158 -29.61 8.47 -4.84
N PRO C 159 -30.01 8.29 -6.13
CA PRO C 159 -30.81 7.12 -6.53
C PRO C 159 -30.24 5.76 -6.12
N THR C 160 -28.90 5.62 -6.14
CA THR C 160 -28.28 4.34 -5.79
C THR C 160 -28.52 4.00 -4.32
N ASN C 161 -28.49 5.02 -3.46
CA ASN C 161 -28.71 4.83 -2.04
C ASN C 161 -30.15 4.38 -1.80
N ARG C 162 -31.10 4.98 -2.53
CA ARG C 162 -32.50 4.66 -2.39
C ARG C 162 -32.74 3.24 -2.88
N ILE C 163 -32.02 2.82 -3.92
CA ILE C 163 -32.18 1.44 -4.38
C ILE C 163 -31.73 0.46 -3.29
N LEU C 164 -30.61 0.74 -2.62
CA LEU C 164 -30.15 -0.20 -1.58
C LEU C 164 -31.19 -0.30 -0.46
N LEU C 165 -31.80 0.84 -0.12
CA LEU C 165 -32.83 0.90 0.91
C LEU C 165 -34.03 0.03 0.52
N LEU C 166 -34.38 0.03 -0.77
CA LEU C 166 -35.50 -0.77 -1.23
C LEU C 166 -35.17 -2.26 -1.17
N ALA C 167 -34.01 -2.65 -1.72
CA ALA C 167 -33.48 -3.99 -1.52
C ALA C 167 -33.52 -4.36 -0.04
N GLY C 168 -33.12 -3.43 0.83
CA GLY C 168 -33.16 -3.63 2.28
C GLY C 168 -34.55 -3.93 2.85
N ASN C 169 -35.62 -3.31 2.31
CA ASN C 169 -36.98 -3.57 2.75
C ASN C 169 -37.38 -4.99 2.39
N GLU C 170 -36.94 -5.47 1.21
CA GLU C 170 -37.32 -6.80 0.79
C GLU C 170 -36.85 -7.80 1.85
N ILE C 171 -35.56 -7.75 2.18
CA ILE C 171 -35.04 -8.72 3.13
C ILE C 171 -35.65 -8.41 4.48
N GLY C 172 -35.84 -7.13 4.77
CA GLY C 172 -36.45 -6.71 6.01
C GLY C 172 -37.86 -7.27 6.19
N GLN C 173 -38.63 -7.29 5.10
CA GLN C 173 -40.00 -7.78 5.15
C GLN C 173 -40.00 -9.29 5.34
N LEU C 174 -39.04 -9.97 4.72
CA LEU C 174 -38.85 -11.39 4.96
C LEU C 174 -38.51 -11.67 6.41
N ARG C 175 -37.81 -10.73 7.06
CA ARG C 175 -37.45 -10.88 8.47
C ARG C 175 -38.71 -10.69 9.32
N GLU C 176 -39.48 -9.63 9.03
CA GLU C 176 -40.71 -9.35 9.76
C GLU C 176 -41.64 -10.55 9.71
N ALA C 177 -41.69 -11.22 8.56
CA ALA C 177 -42.63 -12.30 8.30
C ALA C 177 -42.13 -13.59 8.94
N GLY C 178 -40.96 -13.54 9.60
CA GLY C 178 -40.41 -14.72 10.25
C GLY C 178 -39.75 -15.69 9.26
N LYS C 179 -39.61 -15.29 7.99
CA LYS C 179 -39.01 -16.18 7.01
C LYS C 179 -37.49 -16.10 7.04
N LEU C 180 -36.95 -14.98 7.55
CA LEU C 180 -35.53 -14.88 7.89
C LEU C 180 -35.42 -14.68 9.40
N SER C 181 -34.37 -15.25 9.97
CA SER C 181 -34.02 -14.98 11.35
C SER C 181 -33.19 -13.70 11.40
N ASP C 182 -32.94 -13.21 12.61
CA ASP C 182 -32.02 -12.11 12.80
C ASP C 182 -30.66 -12.45 12.17
N ILE C 183 -30.17 -13.68 12.39
CA ILE C 183 -28.87 -14.10 11.89
C ILE C 183 -28.87 -14.09 10.37
N THR C 184 -29.92 -14.67 9.75
CA THR C 184 -29.87 -14.83 8.30
C THR C 184 -30.16 -13.50 7.62
N TYR C 185 -30.97 -12.65 8.27
CA TYR C 185 -31.15 -11.31 7.74
C TYR C 185 -29.79 -10.63 7.74
N GLY C 186 -29.03 -10.87 8.82
CA GLY C 186 -27.75 -10.21 9.01
C GLY C 186 -26.74 -10.58 7.92
N LEU C 187 -26.70 -11.86 7.55
CA LEU C 187 -25.74 -12.31 6.56
C LEU C 187 -25.97 -11.55 5.26
N MET C 188 -27.24 -11.22 4.98
CA MET C 188 -27.67 -10.56 3.77
C MET C 188 -27.49 -9.06 3.90
N ASP C 189 -27.88 -8.49 5.05
CA ASP C 189 -27.55 -7.12 5.36
C ASP C 189 -26.09 -6.78 5.04
N ASN C 190 -25.17 -7.68 5.43
CA ASN C 190 -23.74 -7.49 5.20
C ASN C 190 -23.46 -7.15 3.74
N LYS C 191 -24.17 -7.81 2.81
CA LYS C 191 -23.91 -7.63 1.39
C LYS C 191 -24.34 -6.24 0.93
N LEU C 192 -25.44 -5.73 1.49
CA LEU C 192 -25.90 -4.38 1.20
C LEU C 192 -24.89 -3.39 1.75
N ASP C 193 -24.32 -3.73 2.91
CA ASP C 193 -23.25 -2.97 3.53
C ASP C 193 -22.06 -2.87 2.56
N GLU C 194 -21.72 -3.98 1.91
CA GLU C 194 -20.63 -3.99 0.94
C GLU C 194 -20.95 -3.08 -0.25
N LEU C 195 -22.19 -3.15 -0.75
CA LEU C 195 -22.57 -2.28 -1.86
C LEU C 195 -22.49 -0.81 -1.46
N ALA C 196 -22.91 -0.46 -0.25
CA ALA C 196 -22.74 0.89 0.27
C ALA C 196 -21.29 1.35 0.19
N HIS C 197 -20.35 0.48 0.62
CA HIS C 197 -18.90 0.71 0.56
C HIS C 197 -18.44 0.99 -0.87
N VAL C 198 -18.95 0.22 -1.84
CA VAL C 198 -18.65 0.41 -3.25
C VAL C 198 -19.11 1.79 -3.70
N LEU C 199 -20.36 2.10 -3.36
CA LEU C 199 -20.96 3.38 -3.72
C LEU C 199 -20.09 4.52 -3.21
N GLY C 200 -19.80 4.50 -1.91
CA GLY C 200 -18.92 5.45 -1.28
C GLY C 200 -17.57 5.57 -1.97
N GLY C 201 -16.95 4.44 -2.28
CA GLY C 201 -15.61 4.50 -2.85
C GLY C 201 -15.60 5.16 -4.23
N CYS C 202 -16.63 4.86 -5.04
CA CYS C 202 -16.76 5.43 -6.37
C CYS C 202 -17.11 6.91 -6.25
N GLU C 203 -17.93 7.25 -5.26
CA GLU C 203 -18.26 8.64 -5.07
C GLU C 203 -16.97 9.39 -4.74
N ARG C 204 -16.15 8.76 -3.90
CA ARG C 204 -14.90 9.37 -3.48
C ARG C 204 -13.97 9.50 -4.67
N LEU C 205 -13.87 8.48 -5.54
CA LEU C 205 -12.97 8.56 -6.68
C LEU C 205 -13.45 9.51 -7.77
N ALA C 206 -14.75 9.80 -7.82
CA ALA C 206 -15.32 10.62 -8.87
C ALA C 206 -15.17 12.10 -8.50
N THR C 207 -15.43 12.42 -7.24
CA THR C 207 -15.43 13.79 -6.75
C THR C 207 -14.08 14.08 -6.12
N THR C 208 -13.02 13.41 -6.60
CA THR C 208 -11.71 13.49 -5.98
C THR C 208 -10.70 14.10 -6.96
N PRO C 209 -11.10 15.05 -7.83
CA PRO C 209 -10.13 15.97 -8.43
C PRO C 209 -9.26 16.55 -7.32
N VAL C 210 -8.02 16.06 -7.22
CA VAL C 210 -6.99 16.67 -6.39
C VAL C 210 -6.80 18.10 -6.91
N PRO C 211 -6.59 19.12 -6.03
CA PRO C 211 -6.86 20.51 -6.39
C PRO C 211 -6.69 20.77 -7.89
N PHE C 212 -7.81 21.01 -8.58
CA PHE C 212 -7.93 21.11 -10.04
C PHE C 212 -6.78 21.92 -10.64
N ALA C 213 -6.14 22.76 -9.81
CA ALA C 213 -5.04 23.60 -10.22
C ALA C 213 -3.81 22.77 -10.60
N TYR C 214 -3.53 21.74 -9.79
CA TYR C 214 -2.20 21.14 -9.71
C TYR C 214 -2.01 19.99 -10.70
N THR C 215 -2.92 19.85 -11.67
CA THR C 215 -2.76 18.91 -12.78
C THR C 215 -2.62 19.70 -14.08
N LEU C 216 -3.20 20.90 -14.08
CA LEU C 216 -3.08 21.87 -15.16
C LEU C 216 -1.65 22.43 -15.14
N ILE C 217 -1.12 22.60 -13.93
CA ILE C 217 0.19 23.19 -13.72
C ILE C 217 1.27 22.21 -14.19
N LEU C 218 1.07 20.90 -13.94
CA LEU C 218 2.04 19.91 -14.37
C LEU C 218 1.94 19.71 -15.88
N GLN C 219 0.82 20.10 -16.47
CA GLN C 219 0.65 19.89 -17.89
C GLN C 219 1.39 20.98 -18.66
N ARG C 220 1.17 22.24 -18.24
CA ARG C 220 1.90 23.35 -18.81
C ARG C 220 3.39 23.12 -18.64
N THR C 221 3.78 22.57 -17.48
CA THR C 221 5.18 22.30 -17.18
C THR C 221 5.79 21.44 -18.29
N VAL C 222 5.25 20.24 -18.50
CA VAL C 222 5.78 19.31 -19.51
C VAL C 222 5.70 19.97 -20.88
N TYR C 223 4.60 20.70 -21.13
CA TYR C 223 4.38 21.37 -22.40
C TYR C 223 5.50 22.39 -22.64
N LEU C 224 5.61 23.37 -21.73
CA LEU C 224 6.63 24.40 -21.82
C LEU C 224 8.02 23.78 -22.02
N PHE C 225 8.36 22.78 -21.19
CA PHE C 225 9.66 22.14 -21.24
C PHE C 225 9.92 21.59 -22.63
N CYS C 226 8.90 20.97 -23.21
CA CYS C 226 9.03 20.31 -24.50
C CYS C 226 9.21 21.32 -25.62
N THR C 227 8.63 22.52 -25.45
CA THR C 227 8.73 23.50 -26.51
C THR C 227 10.05 24.27 -26.41
N LEU C 228 10.58 24.43 -25.19
CA LEU C 228 11.86 25.09 -24.98
C LEU C 228 13.03 24.12 -25.22
N LEU C 229 12.77 22.81 -25.26
CA LEU C 229 13.88 21.87 -25.29
C LEU C 229 14.72 22.03 -26.57
N PRO C 230 14.12 22.16 -27.77
CA PRO C 230 14.91 22.27 -29.01
C PRO C 230 15.82 23.49 -29.05
N PHE C 231 15.30 24.64 -28.62
CA PHE C 231 16.11 25.85 -28.44
C PHE C 231 17.41 25.51 -27.70
N ALA C 232 17.34 24.56 -26.77
CA ALA C 232 18.49 24.22 -25.94
C ALA C 232 19.27 23.11 -26.61
N LEU C 233 18.59 22.30 -27.41
CA LEU C 233 19.19 21.11 -27.98
C LEU C 233 20.04 21.47 -29.20
N VAL C 234 19.76 22.65 -29.78
CA VAL C 234 20.14 22.96 -31.15
C VAL C 234 21.64 23.18 -31.27
N GLY C 235 22.21 23.95 -30.35
CA GLY C 235 23.65 24.15 -30.24
C GLY C 235 24.44 22.85 -30.42
N ASP C 236 23.95 21.74 -29.83
CA ASP C 236 24.67 20.47 -29.88
C ASP C 236 24.28 19.69 -31.14
N LEU C 237 22.97 19.68 -31.41
CA LEU C 237 22.40 18.77 -32.44
C LEU C 237 22.25 19.40 -33.83
N HIS C 238 22.18 20.72 -33.93
CA HIS C 238 22.01 21.35 -35.27
C HIS C 238 20.76 20.79 -35.96
N TYR C 239 20.91 20.20 -37.13
CA TYR C 239 19.79 19.65 -37.93
C TYR C 239 19.11 18.46 -37.26
N MET C 240 19.79 17.74 -36.38
CA MET C 240 19.23 16.57 -35.73
C MET C 240 18.24 16.96 -34.64
N THR C 241 18.29 18.23 -34.21
CA THR C 241 17.37 18.79 -33.23
C THR C 241 15.99 18.13 -33.30
N PRO C 242 15.20 18.30 -34.41
CA PRO C 242 13.81 17.87 -34.41
C PRO C 242 13.59 16.38 -34.14
N PHE C 243 14.55 15.54 -34.57
CA PHE C 243 14.43 14.10 -34.38
C PHE C 243 14.52 13.77 -32.89
N VAL C 244 15.54 14.31 -32.22
CA VAL C 244 15.77 14.02 -30.82
C VAL C 244 14.68 14.70 -30.01
N SER C 245 14.41 15.97 -30.32
CA SER C 245 13.40 16.76 -29.64
C SER C 245 12.01 16.12 -29.74
N VAL C 246 11.72 15.43 -30.85
CA VAL C 246 10.40 14.82 -30.98
C VAL C 246 10.37 13.53 -30.16
N PHE C 247 11.44 12.73 -30.25
CA PHE C 247 11.54 11.49 -29.50
C PHE C 247 11.35 11.75 -28.00
N ILE C 248 11.96 12.83 -27.50
CA ILE C 248 11.91 13.16 -26.09
C ILE C 248 10.49 13.61 -25.73
N SER C 249 9.92 14.50 -26.56
CA SER C 249 8.59 15.04 -26.28
C SER C 249 7.54 13.92 -26.33
N TYR C 250 7.71 12.98 -27.25
CA TYR C 250 6.79 11.86 -27.31
C TYR C 250 6.78 11.14 -25.96
N THR C 251 7.96 10.69 -25.53
CA THR C 251 8.17 10.04 -24.25
C THR C 251 7.43 10.75 -23.11
N PHE C 252 7.65 12.06 -22.96
CA PHE C 252 7.12 12.76 -21.81
C PHE C 252 5.60 12.92 -21.92
N LEU C 253 5.12 13.23 -23.13
CA LEU C 253 3.70 13.48 -23.33
C LEU C 253 2.92 12.17 -23.22
N SER C 254 3.39 11.10 -23.88
CA SER C 254 2.83 9.77 -23.70
C SER C 254 2.56 9.51 -22.23
N TRP C 255 3.63 9.66 -21.43
CA TRP C 255 3.54 9.44 -19.99
C TRP C 255 2.46 10.30 -19.37
N ASP C 256 2.46 11.61 -19.71
CA ASP C 256 1.60 12.59 -19.05
C ASP C 256 0.13 12.31 -19.34
N SER C 257 -0.18 11.93 -20.59
CA SER C 257 -1.58 11.84 -21.01
C SER C 257 -2.19 10.53 -20.51
N LEU C 258 -1.38 9.47 -20.49
CA LEU C 258 -1.78 8.20 -19.91
C LEU C 258 -2.23 8.39 -18.45
N ALA C 259 -1.42 9.11 -17.67
CA ALA C 259 -1.80 9.55 -16.33
C ALA C 259 -3.18 10.19 -16.33
N GLU C 260 -3.44 11.11 -17.25
CA GLU C 260 -4.69 11.85 -17.30
C GLU C 260 -5.88 10.91 -17.52
N GLU C 261 -5.77 10.01 -18.51
CA GLU C 261 -6.75 8.94 -18.69
C GLU C 261 -7.02 8.23 -17.37
N LEU C 262 -6.01 7.55 -16.82
CA LEU C 262 -6.21 6.72 -15.64
C LEU C 262 -6.81 7.54 -14.48
N GLU C 263 -6.52 8.84 -14.42
CA GLU C 263 -6.92 9.70 -13.31
C GLU C 263 -8.44 9.75 -13.21
N ASP C 264 -9.12 9.71 -14.37
CA ASP C 264 -10.57 9.72 -14.49
C ASP C 264 -11.10 8.39 -15.06
N PRO C 265 -11.13 7.30 -14.25
CA PRO C 265 -11.56 5.99 -14.76
C PRO C 265 -13.03 5.80 -15.15
N PHE C 266 -13.92 6.70 -14.69
CA PHE C 266 -15.34 6.55 -15.01
C PHE C 266 -15.70 7.33 -16.27
N GLY C 267 -14.72 8.01 -16.88
CA GLY C 267 -14.87 8.79 -18.11
C GLY C 267 -15.08 7.92 -19.35
N THR C 268 -14.98 8.52 -20.54
CA THR C 268 -15.36 7.82 -21.77
C THR C 268 -14.17 7.66 -22.72
N ALA C 269 -12.95 7.85 -22.19
CA ALA C 269 -11.73 7.76 -22.99
C ALA C 269 -11.45 6.30 -23.38
N ALA C 270 -10.39 6.15 -24.20
CA ALA C 270 -9.93 4.86 -24.68
C ALA C 270 -9.79 3.91 -23.50
N ASN C 271 -8.94 4.30 -22.54
CA ASN C 271 -8.44 3.40 -21.51
C ASN C 271 -9.22 3.59 -20.20
N ASP C 272 -10.49 3.98 -20.31
CA ASP C 272 -11.38 4.13 -19.15
C ASP C 272 -12.34 2.95 -19.10
N LEU C 273 -12.74 2.56 -17.88
CA LEU C 273 -13.55 1.38 -17.62
C LEU C 273 -14.71 1.23 -18.61
N PRO C 274 -14.88 0.06 -19.27
CA PRO C 274 -16.08 -0.22 -20.05
C PRO C 274 -17.29 -0.49 -19.15
N LEU C 275 -17.88 0.58 -18.60
CA LEU C 275 -18.86 0.45 -17.54
C LEU C 275 -20.15 -0.19 -18.06
N ASN C 276 -20.49 0.05 -19.34
CA ASN C 276 -21.68 -0.57 -19.90
C ASN C 276 -21.47 -2.07 -20.04
N ALA C 277 -20.26 -2.46 -20.45
CA ALA C 277 -19.96 -3.88 -20.56
C ALA C 277 -20.01 -4.53 -19.18
N MET C 278 -19.49 -3.82 -18.17
CA MET C 278 -19.45 -4.37 -16.82
C MET C 278 -20.87 -4.54 -16.28
N CYS C 279 -21.75 -3.58 -16.59
CA CYS C 279 -23.14 -3.65 -16.15
C CYS C 279 -23.88 -4.80 -16.83
N ASN C 280 -23.56 -5.07 -18.12
CA ASN C 280 -24.15 -6.19 -18.85
C ASN C 280 -23.78 -7.51 -18.19
N THR C 281 -22.48 -7.69 -17.95
CA THR C 281 -21.98 -8.87 -17.26
C THR C 281 -22.72 -9.06 -15.94
N ILE C 282 -22.92 -7.96 -15.18
CA ILE C 282 -23.59 -8.05 -13.89
C ILE C 282 -25.01 -8.55 -14.08
N GLU C 283 -25.76 -7.90 -14.99
CA GLU C 283 -27.14 -8.28 -15.24
C GLU C 283 -27.24 -9.75 -15.68
N ARG C 284 -26.31 -10.17 -16.56
CA ARG C 284 -26.35 -11.52 -17.11
C ARG C 284 -26.13 -12.51 -15.99
N ASN C 285 -25.12 -12.26 -15.14
CA ASN C 285 -24.84 -13.13 -14.02
C ASN C 285 -26.08 -13.28 -13.15
N LEU C 286 -26.78 -12.18 -12.85
CA LEU C 286 -27.85 -12.28 -11.88
C LEU C 286 -29.04 -12.99 -12.50
N LEU C 287 -29.22 -12.78 -13.80
CA LEU C 287 -30.26 -13.48 -14.54
C LEU C 287 -29.95 -14.98 -14.62
N ASP C 288 -28.68 -15.33 -14.89
CA ASP C 288 -28.24 -16.71 -14.91
C ASP C 288 -28.56 -17.38 -13.57
N MET C 289 -28.38 -16.66 -12.47
CA MET C 289 -28.45 -17.30 -11.18
C MET C 289 -29.90 -17.52 -10.77
N THR C 290 -30.82 -16.79 -11.41
CA THR C 290 -32.21 -16.81 -10.98
C THR C 290 -33.10 -17.46 -12.03
N GLY C 291 -32.46 -18.23 -12.93
CA GLY C 291 -33.13 -19.11 -13.87
C GLY C 291 -33.82 -18.35 -15.00
N GLN C 292 -33.22 -17.26 -15.47
CA GLN C 292 -33.83 -16.39 -16.47
C GLN C 292 -32.90 -16.26 -17.68
N HIS C 293 -33.46 -15.89 -18.83
CA HIS C 293 -32.74 -16.02 -20.10
C HIS C 293 -32.64 -14.67 -20.82
N PRO C 294 -31.41 -14.14 -21.06
CA PRO C 294 -31.21 -12.99 -21.94
C PRO C 294 -31.77 -13.26 -23.36
N LEU D 24 16.28 -15.45 -32.83
CA LEU D 24 15.18 -16.44 -32.77
C LEU D 24 14.52 -16.38 -31.39
N SER D 25 15.29 -16.02 -30.37
CA SER D 25 14.83 -15.95 -28.96
C SER D 25 14.28 -14.55 -28.64
N LYS D 26 14.27 -13.66 -29.64
CA LYS D 26 13.79 -12.25 -29.59
C LYS D 26 14.75 -11.34 -28.83
N ILE D 27 15.01 -11.60 -27.56
CA ILE D 27 15.93 -10.69 -26.82
C ILE D 27 17.30 -10.75 -27.51
N ILE D 28 17.78 -11.94 -27.85
CA ILE D 28 19.10 -12.06 -28.52
C ILE D 28 19.00 -11.40 -29.88
N PHE D 29 17.89 -11.65 -30.57
CA PHE D 29 17.67 -11.06 -31.91
C PHE D 29 17.75 -9.54 -31.78
N ARG D 30 17.17 -9.00 -30.72
CA ARG D 30 17.17 -7.55 -30.55
C ARG D 30 18.56 -7.07 -30.13
N LEU D 31 19.33 -7.94 -29.45
CA LEU D 31 20.72 -7.66 -29.14
C LEU D 31 21.55 -7.65 -30.43
N LEU D 32 21.39 -8.69 -31.26
CA LEU D 32 22.18 -8.83 -32.47
C LEU D 32 21.82 -7.73 -33.47
N LEU D 33 20.55 -7.37 -33.52
CA LEU D 33 20.09 -6.27 -34.38
C LEU D 33 20.68 -4.96 -33.87
N ASN D 34 21.22 -4.98 -32.65
CA ASN D 34 21.76 -3.80 -32.02
C ASN D 34 23.28 -3.78 -32.22
N VAL D 35 23.91 -4.96 -32.28
CA VAL D 35 25.32 -4.98 -32.64
C VAL D 35 25.46 -4.50 -34.09
N LEU D 36 24.52 -4.90 -34.95
CA LEU D 36 24.48 -4.46 -36.33
C LEU D 36 24.24 -2.95 -36.41
N MET D 37 23.25 -2.47 -35.65
CA MET D 37 22.96 -1.04 -35.64
C MET D 37 24.21 -0.23 -35.28
N SER D 38 25.14 -0.86 -34.55
CA SER D 38 26.34 -0.21 -34.04
C SER D 38 27.39 -0.11 -35.13
N ILE D 39 27.62 -1.22 -35.85
CA ILE D 39 28.58 -1.22 -36.95
C ILE D 39 28.12 -0.19 -38.00
N ILE D 40 26.84 -0.24 -38.37
CA ILE D 40 26.25 0.71 -39.30
C ILE D 40 26.60 2.13 -38.87
N ALA D 41 26.80 2.31 -37.56
CA ALA D 41 27.04 3.62 -36.99
C ALA D 41 28.53 3.96 -37.02
N ILE D 42 29.38 2.93 -36.87
CA ILE D 42 30.82 3.16 -36.96
C ILE D 42 31.14 3.50 -38.41
N ILE D 43 30.70 2.65 -39.35
CA ILE D 43 30.97 2.86 -40.77
C ILE D 43 30.44 4.24 -41.19
N SER D 44 29.27 4.62 -40.68
CA SER D 44 28.59 5.78 -41.21
C SER D 44 28.97 7.05 -40.47
N TYR D 45 29.90 6.96 -39.50
CA TYR D 45 30.26 8.14 -38.73
C TYR D 45 30.96 9.16 -39.62
N GLN D 46 31.68 8.68 -40.64
CA GLN D 46 32.40 9.52 -41.58
C GLN D 46 31.46 10.53 -42.22
N TRP D 47 30.30 10.03 -42.69
CA TRP D 47 29.38 10.81 -43.49
C TRP D 47 28.63 11.83 -42.63
N TYR D 48 28.81 11.79 -41.30
CA TYR D 48 28.03 12.58 -40.37
C TYR D 48 28.27 14.05 -40.59
N GLU D 49 29.55 14.43 -40.61
CA GLU D 49 29.97 15.80 -40.85
C GLU D 49 29.27 16.30 -42.12
N GLN D 50 29.39 15.50 -43.19
CA GLN D 50 28.85 15.83 -44.50
C GLN D 50 27.34 16.04 -44.42
N LEU D 51 26.60 15.02 -43.96
CA LEU D 51 25.15 15.01 -44.05
C LEU D 51 24.54 16.04 -43.10
N GLY D 52 25.33 16.52 -42.13
CA GLY D 52 24.91 17.57 -41.21
C GLY D 52 24.16 17.02 -39.99
N ILE D 53 24.65 15.88 -39.47
CA ILE D 53 24.04 15.23 -38.31
C ILE D 53 25.06 15.18 -37.17
N HIS D 54 24.83 16.04 -36.16
CA HIS D 54 25.59 16.04 -34.92
C HIS D 54 24.73 15.42 -33.80
N LEU D 55 25.30 14.43 -33.10
CA LEU D 55 24.60 13.68 -32.06
C LEU D 55 25.50 13.52 -30.82
N THR D 56 25.16 14.20 -29.73
CA THR D 56 25.89 14.07 -28.48
C THR D 56 25.19 13.08 -27.54
N VAL D 57 25.91 12.67 -26.48
CA VAL D 57 25.38 11.78 -25.46
C VAL D 57 24.33 12.48 -24.58
N ALA D 58 24.58 13.72 -24.17
CA ALA D 58 23.83 14.32 -23.07
C ALA D 58 22.32 14.18 -23.22
N PRO D 59 21.69 14.42 -24.39
CA PRO D 59 20.24 14.33 -24.52
C PRO D 59 19.76 12.89 -24.43
N PHE D 60 20.63 11.93 -24.78
CA PHE D 60 20.30 10.52 -24.68
C PHE D 60 20.33 10.05 -23.23
N SER D 61 21.16 10.70 -22.40
CA SER D 61 21.15 10.53 -20.96
C SER D 61 19.76 10.91 -20.45
N LEU D 62 19.32 12.13 -20.81
CA LEU D 62 18.06 12.66 -20.33
C LEU D 62 16.93 11.70 -20.68
N LEU D 63 16.98 11.19 -21.91
CA LEU D 63 15.95 10.31 -22.40
C LEU D 63 16.06 8.96 -21.70
N GLY D 64 17.27 8.39 -21.72
CA GLY D 64 17.51 7.10 -21.12
C GLY D 64 17.01 7.03 -19.67
N ILE D 65 17.36 8.06 -18.89
CA ILE D 65 17.00 8.13 -17.48
C ILE D 65 15.48 8.17 -17.37
N ALA D 66 14.87 9.03 -18.18
CA ALA D 66 13.43 9.20 -18.17
C ALA D 66 12.76 7.85 -18.41
N ILE D 67 13.29 7.12 -19.38
CA ILE D 67 12.75 5.83 -19.77
C ILE D 67 12.97 4.86 -18.61
N ALA D 68 14.09 5.02 -17.90
CA ALA D 68 14.41 4.09 -16.82
C ALA D 68 13.43 4.32 -15.67
N ILE D 69 13.21 5.60 -15.34
CA ILE D 69 12.22 5.94 -14.34
C ILE D 69 10.86 5.32 -14.70
N PHE D 70 10.35 5.57 -15.91
CA PHE D 70 9.05 5.04 -16.30
C PHE D 70 9.05 3.51 -16.33
N LEU D 71 10.14 2.90 -16.81
CA LEU D 71 10.32 1.45 -16.78
C LEU D 71 10.25 0.93 -15.35
N GLY D 72 10.82 1.68 -14.41
CA GLY D 72 10.85 1.31 -13.01
C GLY D 72 9.45 1.26 -12.39
N PHE D 73 8.70 2.35 -12.52
CA PHE D 73 7.33 2.38 -12.04
C PHE D 73 6.46 1.35 -12.75
N ARG D 74 6.64 1.20 -14.06
CA ARG D 74 5.83 0.26 -14.80
C ARG D 74 6.03 -1.16 -14.27
N ASN D 75 7.29 -1.55 -14.14
CA ASN D 75 7.64 -2.87 -13.66
C ASN D 75 7.07 -3.10 -12.26
N SER D 76 7.07 -2.04 -11.47
CA SER D 76 6.49 -2.06 -10.14
C SER D 76 5.02 -2.50 -10.23
N ALA D 77 4.24 -1.87 -11.11
CA ALA D 77 2.86 -2.25 -11.31
C ALA D 77 2.74 -3.71 -11.76
N SER D 78 3.58 -4.14 -12.71
CA SER D 78 3.46 -5.50 -13.21
C SER D 78 3.67 -6.51 -12.09
N TYR D 79 4.69 -6.25 -11.25
CA TYR D 79 5.02 -7.13 -10.15
C TYR D 79 3.83 -7.25 -9.19
N SER D 80 3.20 -6.10 -8.86
CA SER D 80 2.06 -6.05 -7.97
C SER D 80 0.85 -6.82 -8.51
N ARG D 81 0.67 -6.79 -9.83
CA ARG D 81 -0.38 -7.58 -10.44
C ARG D 81 -0.07 -9.07 -10.24
N PHE D 82 1.18 -9.47 -10.48
CA PHE D 82 1.58 -10.86 -10.30
C PHE D 82 1.38 -11.31 -8.85
N VAL D 83 1.75 -10.42 -7.91
CA VAL D 83 1.64 -10.73 -6.50
C VAL D 83 0.17 -10.91 -6.12
N GLU D 84 -0.72 -10.07 -6.67
CA GLU D 84 -2.15 -10.15 -6.38
C GLU D 84 -2.72 -11.50 -6.86
N ALA D 85 -2.29 -11.95 -8.04
CA ALA D 85 -2.78 -13.21 -8.56
C ALA D 85 -2.39 -14.31 -7.58
N ARG D 86 -1.12 -14.29 -7.17
CA ARG D 86 -0.59 -15.26 -6.23
C ARG D 86 -1.45 -15.30 -4.98
N ASN D 87 -1.78 -14.12 -4.41
CA ASN D 87 -2.55 -14.03 -3.18
C ASN D 87 -3.94 -14.60 -3.37
N LEU D 88 -4.59 -14.25 -4.50
CA LEU D 88 -5.89 -14.76 -4.87
C LEU D 88 -5.91 -16.30 -4.80
N TRP D 89 -4.92 -16.95 -5.42
CA TRP D 89 -4.82 -18.40 -5.38
C TRP D 89 -4.53 -18.94 -3.98
N GLY D 90 -3.75 -18.18 -3.20
CA GLY D 90 -3.46 -18.53 -1.82
C GLY D 90 -4.73 -18.60 -1.00
N THR D 91 -5.66 -17.65 -1.26
CA THR D 91 -6.92 -17.62 -0.55
C THR D 91 -7.75 -18.87 -0.84
N VAL D 92 -7.68 -19.40 -2.08
CA VAL D 92 -8.45 -20.59 -2.43
C VAL D 92 -8.06 -21.72 -1.49
N LEU D 93 -6.74 -21.91 -1.32
CA LEU D 93 -6.25 -22.99 -0.47
C LEU D 93 -6.64 -22.74 0.99
N ILE D 94 -6.50 -21.48 1.46
CA ILE D 94 -6.85 -21.16 2.84
C ILE D 94 -8.34 -21.43 3.09
N ALA D 95 -9.19 -20.88 2.25
CA ALA D 95 -10.62 -20.89 2.50
C ALA D 95 -11.19 -22.31 2.37
N GLU D 96 -10.66 -23.07 1.43
CA GLU D 96 -11.09 -24.45 1.28
C GLU D 96 -10.63 -25.29 2.47
N ARG D 97 -9.37 -25.12 2.89
CA ARG D 97 -8.94 -25.84 4.08
C ARG D 97 -9.89 -25.56 5.23
N THR D 98 -10.22 -24.28 5.49
CA THR D 98 -10.94 -23.99 6.71
C THR D 98 -12.40 -24.42 6.63
N LEU D 99 -12.97 -24.43 5.41
CA LEU D 99 -14.32 -24.91 5.21
C LEU D 99 -14.41 -26.39 5.59
N VAL D 100 -13.48 -27.20 5.05
CA VAL D 100 -13.44 -28.62 5.34
C VAL D 100 -13.16 -28.85 6.84
N ARG D 101 -12.22 -28.09 7.40
CA ARG D 101 -11.95 -28.13 8.84
C ARG D 101 -13.24 -27.89 9.63
N GLN D 102 -14.03 -26.88 9.24
CA GLN D 102 -15.25 -26.53 9.95
C GLN D 102 -16.26 -27.66 9.82
N LEU D 103 -16.36 -28.22 8.61
CA LEU D 103 -17.27 -29.33 8.36
C LEU D 103 -16.94 -30.47 9.30
N ARG D 104 -15.64 -30.79 9.42
CA ARG D 104 -15.17 -31.82 10.33
C ARG D 104 -15.46 -31.44 11.79
N ASN D 105 -15.15 -30.20 12.19
CA ASN D 105 -15.23 -29.84 13.60
C ASN D 105 -16.70 -29.71 14.04
N ILE D 106 -17.60 -29.36 13.12
CA ILE D 106 -18.96 -29.02 13.51
C ILE D 106 -19.87 -30.22 13.25
N LEU D 107 -19.64 -30.93 12.13
CA LEU D 107 -20.41 -32.11 11.80
C LEU D 107 -19.45 -33.27 11.56
N PRO D 108 -18.85 -33.87 12.62
CA PRO D 108 -17.83 -34.90 12.43
C PRO D 108 -18.38 -36.21 11.85
N ALA D 109 -19.70 -36.40 11.97
CA ALA D 109 -20.35 -37.63 11.56
C ALA D 109 -20.70 -37.63 10.07
N GLU D 110 -20.97 -36.45 9.49
CA GLU D 110 -21.69 -36.32 8.23
C GLU D 110 -20.79 -36.47 7.01
N HIS D 111 -20.08 -37.61 6.89
CA HIS D 111 -19.10 -37.80 5.82
C HIS D 111 -19.75 -37.74 4.44
N ASP D 112 -21.04 -38.08 4.36
CA ASP D 112 -21.77 -37.92 3.11
C ASP D 112 -21.61 -36.48 2.57
N ALA D 113 -21.95 -35.51 3.43
CA ALA D 113 -21.84 -34.09 3.14
C ALA D 113 -20.38 -33.68 2.94
N HIS D 114 -19.47 -34.28 3.71
CA HIS D 114 -18.05 -33.95 3.59
C HIS D 114 -17.60 -34.19 2.15
N ARG D 115 -17.95 -35.37 1.62
CA ARG D 115 -17.44 -35.83 0.35
C ARG D 115 -17.99 -34.94 -0.76
N ARG D 116 -19.30 -34.65 -0.68
CA ARG D 116 -19.99 -33.85 -1.67
C ARG D 116 -19.37 -32.45 -1.70
N ILE D 117 -19.30 -31.81 -0.52
CA ILE D 117 -18.76 -30.46 -0.44
C ILE D 117 -17.32 -30.45 -0.94
N VAL D 118 -16.50 -31.41 -0.51
CA VAL D 118 -15.10 -31.43 -0.92
C VAL D 118 -14.96 -31.51 -2.44
N SER D 119 -15.89 -32.19 -3.10
CA SER D 119 -15.74 -32.36 -4.54
C SER D 119 -16.09 -31.05 -5.24
N TYR D 120 -17.10 -30.35 -4.71
CA TYR D 120 -17.40 -29.00 -5.18
C TYR D 120 -16.19 -28.06 -5.00
N LEU D 121 -15.56 -28.10 -3.82
CA LEU D 121 -14.41 -27.26 -3.56
C LEU D 121 -13.28 -27.62 -4.51
N VAL D 122 -13.08 -28.92 -4.78
CA VAL D 122 -12.02 -29.27 -5.71
C VAL D 122 -12.38 -28.84 -7.14
N ALA D 123 -13.65 -29.03 -7.52
CA ALA D 123 -14.11 -28.59 -8.83
C ALA D 123 -13.86 -27.09 -9.01
N PHE D 124 -14.28 -26.30 -8.00
CA PHE D 124 -14.09 -24.85 -8.01
C PHE D 124 -12.68 -24.48 -8.47
N SER D 125 -11.64 -25.07 -7.86
CA SER D 125 -10.26 -24.76 -8.17
C SER D 125 -9.92 -25.06 -9.63
N TRP D 126 -10.21 -26.29 -10.06
CA TRP D 126 -9.94 -26.70 -11.44
C TRP D 126 -10.79 -25.85 -12.39
N SER D 127 -12.08 -25.69 -12.05
CA SER D 127 -12.91 -24.82 -12.86
C SER D 127 -12.25 -23.45 -13.01
N LEU D 128 -11.85 -22.86 -11.87
CA LEU D 128 -11.20 -21.56 -11.85
C LEU D 128 -9.96 -21.57 -12.74
N LYS D 129 -9.14 -22.61 -12.57
CA LYS D 129 -7.91 -22.75 -13.34
C LYS D 129 -8.22 -22.71 -14.83
N HIS D 130 -9.15 -23.59 -15.28
CA HIS D 130 -9.46 -23.72 -16.70
C HIS D 130 -10.00 -22.42 -17.27
N GLN D 131 -10.85 -21.75 -16.47
CA GLN D 131 -11.46 -20.49 -16.86
C GLN D 131 -10.38 -19.47 -17.19
N LEU D 132 -9.33 -19.40 -16.35
CA LEU D 132 -8.29 -18.39 -16.54
C LEU D 132 -7.39 -18.75 -17.71
N ARG D 133 -7.22 -20.06 -17.97
CA ARG D 133 -6.41 -20.53 -19.08
C ARG D 133 -7.18 -20.58 -20.40
N LYS D 134 -8.50 -20.35 -20.36
CA LYS D 134 -9.40 -20.49 -21.50
C LYS D 134 -9.27 -21.90 -22.08
N THR D 135 -9.38 -22.91 -21.19
CA THR D 135 -9.31 -24.30 -21.56
C THR D 135 -10.56 -25.06 -21.06
N ASP D 136 -10.59 -26.37 -21.28
CA ASP D 136 -11.80 -27.15 -21.15
C ASP D 136 -11.88 -27.83 -19.78
N PRO D 137 -12.84 -27.43 -18.94
CA PRO D 137 -12.99 -28.07 -17.63
C PRO D 137 -13.54 -29.49 -17.60
N THR D 138 -14.10 -29.96 -18.72
CA THR D 138 -14.95 -31.13 -18.79
C THR D 138 -14.30 -32.33 -18.09
N ALA D 139 -13.05 -32.65 -18.47
CA ALA D 139 -12.35 -33.79 -17.91
C ALA D 139 -12.23 -33.65 -16.38
N ASP D 140 -11.62 -32.54 -15.92
CA ASP D 140 -11.44 -32.29 -14.48
C ASP D 140 -12.78 -32.37 -13.73
N LEU D 141 -13.85 -31.80 -14.30
CA LEU D 141 -15.17 -31.81 -13.66
C LEU D 141 -15.79 -33.20 -13.70
N ARG D 142 -15.56 -33.97 -14.78
CA ARG D 142 -16.14 -35.29 -14.91
C ARG D 142 -15.47 -36.26 -13.93
N ARG D 143 -14.15 -36.12 -13.81
CA ARG D 143 -13.34 -36.79 -12.80
C ARG D 143 -13.88 -36.60 -11.38
N LEU D 144 -14.74 -35.58 -11.15
CA LEU D 144 -14.97 -35.11 -9.79
C LEU D 144 -16.44 -35.15 -9.37
N LEU D 145 -17.35 -34.92 -10.32
CA LEU D 145 -18.77 -34.75 -10.02
C LEU D 145 -19.62 -35.77 -10.78
N PRO D 146 -20.90 -35.98 -10.37
CA PRO D 146 -21.88 -36.72 -11.18
C PRO D 146 -22.39 -35.94 -12.39
N GLU D 147 -22.84 -36.69 -13.42
CA GLU D 147 -23.19 -36.14 -14.72
C GLU D 147 -24.38 -35.18 -14.62
N GLU D 148 -25.28 -35.42 -13.65
CA GLU D 148 -26.46 -34.59 -13.44
C GLU D 148 -26.04 -33.17 -13.07
N ARG D 149 -24.81 -33.07 -12.55
CA ARG D 149 -24.26 -31.82 -12.07
C ARG D 149 -23.33 -31.22 -13.12
N VAL D 150 -22.50 -32.06 -13.74
CA VAL D 150 -21.50 -31.55 -14.67
C VAL D 150 -22.16 -30.77 -15.80
N THR D 151 -23.31 -31.27 -16.30
CA THR D 151 -23.98 -30.64 -17.42
C THR D 151 -24.66 -29.36 -16.97
N GLU D 152 -25.22 -29.37 -15.74
CA GLU D 152 -25.79 -28.16 -15.18
C GLU D 152 -24.71 -27.06 -15.22
N ILE D 153 -23.55 -27.37 -14.63
CA ILE D 153 -22.42 -26.48 -14.50
C ILE D 153 -21.95 -26.01 -15.88
N LEU D 154 -21.76 -26.92 -16.83
CA LEU D 154 -21.29 -26.49 -18.15
C LEU D 154 -22.37 -25.77 -18.95
N ALA D 155 -23.63 -25.85 -18.49
CA ALA D 155 -24.76 -25.23 -19.17
C ALA D 155 -24.73 -23.72 -18.96
N SER D 156 -24.08 -23.30 -17.86
CA SER D 156 -23.96 -21.91 -17.46
C SER D 156 -22.76 -21.29 -18.16
N SER D 157 -22.89 -20.01 -18.53
CA SER D 157 -21.79 -19.23 -19.09
C SER D 157 -20.81 -18.86 -17.97
N MET D 158 -21.22 -19.14 -16.73
CA MET D 158 -20.43 -18.87 -15.55
C MET D 158 -20.33 -20.16 -14.73
N PRO D 159 -19.65 -21.19 -15.26
CA PRO D 159 -19.49 -22.46 -14.56
C PRO D 159 -18.96 -22.33 -13.13
N THR D 160 -17.87 -21.56 -12.95
CA THR D 160 -17.19 -21.48 -11.67
C THR D 160 -18.13 -20.93 -10.60
N ASN D 161 -18.86 -19.85 -10.92
CA ASN D 161 -19.87 -19.27 -10.05
C ASN D 161 -20.94 -20.32 -9.76
N ARG D 162 -21.23 -21.19 -10.73
CA ARG D 162 -22.29 -22.17 -10.57
C ARG D 162 -21.87 -23.20 -9.51
N ILE D 163 -20.64 -23.69 -9.60
CA ILE D 163 -20.08 -24.58 -8.59
C ILE D 163 -20.18 -23.96 -7.18
N LEU D 164 -19.93 -22.65 -7.06
CA LEU D 164 -20.11 -22.01 -5.77
C LEU D 164 -21.56 -22.07 -5.32
N LEU D 165 -22.51 -21.78 -6.24
CA LEU D 165 -23.92 -21.84 -5.91
C LEU D 165 -24.30 -23.23 -5.40
N LEU D 166 -23.72 -24.29 -6.00
CA LEU D 166 -24.01 -25.66 -5.63
C LEU D 166 -23.38 -26.03 -4.28
N ALA D 167 -22.11 -25.62 -4.06
CA ALA D 167 -21.53 -25.85 -2.75
C ALA D 167 -22.44 -25.21 -1.68
N GLY D 168 -23.04 -24.07 -2.00
CA GLY D 168 -23.94 -23.39 -1.08
C GLY D 168 -25.22 -24.17 -0.80
N ASN D 169 -25.77 -24.82 -1.82
CA ASN D 169 -26.87 -25.74 -1.65
C ASN D 169 -26.57 -26.78 -0.58
N GLU D 170 -25.39 -27.41 -0.67
CA GLU D 170 -25.03 -28.40 0.33
C GLU D 170 -25.20 -27.80 1.72
N ILE D 171 -24.49 -26.68 1.97
CA ILE D 171 -24.48 -25.97 3.24
C ILE D 171 -25.91 -25.61 3.63
N GLY D 172 -26.70 -25.14 2.65
CA GLY D 172 -28.12 -24.86 2.87
C GLY D 172 -28.92 -26.09 3.32
N GLN D 173 -28.77 -27.21 2.59
CA GLN D 173 -29.49 -28.43 2.94
C GLN D 173 -29.19 -28.82 4.38
N LEU D 174 -27.91 -28.84 4.76
CA LEU D 174 -27.53 -29.17 6.13
C LEU D 174 -28.21 -28.19 7.10
N ARG D 175 -28.42 -26.95 6.67
CA ARG D 175 -29.11 -26.01 7.54
C ARG D 175 -30.59 -26.38 7.65
N GLU D 176 -31.26 -26.59 6.51
CA GLU D 176 -32.68 -26.90 6.49
C GLU D 176 -32.97 -28.18 7.26
N ALA D 177 -32.08 -29.17 7.15
CA ALA D 177 -32.18 -30.44 7.85
C ALA D 177 -31.91 -30.28 9.35
N GLY D 178 -31.58 -29.06 9.82
CA GLY D 178 -31.33 -28.81 11.24
C GLY D 178 -29.93 -29.22 11.67
N LYS D 179 -29.12 -29.74 10.74
CA LYS D 179 -27.78 -30.18 11.10
C LYS D 179 -26.89 -28.99 11.43
N LEU D 180 -27.07 -27.87 10.70
CA LEU D 180 -26.42 -26.61 11.00
C LEU D 180 -27.44 -25.66 11.58
N SER D 181 -27.05 -24.95 12.63
CA SER D 181 -27.78 -23.77 13.07
C SER D 181 -27.47 -22.60 12.13
N ASP D 182 -28.33 -21.58 12.17
CA ASP D 182 -28.07 -20.29 11.54
C ASP D 182 -26.63 -19.83 11.78
N ILE D 183 -26.14 -19.89 13.04
CA ILE D 183 -24.79 -19.47 13.36
C ILE D 183 -23.74 -20.28 12.59
N THR D 184 -23.83 -21.62 12.66
CA THR D 184 -22.76 -22.43 12.10
C THR D 184 -22.84 -22.36 10.58
N TYR D 185 -24.06 -22.31 10.05
CA TYR D 185 -24.27 -21.99 8.64
C TYR D 185 -23.50 -20.71 8.31
N GLY D 186 -23.71 -19.66 9.13
CA GLY D 186 -23.03 -18.38 8.96
C GLY D 186 -21.52 -18.52 8.84
N LEU D 187 -20.91 -19.32 9.75
CA LEU D 187 -19.46 -19.52 9.73
C LEU D 187 -19.00 -20.09 8.39
N MET D 188 -19.75 -21.04 7.83
CA MET D 188 -19.32 -21.63 6.58
C MET D 188 -19.62 -20.71 5.40
N ASP D 189 -20.69 -19.93 5.52
CA ASP D 189 -21.08 -18.98 4.48
C ASP D 189 -19.96 -17.98 4.19
N ASN D 190 -19.33 -17.44 5.25
CA ASN D 190 -18.21 -16.52 5.10
C ASN D 190 -17.13 -17.12 4.18
N LYS D 191 -16.93 -18.45 4.24
CA LYS D 191 -15.86 -19.09 3.48
C LYS D 191 -16.20 -19.13 1.99
N LEU D 192 -17.48 -19.30 1.66
CA LEU D 192 -17.97 -19.18 0.29
C LEU D 192 -17.83 -17.74 -0.20
N ASP D 193 -18.09 -16.77 0.69
CA ASP D 193 -17.90 -15.37 0.32
C ASP D 193 -16.45 -15.13 -0.10
N GLU D 194 -15.53 -15.76 0.63
CA GLU D 194 -14.11 -15.58 0.42
C GLU D 194 -13.73 -16.15 -0.95
N LEU D 195 -14.37 -17.27 -1.33
CA LEU D 195 -14.13 -17.86 -2.63
C LEU D 195 -14.75 -16.99 -3.72
N ALA D 196 -15.92 -16.42 -3.42
CA ALA D 196 -16.57 -15.44 -4.28
C ALA D 196 -15.61 -14.32 -4.68
N HIS D 197 -14.91 -13.74 -3.69
CA HIS D 197 -13.95 -12.67 -3.90
C HIS D 197 -12.76 -13.17 -4.73
N VAL D 198 -12.33 -14.42 -4.52
CA VAL D 198 -11.25 -14.94 -5.35
C VAL D 198 -11.69 -14.98 -6.81
N LEU D 199 -12.92 -15.46 -7.05
CA LEU D 199 -13.42 -15.58 -8.42
C LEU D 199 -13.48 -14.21 -9.10
N GLY D 200 -14.11 -13.23 -8.42
CA GLY D 200 -14.18 -11.89 -8.97
C GLY D 200 -12.80 -11.32 -9.23
N GLY D 201 -11.88 -11.54 -8.29
CA GLY D 201 -10.56 -10.97 -8.38
C GLY D 201 -9.86 -11.49 -9.63
N CYS D 202 -9.87 -12.82 -9.78
CA CYS D 202 -9.20 -13.47 -10.89
C CYS D 202 -9.82 -13.02 -12.21
N GLU D 203 -11.15 -13.00 -12.27
CA GLU D 203 -11.85 -12.54 -13.45
C GLU D 203 -11.42 -11.11 -13.77
N ARG D 204 -11.37 -10.25 -12.74
CA ARG D 204 -10.97 -8.85 -12.92
C ARG D 204 -9.54 -8.76 -13.47
N LEU D 205 -8.65 -9.64 -13.01
CA LEU D 205 -7.27 -9.61 -13.45
C LEU D 205 -7.13 -10.14 -14.87
N ALA D 206 -7.97 -11.14 -15.22
CA ALA D 206 -7.94 -11.81 -16.51
C ALA D 206 -8.41 -10.85 -17.61
N THR D 207 -9.48 -10.11 -17.33
CA THR D 207 -10.16 -9.30 -18.33
C THR D 207 -9.62 -7.86 -18.34
N THR D 208 -9.35 -7.30 -17.15
CA THR D 208 -8.72 -5.98 -17.08
C THR D 208 -7.20 -6.14 -17.22
N PRO D 209 -6.59 -5.68 -18.35
CA PRO D 209 -5.15 -5.66 -18.48
C PRO D 209 -4.56 -4.41 -17.81
N VAL D 210 -3.25 -4.47 -17.48
CA VAL D 210 -2.43 -3.28 -17.33
C VAL D 210 -2.60 -2.51 -18.63
N PRO D 211 -3.26 -1.33 -18.64
CA PRO D 211 -3.58 -0.61 -19.87
C PRO D 211 -2.56 -0.87 -20.97
N PHE D 212 -3.04 -1.23 -22.17
CA PHE D 212 -2.17 -1.64 -23.26
C PHE D 212 -1.23 -0.49 -23.64
N ALA D 213 -1.65 0.74 -23.27
CA ALA D 213 -0.86 1.94 -23.52
C ALA D 213 0.53 1.81 -22.90
N TYR D 214 0.62 1.12 -21.76
CA TYR D 214 1.89 0.90 -21.07
C TYR D 214 2.86 0.13 -21.97
N THR D 215 2.38 -0.98 -22.56
CA THR D 215 3.23 -1.80 -23.42
C THR D 215 3.42 -1.14 -24.78
N LEU D 216 2.40 -0.39 -25.24
CA LEU D 216 2.48 0.38 -26.47
C LEU D 216 3.65 1.36 -26.36
N ILE D 217 3.48 2.36 -25.51
CA ILE D 217 4.51 3.43 -25.42
C ILE D 217 5.87 2.83 -25.07
N LEU D 218 5.93 1.97 -24.06
CA LEU D 218 7.26 1.47 -23.61
C LEU D 218 7.97 0.60 -24.65
N GLN D 219 7.26 -0.29 -25.33
CA GLN D 219 7.98 -1.15 -26.30
C GLN D 219 8.57 -0.27 -27.42
N ARG D 220 7.78 0.65 -27.95
CA ARG D 220 8.26 1.57 -28.98
C ARG D 220 9.52 2.27 -28.47
N THR D 221 9.33 3.05 -27.40
CA THR D 221 10.34 3.93 -26.85
C THR D 221 11.64 3.18 -26.55
N VAL D 222 11.55 2.00 -25.94
CA VAL D 222 12.77 1.33 -25.51
C VAL D 222 13.54 0.84 -26.74
N TYR D 223 12.80 0.34 -27.73
CA TYR D 223 13.38 -0.19 -28.96
C TYR D 223 14.03 0.95 -29.75
N LEU D 224 13.29 2.05 -29.93
CA LEU D 224 13.81 3.18 -30.67
C LEU D 224 15.03 3.76 -29.97
N PHE D 225 15.01 3.75 -28.62
CA PHE D 225 16.08 4.34 -27.85
C PHE D 225 17.34 3.50 -28.04
N CYS D 226 17.22 2.19 -27.88
CA CYS D 226 18.36 1.32 -28.05
C CYS D 226 18.93 1.42 -29.48
N THR D 227 18.04 1.71 -30.44
CA THR D 227 18.42 1.77 -31.84
C THR D 227 19.19 3.05 -32.11
N LEU D 228 18.62 4.20 -31.73
CA LEU D 228 19.24 5.48 -32.01
C LEU D 228 20.50 5.71 -31.18
N LEU D 229 20.72 4.89 -30.13
CA LEU D 229 21.70 5.21 -29.09
C LEU D 229 23.13 5.12 -29.61
N PRO D 230 23.51 4.03 -30.32
CA PRO D 230 24.88 3.88 -30.82
C PRO D 230 25.29 5.05 -31.71
N PHE D 231 24.33 5.60 -32.45
CA PHE D 231 24.49 6.79 -33.27
C PHE D 231 24.92 7.98 -32.42
N ALA D 232 24.60 7.94 -31.12
CA ALA D 232 24.96 9.04 -30.25
C ALA D 232 26.22 8.69 -29.45
N LEU D 233 26.44 7.38 -29.27
CA LEU D 233 27.60 6.93 -28.51
C LEU D 233 28.86 6.99 -29.38
N VAL D 234 28.69 6.89 -30.71
CA VAL D 234 29.79 6.72 -31.64
C VAL D 234 30.71 7.94 -31.60
N GLY D 235 30.11 9.13 -31.58
CA GLY D 235 30.86 10.37 -31.39
C GLY D 235 31.94 10.21 -30.33
N ASP D 236 31.56 9.63 -29.19
CA ASP D 236 32.40 9.57 -27.99
C ASP D 236 33.15 8.24 -27.88
N LEU D 237 32.60 7.14 -28.42
CA LEU D 237 33.11 5.82 -28.07
C LEU D 237 33.81 5.11 -29.24
N HIS D 238 33.54 5.54 -30.48
CA HIS D 238 34.16 4.95 -31.66
C HIS D 238 33.96 3.43 -31.68
N TYR D 239 35.07 2.67 -31.71
CA TYR D 239 34.98 1.24 -31.95
C TYR D 239 34.46 0.52 -30.71
N MET D 240 34.42 1.27 -29.59
CA MET D 240 33.92 0.73 -28.35
C MET D 240 32.38 0.68 -28.37
N THR D 241 31.78 1.55 -29.21
CA THR D 241 30.34 1.74 -29.37
C THR D 241 29.56 0.44 -29.21
N PRO D 242 29.82 -0.65 -29.97
CA PRO D 242 29.03 -1.87 -29.86
C PRO D 242 28.91 -2.42 -28.43
N PHE D 243 30.05 -2.53 -27.74
CA PHE D 243 30.09 -3.22 -26.45
C PHE D 243 29.17 -2.53 -25.46
N VAL D 244 29.40 -1.22 -25.28
CA VAL D 244 28.66 -0.38 -24.37
C VAL D 244 27.18 -0.33 -24.75
N SER D 245 26.90 -0.15 -26.05
CA SER D 245 25.53 0.06 -26.49
C SER D 245 24.70 -1.21 -26.28
N VAL D 246 25.33 -2.37 -26.49
CA VAL D 246 24.60 -3.62 -26.31
C VAL D 246 24.30 -3.80 -24.83
N PHE D 247 25.26 -3.42 -23.98
CA PHE D 247 25.12 -3.51 -22.54
C PHE D 247 23.90 -2.70 -22.08
N ILE D 248 23.90 -1.41 -22.38
CA ILE D 248 22.79 -0.52 -22.06
C ILE D 248 21.47 -1.09 -22.61
N SER D 249 21.54 -1.81 -23.73
CA SER D 249 20.34 -2.34 -24.36
C SER D 249 19.85 -3.56 -23.61
N TYR D 250 20.79 -4.39 -23.15
CA TYR D 250 20.43 -5.59 -22.42
C TYR D 250 19.76 -5.20 -21.11
N THR D 251 20.37 -4.25 -20.39
CA THR D 251 19.77 -3.73 -19.17
C THR D 251 18.33 -3.36 -19.44
N PHE D 252 18.10 -2.41 -20.37
CA PHE D 252 16.77 -1.88 -20.64
C PHE D 252 15.80 -2.97 -21.10
N LEU D 253 16.23 -3.80 -22.06
CA LEU D 253 15.33 -4.78 -22.64
C LEU D 253 14.97 -5.86 -21.62
N SER D 254 15.94 -6.22 -20.76
CA SER D 254 15.79 -7.23 -19.73
C SER D 254 14.70 -6.84 -18.75
N TRP D 255 14.77 -5.58 -18.30
CA TRP D 255 13.83 -5.02 -17.37
C TRP D 255 12.44 -4.96 -18.01
N ASP D 256 12.36 -4.46 -19.26
CA ASP D 256 11.11 -4.38 -20.00
C ASP D 256 10.46 -5.74 -20.18
N SER D 257 11.26 -6.80 -20.38
CA SER D 257 10.66 -8.08 -20.72
C SER D 257 10.21 -8.79 -19.44
N LEU D 258 10.91 -8.52 -18.34
CA LEU D 258 10.52 -8.97 -17.01
C LEU D 258 9.11 -8.46 -16.67
N ALA D 259 8.82 -7.20 -16.98
CA ALA D 259 7.49 -6.62 -16.83
C ALA D 259 6.44 -7.39 -17.63
N GLU D 260 6.81 -7.85 -18.82
CA GLU D 260 5.87 -8.49 -19.72
C GLU D 260 5.50 -9.87 -19.18
N GLU D 261 6.51 -10.61 -18.68
CA GLU D 261 6.33 -11.94 -18.11
C GLU D 261 5.50 -11.89 -16.82
N LEU D 262 5.60 -10.78 -16.09
CA LEU D 262 4.93 -10.70 -14.80
C LEU D 262 3.46 -10.31 -15.00
N GLU D 263 3.10 -9.94 -16.23
CA GLU D 263 1.88 -9.16 -16.50
C GLU D 263 0.71 -10.08 -16.83
N ASP D 264 1.01 -11.24 -17.41
CA ASP D 264 0.02 -12.28 -17.63
C ASP D 264 0.29 -13.41 -16.63
N PRO D 265 -0.02 -13.24 -15.33
CA PRO D 265 0.27 -14.28 -14.35
C PRO D 265 -0.49 -15.58 -14.59
N PHE D 266 -1.54 -15.53 -15.42
CA PHE D 266 -2.38 -16.72 -15.60
C PHE D 266 -1.99 -17.50 -16.86
N GLY D 267 -0.95 -17.04 -17.57
CA GLY D 267 -0.43 -17.65 -18.79
C GLY D 267 0.18 -19.03 -18.57
N THR D 268 0.78 -19.57 -19.66
CA THR D 268 1.25 -20.96 -19.69
C THR D 268 2.78 -21.03 -19.65
N ALA D 269 3.46 -19.88 -19.82
CA ALA D 269 4.90 -19.78 -19.64
C ALA D 269 5.34 -20.44 -18.33
N ALA D 270 6.61 -20.83 -18.24
CA ALA D 270 7.16 -21.42 -17.02
C ALA D 270 7.37 -20.35 -15.95
N ASN D 271 7.42 -19.09 -16.39
CA ASN D 271 7.63 -17.90 -15.56
C ASN D 271 6.30 -17.44 -14.93
N ASP D 272 5.19 -18.02 -15.39
CA ASP D 272 3.86 -17.71 -14.89
C ASP D 272 3.52 -18.65 -13.74
N LEU D 273 2.32 -18.48 -13.15
CA LEU D 273 1.91 -19.28 -12.00
C LEU D 273 1.74 -20.73 -12.42
N PRO D 274 2.27 -21.70 -11.65
CA PRO D 274 2.05 -23.12 -11.93
C PRO D 274 0.68 -23.49 -11.35
N LEU D 275 -0.37 -23.03 -12.03
CA LEU D 275 -1.75 -23.21 -11.60
C LEU D 275 -2.06 -24.69 -11.43
N ASN D 276 -1.47 -25.51 -12.31
CA ASN D 276 -1.65 -26.96 -12.31
C ASN D 276 -1.22 -27.54 -10.96
N ALA D 277 -0.02 -27.17 -10.52
CA ALA D 277 0.52 -27.66 -9.26
C ALA D 277 -0.29 -27.15 -8.07
N MET D 278 -0.74 -25.89 -8.16
CA MET D 278 -1.50 -25.25 -7.08
C MET D 278 -2.83 -25.98 -6.85
N CYS D 279 -3.53 -26.33 -7.94
CA CYS D 279 -4.80 -27.08 -7.87
C CYS D 279 -4.58 -28.49 -7.35
N ASN D 280 -3.43 -29.07 -7.73
CA ASN D 280 -2.98 -30.34 -7.18
C ASN D 280 -2.79 -30.26 -5.67
N THR D 281 -2.03 -29.26 -5.19
CA THR D 281 -1.82 -29.07 -3.75
C THR D 281 -3.17 -28.97 -3.05
N ILE D 282 -4.10 -28.22 -3.68
CA ILE D 282 -5.42 -27.99 -3.11
C ILE D 282 -6.16 -29.32 -2.97
N GLU D 283 -6.17 -30.10 -4.05
CA GLU D 283 -6.93 -31.33 -4.06
C GLU D 283 -6.37 -32.31 -3.03
N ARG D 284 -5.05 -32.49 -3.05
CA ARG D 284 -4.35 -33.38 -2.14
C ARG D 284 -4.64 -32.94 -0.70
N ASN D 285 -4.65 -31.62 -0.49
CA ASN D 285 -4.88 -31.02 0.82
C ASN D 285 -6.26 -31.40 1.34
N LEU D 286 -7.30 -31.20 0.53
CA LEU D 286 -8.65 -31.45 1.05
C LEU D 286 -8.88 -32.94 1.19
N LEU D 287 -8.22 -33.75 0.36
CA LEU D 287 -8.33 -35.19 0.47
C LEU D 287 -7.66 -35.67 1.75
N ASP D 288 -6.47 -35.15 2.03
CA ASP D 288 -5.76 -35.50 3.26
C ASP D 288 -6.66 -35.23 4.46
N MET D 289 -7.41 -34.13 4.44
CA MET D 289 -8.20 -33.67 5.58
C MET D 289 -9.44 -34.55 5.77
N THR D 290 -9.81 -35.31 4.75
CA THR D 290 -10.98 -36.17 4.82
C THR D 290 -10.57 -37.65 4.92
N GLY D 291 -9.26 -37.91 4.83
CA GLY D 291 -8.69 -39.24 4.99
C GLY D 291 -8.76 -40.08 3.73
N GLN D 292 -8.48 -39.46 2.56
CA GLN D 292 -8.49 -40.14 1.28
C GLN D 292 -7.06 -40.16 0.72
N ILE E 27 4.98 32.42 -3.14
CA ILE E 27 5.34 31.61 -4.35
C ILE E 27 5.74 32.56 -5.47
N ILE E 28 4.79 33.44 -5.84
CA ILE E 28 5.01 34.47 -6.84
C ILE E 28 6.03 35.48 -6.32
N PHE E 29 6.16 35.59 -4.99
CA PHE E 29 7.18 36.41 -4.37
C PHE E 29 8.56 35.80 -4.59
N ARG E 30 8.63 34.46 -4.64
CA ARG E 30 9.90 33.77 -4.72
C ARG E 30 10.34 33.62 -6.17
N LEU E 31 9.37 33.67 -7.09
CA LEU E 31 9.65 33.77 -8.52
C LEU E 31 10.24 35.15 -8.85
N LEU E 32 9.69 36.21 -8.24
CA LEU E 32 10.15 37.57 -8.49
C LEU E 32 11.53 37.78 -7.86
N LEU E 33 11.78 37.12 -6.72
CA LEU E 33 13.07 37.18 -6.06
C LEU E 33 14.11 36.42 -6.89
N ASN E 34 13.65 35.37 -7.57
CA ASN E 34 14.54 34.54 -8.39
C ASN E 34 14.99 35.32 -9.61
N VAL E 35 14.08 36.12 -10.19
CA VAL E 35 14.40 36.99 -11.30
C VAL E 35 15.40 38.05 -10.81
N LEU E 36 15.15 38.60 -9.63
CA LEU E 36 16.04 39.60 -9.03
C LEU E 36 17.43 38.99 -8.80
N MET E 37 17.49 37.75 -8.33
CA MET E 37 18.75 37.09 -8.07
C MET E 37 19.47 36.79 -9.37
N SER E 38 18.69 36.59 -10.45
CA SER E 38 19.24 36.32 -11.78
C SER E 38 19.91 37.58 -12.31
N ILE E 39 19.20 38.71 -12.19
CA ILE E 39 19.71 39.98 -12.70
C ILE E 39 20.95 40.37 -11.90
N ILE E 40 20.98 40.01 -10.60
CA ILE E 40 22.19 40.21 -9.82
C ILE E 40 23.30 39.31 -10.35
N ALA E 41 22.94 38.07 -10.67
CA ALA E 41 23.93 37.09 -11.07
C ALA E 41 24.64 37.58 -12.33
N ILE E 42 23.88 38.21 -13.23
CA ILE E 42 24.39 38.67 -14.52
C ILE E 42 25.39 39.78 -14.29
N ILE E 43 24.93 40.84 -13.62
CA ILE E 43 25.68 42.09 -13.54
C ILE E 43 26.82 41.96 -12.52
N SER E 44 26.95 40.77 -11.91
CA SER E 44 28.04 40.55 -10.97
C SER E 44 28.89 39.36 -11.38
N TYR E 45 28.54 38.70 -12.50
CA TYR E 45 29.23 37.49 -12.94
C TYR E 45 30.72 37.78 -13.10
N GLN E 46 31.01 38.98 -13.63
CA GLN E 46 32.34 39.51 -13.85
C GLN E 46 33.14 39.51 -12.55
N TRP E 47 32.78 40.40 -11.62
CA TRP E 47 33.59 40.67 -10.43
C TRP E 47 34.04 39.35 -9.80
N TYR E 48 33.13 38.39 -9.64
CA TYR E 48 33.32 37.29 -8.71
C TYR E 48 34.13 36.14 -9.31
N GLU E 49 33.86 35.78 -10.57
CA GLU E 49 34.52 34.62 -11.17
C GLU E 49 35.99 34.93 -11.42
N GLN E 50 36.31 36.23 -11.49
CA GLN E 50 37.70 36.65 -11.70
C GLN E 50 38.49 36.46 -10.40
N LEU E 51 37.82 36.57 -9.25
CA LEU E 51 38.44 36.49 -7.93
C LEU E 51 38.86 35.05 -7.62
N GLY E 52 38.36 34.08 -8.39
CA GLY E 52 38.65 32.66 -8.18
C GLY E 52 37.50 31.88 -7.54
N ILE E 53 36.31 32.48 -7.52
CA ILE E 53 35.10 31.82 -7.01
C ILE E 53 34.20 31.47 -8.19
N HIS E 54 34.08 30.16 -8.49
CA HIS E 54 33.37 29.67 -9.68
C HIS E 54 32.16 28.81 -9.32
N LEU E 55 31.17 28.82 -10.20
CA LEU E 55 30.02 27.93 -10.05
C LEU E 55 29.73 27.22 -11.38
N THR E 56 29.99 25.91 -11.41
CA THR E 56 29.61 25.08 -12.54
C THR E 56 28.19 24.56 -12.37
N VAL E 57 27.71 23.83 -13.38
CA VAL E 57 26.34 23.35 -13.43
C VAL E 57 26.25 21.94 -12.84
N ALA E 58 27.23 21.09 -13.16
CA ALA E 58 27.23 19.70 -12.75
C ALA E 58 26.96 19.55 -11.25
N PRO E 59 27.57 20.36 -10.34
CA PRO E 59 27.32 20.23 -8.91
C PRO E 59 25.86 20.52 -8.54
N PHE E 60 25.31 21.62 -9.07
CA PHE E 60 23.91 21.97 -8.84
C PHE E 60 22.94 21.04 -9.56
N SER E 61 23.44 20.30 -10.54
CA SER E 61 22.59 19.31 -11.17
C SER E 61 22.51 18.09 -10.25
N LEU E 62 23.59 17.80 -9.54
CA LEU E 62 23.56 16.70 -8.58
C LEU E 62 22.66 17.10 -7.42
N LEU E 63 22.83 18.33 -6.93
CA LEU E 63 22.03 18.76 -5.80
C LEU E 63 20.56 18.63 -6.17
N GLY E 64 20.17 19.25 -7.28
CA GLY E 64 18.79 19.39 -7.71
C GLY E 64 18.10 18.04 -7.96
N ILE E 65 18.87 17.06 -8.45
CA ILE E 65 18.27 15.77 -8.75
C ILE E 65 18.02 15.07 -7.44
N ALA E 66 18.95 15.21 -6.49
CA ALA E 66 18.76 14.59 -5.19
C ALA E 66 17.54 15.21 -4.52
N ILE E 67 17.47 16.54 -4.51
CA ILE E 67 16.31 17.22 -3.97
C ILE E 67 15.02 16.73 -4.65
N ALA E 68 15.04 16.62 -5.98
CA ALA E 68 13.90 16.15 -6.75
C ALA E 68 13.49 14.76 -6.27
N ILE E 69 14.46 13.85 -6.11
CA ILE E 69 14.24 12.52 -5.57
C ILE E 69 13.61 12.59 -4.18
N PHE E 70 14.10 13.48 -3.32
CA PHE E 70 13.57 13.63 -1.98
C PHE E 70 12.16 14.21 -2.02
N LEU E 71 11.92 15.19 -2.90
CA LEU E 71 10.61 15.80 -3.06
C LEU E 71 9.64 14.72 -3.52
N GLY E 72 10.13 13.80 -4.35
CA GLY E 72 9.28 12.75 -4.86
C GLY E 72 8.79 11.83 -3.76
N PHE E 73 9.73 11.34 -2.96
CA PHE E 73 9.42 10.49 -1.82
C PHE E 73 8.56 11.25 -0.82
N ARG E 74 8.88 12.54 -0.64
CA ARG E 74 8.15 13.34 0.32
C ARG E 74 6.69 13.47 -0.14
N ASN E 75 6.53 13.68 -1.45
CA ASN E 75 5.21 14.03 -1.94
C ASN E 75 4.33 12.79 -1.92
N SER E 76 4.99 11.64 -1.98
CA SER E 76 4.33 10.36 -1.84
C SER E 76 3.77 10.17 -0.41
N ALA E 77 4.55 10.52 0.63
CA ALA E 77 4.04 10.39 1.98
C ALA E 77 2.86 11.34 2.18
N SER E 78 3.00 12.54 1.62
CA SER E 78 1.99 13.58 1.67
C SER E 78 0.71 13.08 1.03
N TYR E 79 0.83 12.64 -0.23
CA TYR E 79 -0.33 12.26 -1.02
C TYR E 79 -1.13 11.27 -0.20
N SER E 80 -0.42 10.35 0.44
CA SER E 80 -1.09 9.22 1.04
C SER E 80 -1.79 9.60 2.34
N ARG E 81 -1.38 10.71 2.98
CA ARG E 81 -2.12 11.27 4.11
C ARG E 81 -3.39 11.96 3.61
N PHE E 82 -3.29 12.65 2.48
CA PHE E 82 -4.44 13.23 1.82
C PHE E 82 -5.49 12.16 1.49
N VAL E 83 -5.06 11.06 0.85
CA VAL E 83 -5.95 9.99 0.46
C VAL E 83 -6.54 9.36 1.71
N GLU E 84 -5.76 9.29 2.81
CA GLU E 84 -6.30 8.61 3.98
C GLU E 84 -7.42 9.46 4.58
N ALA E 85 -7.27 10.79 4.47
CA ALA E 85 -8.29 11.69 4.95
C ALA E 85 -9.57 11.55 4.12
N ARG E 86 -9.43 11.42 2.79
CA ARG E 86 -10.57 11.20 1.93
C ARG E 86 -11.30 9.91 2.32
N ASN E 87 -10.53 8.86 2.61
CA ASN E 87 -11.11 7.55 2.90
C ASN E 87 -11.89 7.59 4.20
N LEU E 88 -11.33 8.28 5.20
CA LEU E 88 -11.95 8.33 6.50
C LEU E 88 -13.29 9.03 6.37
N TRP E 89 -13.29 10.16 5.66
CA TRP E 89 -14.51 10.92 5.49
C TRP E 89 -15.50 10.17 4.62
N GLY E 90 -14.99 9.41 3.64
CA GLY E 90 -15.81 8.51 2.85
C GLY E 90 -16.59 7.54 3.75
N THR E 91 -15.90 6.99 4.75
CA THR E 91 -16.49 6.06 5.69
C THR E 91 -17.63 6.71 6.46
N VAL E 92 -17.50 8.00 6.81
CA VAL E 92 -18.59 8.60 7.54
C VAL E 92 -19.87 8.48 6.71
N LEU E 93 -19.75 8.85 5.43
CA LEU E 93 -20.84 8.88 4.48
C LEU E 93 -21.46 7.48 4.41
N ILE E 94 -20.59 6.46 4.24
CA ILE E 94 -21.00 5.08 4.11
C ILE E 94 -21.69 4.57 5.38
N ALA E 95 -21.03 4.74 6.52
CA ALA E 95 -21.52 4.20 7.78
C ALA E 95 -22.87 4.81 8.11
N GLU E 96 -22.96 6.14 7.94
CA GLU E 96 -24.16 6.85 8.34
C GLU E 96 -25.33 6.45 7.45
N ARG E 97 -25.11 6.39 6.13
CA ARG E 97 -26.10 5.84 5.23
C ARG E 97 -26.54 4.43 5.65
N THR E 98 -25.57 3.53 5.94
CA THR E 98 -25.95 2.14 6.19
C THR E 98 -26.69 1.98 7.52
N LEU E 99 -26.29 2.75 8.53
CA LEU E 99 -26.97 2.79 9.80
C LEU E 99 -28.44 3.17 9.59
N VAL E 100 -28.68 4.28 8.90
CA VAL E 100 -30.05 4.75 8.73
C VAL E 100 -30.85 3.75 7.90
N ARG E 101 -30.22 3.15 6.88
CA ARG E 101 -30.87 2.09 6.13
C ARG E 101 -31.31 0.96 7.05
N GLN E 102 -30.41 0.54 7.96
CA GLN E 102 -30.67 -0.55 8.86
C GLN E 102 -31.86 -0.20 9.76
N LEU E 103 -31.82 0.99 10.37
CA LEU E 103 -32.93 1.52 11.14
C LEU E 103 -34.26 1.43 10.38
N ARG E 104 -34.27 1.84 9.11
CA ARG E 104 -35.50 1.72 8.35
C ARG E 104 -35.88 0.26 8.09
N ASN E 105 -34.92 -0.56 7.64
CA ASN E 105 -35.28 -1.92 7.25
C ASN E 105 -35.70 -2.75 8.46
N ILE E 106 -35.11 -2.51 9.64
CA ILE E 106 -35.33 -3.35 10.80
C ILE E 106 -36.46 -2.80 11.66
N LEU E 107 -36.55 -1.46 11.82
CA LEU E 107 -37.60 -0.85 12.62
C LEU E 107 -38.35 0.17 11.76
N PRO E 108 -39.12 -0.26 10.74
CA PRO E 108 -39.75 0.67 9.81
C PRO E 108 -40.64 1.72 10.47
N ALA E 109 -41.28 1.33 11.58
CA ALA E 109 -42.31 2.13 12.22
C ALA E 109 -41.72 3.20 13.17
N GLU E 110 -40.46 3.09 13.58
CA GLU E 110 -39.98 3.87 14.73
C GLU E 110 -39.42 5.22 14.31
N HIS E 111 -40.26 6.07 13.70
CA HIS E 111 -39.81 7.32 13.09
C HIS E 111 -39.20 8.26 14.13
N ASP E 112 -39.68 8.27 15.36
CA ASP E 112 -39.12 9.18 16.35
C ASP E 112 -37.65 8.88 16.54
N ALA E 113 -37.34 7.58 16.69
CA ALA E 113 -35.98 7.08 16.84
C ALA E 113 -35.17 7.41 15.59
N HIS E 114 -35.75 7.19 14.40
CA HIS E 114 -35.09 7.55 13.15
C HIS E 114 -34.64 9.02 13.20
N ARG E 115 -35.52 9.90 13.71
CA ARG E 115 -35.23 11.32 13.65
C ARG E 115 -34.16 11.67 14.67
N ARG E 116 -34.25 11.09 15.88
CA ARG E 116 -33.23 11.33 16.89
C ARG E 116 -31.86 10.88 16.37
N ILE E 117 -31.79 9.64 15.86
CA ILE E 117 -30.52 9.05 15.47
C ILE E 117 -29.91 9.83 14.32
N VAL E 118 -30.70 10.12 13.28
CA VAL E 118 -30.26 11.01 12.20
C VAL E 118 -29.69 12.33 12.76
N SER E 119 -30.31 12.90 13.80
CA SER E 119 -29.79 14.14 14.40
C SER E 119 -28.35 13.97 14.83
N TYR E 120 -28.10 12.91 15.64
CA TYR E 120 -26.77 12.65 16.18
C TYR E 120 -25.76 12.38 15.07
N LEU E 121 -26.11 11.51 14.10
CA LEU E 121 -25.29 11.23 12.92
C LEU E 121 -24.90 12.53 12.21
N VAL E 122 -25.84 13.47 12.02
CA VAL E 122 -25.50 14.68 11.31
C VAL E 122 -24.69 15.57 12.25
N ALA E 123 -25.09 15.63 13.53
CA ALA E 123 -24.30 16.32 14.54
C ALA E 123 -22.86 15.81 14.51
N PHE E 124 -22.67 14.47 14.40
CA PHE E 124 -21.36 13.85 14.41
C PHE E 124 -20.48 14.41 13.29
N SER E 125 -21.00 14.45 12.06
CA SER E 125 -20.24 14.94 10.91
C SER E 125 -19.77 16.37 11.15
N TRP E 126 -20.71 17.24 11.47
CA TRP E 126 -20.42 18.67 11.53
C TRP E 126 -19.41 18.90 12.65
N SER E 127 -19.68 18.21 13.76
CA SER E 127 -18.85 18.28 14.94
C SER E 127 -17.42 17.81 14.62
N LEU E 128 -17.28 16.73 13.84
CA LEU E 128 -15.96 16.28 13.42
C LEU E 128 -15.28 17.35 12.57
N LYS E 129 -16.04 17.92 11.62
CA LYS E 129 -15.50 18.94 10.75
C LYS E 129 -15.01 20.13 11.58
N HIS E 130 -15.85 20.60 12.50
CA HIS E 130 -15.49 21.71 13.35
C HIS E 130 -14.25 21.38 14.15
N GLN E 131 -14.18 20.15 14.66
CA GLN E 131 -13.08 19.73 15.52
C GLN E 131 -11.76 19.75 14.76
N LEU E 132 -11.76 19.23 13.54
CA LEU E 132 -10.58 19.23 12.69
C LEU E 132 -10.17 20.64 12.25
N ARG E 133 -11.13 21.51 11.90
CA ARG E 133 -10.82 22.82 11.35
C ARG E 133 -10.65 23.86 12.47
N LYS E 134 -10.62 23.41 13.72
CA LYS E 134 -10.59 24.25 14.91
C LYS E 134 -11.58 25.42 14.81
N THR E 135 -12.83 25.15 14.45
CA THR E 135 -13.86 26.19 14.39
C THR E 135 -14.99 25.80 15.32
N ASP E 136 -15.96 26.71 15.47
CA ASP E 136 -16.93 26.60 16.55
C ASP E 136 -18.12 25.73 16.10
N PRO E 137 -18.35 24.59 16.78
CA PRO E 137 -19.48 23.72 16.41
C PRO E 137 -20.86 24.19 16.86
N THR E 138 -20.92 25.32 17.60
CA THR E 138 -22.08 25.60 18.43
C THR E 138 -23.36 25.70 17.59
N ALA E 139 -23.27 26.46 16.50
CA ALA E 139 -24.44 26.75 15.68
C ALA E 139 -24.98 25.46 15.08
N ASP E 140 -24.08 24.61 14.57
CA ASP E 140 -24.53 23.34 14.03
C ASP E 140 -25.22 22.48 15.08
N LEU E 141 -24.68 22.46 16.30
CA LEU E 141 -25.27 21.61 17.34
C LEU E 141 -26.63 22.15 17.75
N ARG E 142 -26.73 23.48 17.88
CA ARG E 142 -27.93 24.13 18.40
C ARG E 142 -29.11 23.93 17.43
N ARG E 143 -28.79 23.86 16.14
CA ARG E 143 -29.76 23.66 15.07
C ARG E 143 -30.23 22.20 15.04
N LEU E 144 -29.35 21.28 15.44
CA LEU E 144 -29.63 19.86 15.23
C LEU E 144 -30.20 19.20 16.49
N LEU E 145 -29.79 19.68 17.67
CA LEU E 145 -30.07 18.93 18.88
C LEU E 145 -30.77 19.78 19.94
N PRO E 146 -31.50 19.12 20.88
CA PRO E 146 -32.04 19.77 22.07
C PRO E 146 -30.94 20.42 22.90
N GLU E 147 -31.23 21.56 23.56
CA GLU E 147 -30.21 22.34 24.26
C GLU E 147 -29.58 21.55 25.41
N GLU E 148 -30.34 20.66 26.06
CA GLU E 148 -29.75 19.77 27.06
C GLU E 148 -28.54 19.08 26.45
N ARG E 149 -28.77 18.38 25.33
CA ARG E 149 -27.75 17.60 24.65
C ARG E 149 -26.57 18.48 24.26
N VAL E 150 -26.86 19.68 23.78
CA VAL E 150 -25.79 20.56 23.32
C VAL E 150 -24.88 20.93 24.49
N THR E 151 -25.46 21.13 25.67
CA THR E 151 -24.69 21.55 26.84
C THR E 151 -23.75 20.42 27.23
N GLU E 152 -24.34 19.21 27.34
CA GLU E 152 -23.63 17.98 27.64
C GLU E 152 -22.47 17.83 26.64
N ILE E 153 -22.78 17.79 25.33
CA ILE E 153 -21.76 17.72 24.29
C ILE E 153 -20.72 18.85 24.45
N LEU E 154 -21.14 20.05 24.87
CA LEU E 154 -20.19 21.15 24.85
C LEU E 154 -19.30 21.16 26.09
N ALA E 155 -19.78 20.53 27.17
CA ALA E 155 -19.04 20.37 28.41
C ALA E 155 -17.80 19.51 28.16
N SER E 156 -17.99 18.39 27.45
CA SER E 156 -16.97 17.38 27.20
C SER E 156 -15.76 17.95 26.48
N SER E 157 -14.59 17.37 26.78
CA SER E 157 -13.35 17.73 26.09
C SER E 157 -13.25 16.93 24.80
N MET E 158 -14.22 16.02 24.60
CA MET E 158 -14.24 15.17 23.43
C MET E 158 -15.69 15.16 22.89
N PRO E 159 -16.19 16.30 22.39
CA PRO E 159 -17.58 16.41 21.95
C PRO E 159 -17.99 15.39 20.88
N THR E 160 -17.14 15.18 19.88
CA THR E 160 -17.43 14.22 18.82
C THR E 160 -17.67 12.83 19.40
N ASN E 161 -16.80 12.40 20.33
CA ASN E 161 -16.90 11.11 20.96
C ASN E 161 -18.23 11.04 21.73
N ARG E 162 -18.60 12.17 22.34
CA ARG E 162 -19.81 12.23 23.15
C ARG E 162 -21.04 12.04 22.26
N ILE E 163 -21.02 12.60 21.05
CA ILE E 163 -22.11 12.45 20.09
C ILE E 163 -22.28 10.97 19.75
N LEU E 164 -21.18 10.26 19.52
CA LEU E 164 -21.24 8.82 19.25
C LEU E 164 -21.87 8.09 20.43
N LEU E 165 -21.47 8.52 21.63
CA LEU E 165 -22.01 7.92 22.84
C LEU E 165 -23.52 8.12 22.91
N LEU E 166 -23.99 9.34 22.58
CA LEU E 166 -25.42 9.63 22.53
C LEU E 166 -26.13 8.82 21.46
N ALA E 167 -25.55 8.74 20.25
CA ALA E 167 -26.10 7.86 19.23
C ALA E 167 -26.27 6.44 19.78
N GLY E 168 -25.24 5.97 20.50
CA GLY E 168 -25.24 4.69 21.17
C GLY E 168 -26.44 4.45 22.09
N ASN E 169 -26.76 5.45 22.96
CA ASN E 169 -27.90 5.31 23.87
C ASN E 169 -29.19 5.11 23.10
N GLU E 170 -29.34 5.78 21.96
CA GLU E 170 -30.55 5.66 21.17
C GLU E 170 -30.74 4.20 20.78
N ILE E 171 -29.68 3.61 20.21
CA ILE E 171 -29.66 2.23 19.77
C ILE E 171 -29.83 1.32 20.99
N GLY E 172 -29.18 1.69 22.10
CA GLY E 172 -29.21 0.92 23.33
C GLY E 172 -30.61 0.84 23.95
N GLN E 173 -31.34 1.96 23.92
CA GLN E 173 -32.70 2.02 24.40
C GLN E 173 -33.62 1.15 23.55
N LEU E 174 -33.45 1.18 22.22
CA LEU E 174 -34.32 0.38 21.37
C LEU E 174 -34.11 -1.10 21.70
N ARG E 175 -32.91 -1.43 22.16
CA ARG E 175 -32.57 -2.81 22.52
C ARG E 175 -33.20 -3.15 23.88
N GLU E 176 -33.05 -2.25 24.83
CA GLU E 176 -33.61 -2.43 26.16
C GLU E 176 -35.13 -2.58 26.06
N ALA E 177 -35.77 -1.80 25.18
CA ALA E 177 -37.22 -1.83 25.00
C ALA E 177 -37.63 -3.07 24.19
N GLY E 178 -36.66 -3.88 23.79
CA GLY E 178 -36.93 -5.15 23.12
C GLY E 178 -37.29 -4.96 21.64
N LYS E 179 -37.13 -3.74 21.11
CA LYS E 179 -37.45 -3.48 19.72
C LYS E 179 -36.30 -3.94 18.81
N LEU E 180 -35.09 -4.01 19.37
CA LEU E 180 -33.93 -4.64 18.75
C LEU E 180 -33.57 -5.87 19.58
N SER E 181 -33.26 -6.97 18.89
CA SER E 181 -32.58 -8.09 19.51
C SER E 181 -31.10 -7.77 19.63
N ASP E 182 -30.39 -8.58 20.42
CA ASP E 182 -28.94 -8.52 20.51
C ASP E 182 -28.30 -8.60 19.11
N ILE E 183 -28.77 -9.52 18.24
CA ILE E 183 -28.23 -9.59 16.88
C ILE E 183 -28.35 -8.25 16.15
N THR E 184 -29.58 -7.72 16.04
CA THR E 184 -29.84 -6.54 15.22
C THR E 184 -29.25 -5.30 15.89
N TYR E 185 -29.18 -5.30 17.22
CA TYR E 185 -28.43 -4.29 17.93
C TYR E 185 -27.00 -4.33 17.42
N GLY E 186 -26.47 -5.55 17.27
CA GLY E 186 -25.08 -5.73 16.92
C GLY E 186 -24.78 -5.18 15.53
N LEU E 187 -25.73 -5.36 14.60
CA LEU E 187 -25.53 -4.94 13.22
C LEU E 187 -25.33 -3.42 13.18
N MET E 188 -26.00 -2.73 14.11
CA MET E 188 -25.93 -1.29 14.12
C MET E 188 -24.71 -0.82 14.89
N ASP E 189 -24.36 -1.56 15.96
CA ASP E 189 -23.16 -1.33 16.75
C ASP E 189 -21.94 -1.30 15.85
N ASN E 190 -21.84 -2.24 14.88
CA ASN E 190 -20.74 -2.23 13.93
C ASN E 190 -20.58 -0.82 13.36
N LYS E 191 -21.70 -0.18 12.97
CA LYS E 191 -21.64 1.06 12.23
C LYS E 191 -21.03 2.15 13.12
N LEU E 192 -21.38 2.10 14.41
CA LEU E 192 -20.87 3.06 15.38
C LEU E 192 -19.35 2.90 15.52
N ASP E 193 -18.86 1.64 15.53
CA ASP E 193 -17.43 1.34 15.60
C ASP E 193 -16.71 1.95 14.41
N GLU E 194 -17.31 1.81 13.21
CA GLU E 194 -16.76 2.40 12.01
C GLU E 194 -16.58 3.89 12.24
N LEU E 195 -17.54 4.54 12.93
CA LEU E 195 -17.42 5.98 13.13
C LEU E 195 -16.33 6.30 14.14
N ALA E 196 -16.13 5.40 15.12
CA ALA E 196 -15.03 5.46 16.07
C ALA E 196 -13.67 5.41 15.37
N HIS E 197 -13.54 4.50 14.41
CA HIS E 197 -12.30 4.39 13.65
C HIS E 197 -12.02 5.69 12.90
N VAL E 198 -13.07 6.29 12.33
CA VAL E 198 -12.94 7.56 11.61
C VAL E 198 -12.53 8.67 12.57
N LEU E 199 -13.26 8.80 13.69
CA LEU E 199 -12.91 9.86 14.63
C LEU E 199 -11.42 9.81 15.00
N GLY E 200 -10.89 8.62 15.30
CA GLY E 200 -9.52 8.50 15.77
C GLY E 200 -8.52 8.72 14.63
N GLY E 201 -8.74 8.03 13.51
CA GLY E 201 -7.89 8.27 12.37
C GLY E 201 -7.75 9.76 12.07
N CYS E 202 -8.86 10.51 12.17
CA CYS E 202 -8.83 11.91 11.78
C CYS E 202 -8.04 12.70 12.81
N GLU E 203 -8.34 12.44 14.08
CA GLU E 203 -7.57 13.03 15.17
C GLU E 203 -6.08 12.80 14.95
N ARG E 204 -5.72 11.58 14.54
CA ARG E 204 -4.32 11.27 14.34
C ARG E 204 -3.75 12.06 13.15
N LEU E 205 -4.56 12.24 12.08
CA LEU E 205 -4.15 13.02 10.91
C LEU E 205 -4.09 14.51 11.21
N ALA E 206 -4.70 14.99 12.31
CA ALA E 206 -4.72 16.42 12.61
C ALA E 206 -3.57 16.80 13.52
N THR E 207 -3.54 16.19 14.71
CA THR E 207 -2.48 16.43 15.69
C THR E 207 -1.22 15.73 15.18
N THR E 208 -0.91 16.02 13.93
CA THR E 208 0.23 15.50 13.20
C THR E 208 1.23 16.65 13.17
N PRO E 209 2.20 16.66 12.24
CA PRO E 209 2.47 15.57 11.32
C PRO E 209 3.32 14.47 11.95
N VAL E 210 3.88 13.62 11.07
CA VAL E 210 4.80 12.58 11.49
C VAL E 210 6.24 13.06 11.25
N PRO E 211 6.56 13.74 10.12
CA PRO E 211 7.88 14.34 9.93
C PRO E 211 7.97 15.62 10.75
N PHE E 212 8.66 15.52 11.88
CA PHE E 212 8.50 16.46 12.98
C PHE E 212 9.14 17.82 12.62
N ALA E 213 8.57 18.48 11.59
CA ALA E 213 8.98 19.79 11.11
C ALA E 213 10.35 19.78 10.41
N TYR E 214 10.78 18.62 9.92
CA TYR E 214 11.83 18.56 8.91
C TYR E 214 11.30 19.23 7.65
N THR E 215 9.98 19.30 7.55
CA THR E 215 9.23 19.80 6.41
C THR E 215 9.64 21.26 6.14
N LEU E 216 10.15 21.94 7.18
CA LEU E 216 10.61 23.31 7.04
C LEU E 216 12.04 23.32 6.52
N ILE E 217 12.82 22.29 6.88
CA ILE E 217 14.18 22.15 6.38
C ILE E 217 14.16 21.94 4.87
N LEU E 218 13.37 20.95 4.39
CA LEU E 218 13.38 20.67 2.96
C LEU E 218 12.89 21.90 2.21
N GLN E 219 11.96 22.64 2.82
CA GLN E 219 11.41 23.79 2.13
C GLN E 219 12.49 24.85 1.93
N ARG E 220 13.33 25.04 2.95
CA ARG E 220 14.42 26.00 2.90
C ARG E 220 15.51 25.49 1.97
N THR E 221 15.81 24.18 2.04
CA THR E 221 16.72 23.56 1.10
C THR E 221 16.33 23.89 -0.35
N VAL E 222 15.05 23.78 -0.67
CA VAL E 222 14.57 24.06 -2.00
C VAL E 222 14.70 25.55 -2.24
N TYR E 223 14.37 26.34 -1.22
CA TYR E 223 14.37 27.80 -1.28
C TYR E 223 15.79 28.29 -1.61
N LEU E 224 16.79 27.71 -0.92
CA LEU E 224 18.18 28.10 -1.06
C LEU E 224 18.69 27.64 -2.43
N PHE E 225 18.36 26.39 -2.79
CA PHE E 225 18.83 25.79 -4.03
C PHE E 225 18.37 26.63 -5.22
N CYS E 226 17.17 27.18 -5.13
CA CYS E 226 16.58 27.98 -6.20
C CYS E 226 17.20 29.38 -6.27
N THR E 227 17.81 29.83 -5.17
CA THR E 227 18.34 31.18 -5.12
C THR E 227 19.80 31.21 -5.59
N LEU E 228 20.57 30.17 -5.22
CA LEU E 228 21.92 29.96 -5.70
C LEU E 228 21.92 29.55 -7.18
N LEU E 229 20.77 29.13 -7.71
CA LEU E 229 20.75 28.42 -8.98
C LEU E 229 21.15 29.34 -10.13
N PRO E 230 20.67 30.59 -10.22
CA PRO E 230 21.03 31.46 -11.34
C PRO E 230 22.53 31.71 -11.42
N PHE E 231 23.20 31.81 -10.25
CA PHE E 231 24.65 31.93 -10.13
C PHE E 231 25.36 30.73 -10.75
N ALA E 232 24.81 29.53 -10.54
CA ALA E 232 25.41 28.33 -11.12
C ALA E 232 25.10 28.25 -12.62
N LEU E 233 24.10 29.01 -13.08
CA LEU E 233 23.61 28.86 -14.44
C LEU E 233 24.19 29.92 -15.37
N VAL E 234 24.44 31.13 -14.83
CA VAL E 234 24.74 32.32 -15.61
C VAL E 234 25.97 32.08 -16.49
N GLY E 235 26.95 31.35 -15.92
CA GLY E 235 28.12 30.91 -16.66
C GLY E 235 27.76 30.38 -18.04
N ASP E 236 26.72 29.54 -18.11
CA ASP E 236 26.36 28.84 -19.33
C ASP E 236 25.28 29.59 -20.10
N LEU E 237 24.45 30.34 -19.38
CA LEU E 237 23.24 30.92 -20.02
C LEU E 237 23.30 32.43 -20.20
N HIS E 238 24.15 33.12 -19.43
CA HIS E 238 24.25 34.58 -19.56
C HIS E 238 22.87 35.21 -19.38
N TYR E 239 22.41 35.97 -20.38
CA TYR E 239 21.12 36.70 -20.35
C TYR E 239 19.92 35.76 -20.32
N MET E 240 20.06 34.50 -20.72
CA MET E 240 18.93 33.58 -20.75
C MET E 240 18.63 33.05 -19.34
N THR E 241 19.53 33.38 -18.41
CA THR E 241 19.53 32.87 -17.05
C THR E 241 18.16 33.03 -16.39
N PRO E 242 17.63 34.26 -16.20
CA PRO E 242 16.39 34.45 -15.43
C PRO E 242 15.23 33.60 -15.94
N PHE E 243 15.19 33.34 -17.26
CA PHE E 243 14.11 32.59 -17.85
C PHE E 243 14.23 31.12 -17.42
N VAL E 244 15.43 30.56 -17.56
CA VAL E 244 15.65 29.15 -17.28
C VAL E 244 15.73 28.90 -15.78
N SER E 245 16.14 29.92 -15.03
CA SER E 245 16.21 29.80 -13.58
C SER E 245 14.80 29.82 -12.96
N VAL E 246 13.88 30.61 -13.53
CA VAL E 246 12.57 30.81 -12.96
C VAL E 246 11.71 29.59 -13.27
N PHE E 247 11.93 29.01 -14.45
CA PHE E 247 11.20 27.84 -14.88
C PHE E 247 11.51 26.70 -13.91
N ILE E 248 12.81 26.51 -13.62
CA ILE E 248 13.26 25.43 -12.76
C ILE E 248 12.71 25.66 -11.35
N SER E 249 12.82 26.90 -10.88
CA SER E 249 12.38 27.26 -9.54
C SER E 249 10.90 26.93 -9.38
N TYR E 250 10.13 27.30 -10.41
CA TYR E 250 8.70 27.09 -10.44
C TYR E 250 8.39 25.61 -10.26
N THR E 251 9.15 24.76 -10.98
CA THR E 251 8.96 23.33 -10.89
C THR E 251 9.19 22.86 -9.46
N PHE E 252 10.32 23.24 -8.89
CA PHE E 252 10.66 22.77 -7.56
C PHE E 252 9.68 23.34 -6.52
N LEU E 253 9.39 24.63 -6.60
CA LEU E 253 8.59 25.30 -5.58
C LEU E 253 7.15 24.79 -5.62
N SER E 254 6.65 24.49 -6.82
CA SER E 254 5.33 23.95 -7.01
C SER E 254 5.22 22.58 -6.34
N TRP E 255 6.15 21.69 -6.66
CA TRP E 255 6.16 20.35 -6.12
C TRP E 255 6.19 20.41 -4.60
N ASP E 256 7.00 21.32 -4.06
CA ASP E 256 7.12 21.48 -2.62
C ASP E 256 5.79 22.00 -2.07
N SER E 257 5.16 22.93 -2.80
CA SER E 257 3.94 23.53 -2.31
C SER E 257 2.81 22.49 -2.30
N LEU E 258 2.70 21.73 -3.39
CA LEU E 258 1.77 20.62 -3.49
C LEU E 258 1.88 19.70 -2.27
N ALA E 259 3.12 19.33 -1.89
CA ALA E 259 3.32 18.40 -0.77
C ALA E 259 2.76 19.01 0.51
N GLU E 260 3.01 20.30 0.72
CA GLU E 260 2.64 20.99 1.94
C GLU E 260 1.13 21.00 2.09
N GLU E 261 0.43 21.28 0.97
CA GLU E 261 -1.02 21.26 0.90
C GLU E 261 -1.53 19.87 1.27
N LEU E 262 -0.98 18.83 0.63
CA LEU E 262 -1.44 17.46 0.76
C LEU E 262 -1.17 16.94 2.18
N GLU E 263 -0.03 17.30 2.79
CA GLU E 263 0.43 16.78 4.08
C GLU E 263 -0.56 17.10 5.21
N ASP E 264 -1.34 18.16 5.00
CA ASP E 264 -2.05 18.80 6.10
C ASP E 264 -3.52 18.94 5.70
N PRO E 265 -4.26 17.83 5.51
CA PRO E 265 -5.65 17.90 5.06
C PRO E 265 -6.58 18.69 5.98
N PHE E 266 -6.25 18.83 7.27
CA PHE E 266 -7.13 19.51 8.21
C PHE E 266 -6.55 20.84 8.73
N GLY E 267 -5.37 21.23 8.23
CA GLY E 267 -4.61 22.40 8.66
C GLY E 267 -5.28 23.74 8.33
N THR E 268 -4.78 24.84 8.92
CA THR E 268 -5.54 26.08 8.98
C THR E 268 -5.77 26.73 7.61
N ALA E 269 -4.95 26.38 6.61
CA ALA E 269 -5.06 26.98 5.29
C ALA E 269 -5.66 26.00 4.29
N ALA E 270 -6.24 24.90 4.78
CA ALA E 270 -6.72 23.83 3.91
C ALA E 270 -7.94 24.31 3.14
N ASN E 271 -8.17 23.76 1.95
CA ASN E 271 -9.38 23.96 1.18
C ASN E 271 -10.55 23.27 1.90
N ASP E 272 -11.53 24.07 2.35
CA ASP E 272 -12.65 23.57 3.13
C ASP E 272 -13.85 23.15 2.27
N LEU E 273 -13.76 23.34 0.95
CA LEU E 273 -14.85 23.02 0.04
C LEU E 273 -15.26 21.56 0.22
N PRO E 274 -14.37 20.56 0.02
CA PRO E 274 -14.78 19.16 0.08
C PRO E 274 -15.30 18.66 1.42
N LEU E 275 -14.72 19.14 2.52
CA LEU E 275 -15.24 18.76 3.83
C LEU E 275 -16.67 19.26 4.01
N ASN E 276 -16.93 20.51 3.59
CA ASN E 276 -18.24 21.13 3.67
C ASN E 276 -19.21 20.42 2.72
N ALA E 277 -18.76 20.15 1.50
CA ALA E 277 -19.53 19.32 0.59
C ALA E 277 -19.92 17.98 1.22
N MET E 278 -18.99 17.35 1.96
CA MET E 278 -19.29 16.02 2.48
C MET E 278 -20.34 16.11 3.59
N CYS E 279 -20.21 17.10 4.49
CA CYS E 279 -21.16 17.20 5.58
C CYS E 279 -22.54 17.59 5.04
N ASN E 280 -22.57 18.45 4.01
CA ASN E 280 -23.82 18.73 3.30
C ASN E 280 -24.42 17.48 2.63
N THR E 281 -23.60 16.71 1.92
CA THR E 281 -24.12 15.50 1.28
C THR E 281 -24.77 14.57 2.31
N ILE E 282 -24.08 14.34 3.43
CA ILE E 282 -24.61 13.32 4.32
C ILE E 282 -25.93 13.83 4.90
N GLU E 283 -25.98 15.11 5.30
CA GLU E 283 -27.23 15.67 5.80
C GLU E 283 -28.35 15.44 4.78
N ARG E 284 -28.15 15.95 3.55
CA ARG E 284 -29.10 15.76 2.46
C ARG E 284 -29.52 14.28 2.32
N ASN E 285 -28.56 13.35 2.24
CA ASN E 285 -28.86 11.94 2.05
C ASN E 285 -29.76 11.44 3.17
N LEU E 286 -29.45 11.78 4.42
CA LEU E 286 -30.17 11.22 5.54
C LEU E 286 -31.58 11.82 5.65
N LEU E 287 -31.73 13.13 5.43
CA LEU E 287 -33.06 13.73 5.33
C LEU E 287 -33.86 13.04 4.23
N ASP E 288 -33.19 12.74 3.11
CA ASP E 288 -33.87 12.00 2.06
C ASP E 288 -34.33 10.64 2.56
N MET E 289 -33.41 9.85 3.12
CA MET E 289 -33.70 8.51 3.61
C MET E 289 -34.84 8.49 4.65
N THR E 290 -35.04 9.58 5.39
CA THR E 290 -36.12 9.52 6.38
C THR E 290 -37.37 10.29 5.91
N GLY E 291 -37.55 10.38 4.59
CA GLY E 291 -38.64 11.13 3.99
C GLY E 291 -38.86 12.53 4.58
N GLN E 292 -37.83 13.19 5.11
CA GLN E 292 -38.00 14.59 5.45
C GLN E 292 -37.89 15.48 4.21
N HIS E 293 -37.60 14.85 3.06
CA HIS E 293 -37.52 15.46 1.75
C HIS E 293 -38.24 14.48 0.82
N PRO E 294 -38.89 14.98 -0.25
CA PRO E 294 -39.02 16.40 -0.53
C PRO E 294 -40.06 16.99 0.40
N LEU E 295 -40.33 18.30 0.22
CA LEU E 295 -41.46 18.99 0.82
C LEU E 295 -42.70 18.13 0.62
N PRO E 296 -43.56 17.93 1.64
CA PRO E 296 -44.82 17.22 1.44
C PRO E 296 -45.54 17.86 0.24
N GLU E 297 -46.81 17.90 -0.60
CA GLU E 297 -47.67 18.39 -1.67
C GLU E 297 -48.31 19.72 -1.20
ZN ZN F . -12.50 -1.22 16.17
ZN ZN G . -7.26 -11.23 15.42
ZN ZN H . -21.21 3.76 34.60
ZN ZN I . 14.39 7.92 20.78
CL CL J . -13.92 -0.32 17.60
CL CL K . -19.43 4.48 35.83
CL CL L . -21.45 5.33 33.23
C1 EDO M . 9.75 10.39 3.76
O1 EDO M . 9.23 9.32 2.95
C2 EDO M . 8.59 11.00 4.54
O2 EDO M . 8.74 12.42 4.76
ZN ZN N . 46.31 9.03 -15.64
ZN ZN O . -6.68 -23.24 32.48
CL CL P . -7.29 -11.86 17.23
C ACY Q . -3.96 -23.72 31.26
O ACY Q . -4.65 -24.22 32.20
OXT ACY Q . -4.44 -22.65 30.77
CH3 ACY Q . -2.63 -24.38 30.77
ZN ZN R . -17.90 -9.78 -0.05
ZN ZN S . -19.26 -0.76 6.72
ZN ZN T . -35.78 -18.20 -7.13
CL CL U . -19.33 -11.22 -0.61
CL CL V . -33.90 -17.99 -8.25
CL CL W . -20.96 0.43 6.85
ZN ZN X . 28.38 33.95 -26.90
ZN ZN Y . -10.50 -16.61 5.80
ZN ZN Z . -15.83 -36.96 6.69
ZN ZN AA . -14.98 -29.69 -24.36
ZN ZN BA . -25.13 -42.30 2.32
CL CL CA . -14.04 -36.86 7.47
CL CL DA . -15.38 -37.90 4.58
CL CL EA . -10.55 -18.64 6.14
NA NA FA . -21.71 -14.72 4.64
ZN ZN GA . -38.65 7.09 9.76
ZN ZN HA . -33.10 16.19 -0.32
CL CL IA . -38.32 9.15 10.18
CL CL JA . -38.52 6.45 7.64
ZN ZN KA . 28.48 31.78 -22.38
O1 PG4 LA . -1.11 2.29 -2.84
C1 PG4 LA . -0.24 3.33 -3.30
C2 PG4 LA . -1.07 4.59 -3.57
O2 PG4 LA . -0.21 5.75 -3.66
C3 PG4 LA . 0.98 5.58 -4.44
C4 PG4 LA . 1.31 6.89 -5.17
O3 PG4 LA . 2.21 7.76 -4.47
C5 PG4 LA . 2.77 8.83 -5.29
C6 PG4 LA . 2.26 10.25 -4.93
O4 PG4 LA . 2.58 11.28 -5.89
C7 PG4 LA . 1.80 12.48 -5.73
C8 PG4 LA . 1.03 12.83 -7.00
O5 PG4 LA . 0.35 14.09 -6.89
C ACY MA . -30.93 17.80 -1.46
O ACY MA . -31.18 16.57 -1.35
OXT ACY MA . -31.75 18.47 -0.80
CH3 ACY MA . -29.72 18.37 -2.28
#